data_3R4F
# 
_entry.id   3R4F 
# 
_audit_conform.dict_name       mmcif_pdbx.dic 
_audit_conform.dict_version    5.387 
_audit_conform.dict_location   http://mmcif.pdb.org/dictionaries/ascii/mmcif_pdbx.dic 
# 
loop_
_database_2.database_id 
_database_2.database_code 
_database_2.pdbx_database_accession 
_database_2.pdbx_DOI 
PDB   3R4F         pdb_00003r4f 10.2210/pdb3r4f/pdb 
NDB   NA1024       ?            ?                   
RCSB  RCSB064475   ?            ?                   
WWPDB D_1000064475 ?            ?                   
# 
loop_
_pdbx_audit_revision_history.ordinal 
_pdbx_audit_revision_history.data_content_type 
_pdbx_audit_revision_history.major_revision 
_pdbx_audit_revision_history.minor_revision 
_pdbx_audit_revision_history.revision_date 
1 'Structure model' 1 0 2011-04-20 
2 'Structure model' 1 1 2011-07-13 
3 'Structure model' 1 2 2024-02-21 
# 
_pdbx_audit_revision_details.ordinal             1 
_pdbx_audit_revision_details.revision_ordinal    1 
_pdbx_audit_revision_details.data_content_type   'Structure model' 
_pdbx_audit_revision_details.provider            repository 
_pdbx_audit_revision_details.type                'Initial release' 
_pdbx_audit_revision_details.description         ? 
_pdbx_audit_revision_details.details             ? 
# 
loop_
_pdbx_audit_revision_group.ordinal 
_pdbx_audit_revision_group.revision_ordinal 
_pdbx_audit_revision_group.data_content_type 
_pdbx_audit_revision_group.group 
1 2 'Structure model' 'Version format compliance' 
2 3 'Structure model' 'Data collection'           
3 3 'Structure model' 'Database references'       
4 3 'Structure model' 'Derived calculations'      
# 
loop_
_pdbx_audit_revision_category.ordinal 
_pdbx_audit_revision_category.revision_ordinal 
_pdbx_audit_revision_category.data_content_type 
_pdbx_audit_revision_category.category 
1 3 'Structure model' chem_comp_atom         
2 3 'Structure model' chem_comp_bond         
3 3 'Structure model' database_2             
4 3 'Structure model' pdbx_struct_conn_angle 
5 3 'Structure model' struct_conn            
6 3 'Structure model' struct_site            
# 
loop_
_pdbx_audit_revision_item.ordinal 
_pdbx_audit_revision_item.revision_ordinal 
_pdbx_audit_revision_item.data_content_type 
_pdbx_audit_revision_item.item 
1  3 'Structure model' '_database_2.pdbx_DOI'                        
2  3 'Structure model' '_database_2.pdbx_database_accession'         
3  3 'Structure model' '_pdbx_struct_conn_angle.ptnr1_auth_comp_id'  
4  3 'Structure model' '_pdbx_struct_conn_angle.ptnr1_auth_seq_id'   
5  3 'Structure model' '_pdbx_struct_conn_angle.ptnr1_label_atom_id' 
6  3 'Structure model' '_pdbx_struct_conn_angle.ptnr1_label_comp_id' 
7  3 'Structure model' '_pdbx_struct_conn_angle.ptnr1_label_seq_id'  
8  3 'Structure model' '_pdbx_struct_conn_angle.ptnr2_auth_seq_id'   
9  3 'Structure model' '_pdbx_struct_conn_angle.ptnr2_label_asym_id' 
10 3 'Structure model' '_pdbx_struct_conn_angle.ptnr3_auth_comp_id'  
11 3 'Structure model' '_pdbx_struct_conn_angle.ptnr3_auth_seq_id'   
12 3 'Structure model' '_pdbx_struct_conn_angle.ptnr3_label_atom_id' 
13 3 'Structure model' '_pdbx_struct_conn_angle.ptnr3_label_comp_id' 
14 3 'Structure model' '_pdbx_struct_conn_angle.ptnr3_label_seq_id'  
15 3 'Structure model' '_pdbx_struct_conn_angle.value'               
16 3 'Structure model' '_struct_conn.pdbx_dist_value'                
17 3 'Structure model' '_struct_conn.ptnr1_auth_comp_id'             
18 3 'Structure model' '_struct_conn.ptnr1_auth_seq_id'              
19 3 'Structure model' '_struct_conn.ptnr1_label_atom_id'            
20 3 'Structure model' '_struct_conn.ptnr1_label_comp_id'            
21 3 'Structure model' '_struct_conn.ptnr1_label_seq_id'             
22 3 'Structure model' '_struct_conn.ptnr2_auth_seq_id'              
23 3 'Structure model' '_struct_conn.ptnr2_label_asym_id'            
24 3 'Structure model' '_struct_site.pdbx_auth_asym_id'              
25 3 'Structure model' '_struct_site.pdbx_auth_comp_id'              
26 3 'Structure model' '_struct_site.pdbx_auth_seq_id'               
# 
_pdbx_database_status.status_code                     REL 
_pdbx_database_status.entry_id                        3R4F 
_pdbx_database_status.recvd_initial_deposition_date   2011-03-17 
_pdbx_database_status.deposit_site                    RCSB 
_pdbx_database_status.process_site                    RCSB 
_pdbx_database_status.status_code_sf                  REL 
_pdbx_database_status.status_code_mr                  ? 
_pdbx_database_status.SG_entry                        ? 
_pdbx_database_status.status_code_cs                  ? 
_pdbx_database_status.pdb_format_compatible           Y 
_pdbx_database_status.status_code_nmr_data            ? 
_pdbx_database_status.methods_development_category    ? 
# 
loop_
_audit_author.name 
_audit_author.pdbx_ordinal 
'Ding, F.'          1 
'Lu, C.'            2 
'Zhano, W.'         3 
'Rajashankar, K.R.' 4 
'Anderson, D.L.'    5 
'Jardine, P.J.'     6 
'Grimes, S.'        7 
'Ke, A.'            8 
# 
_citation.id                        primary 
_citation.title                     'Structure and assembly of the essential RNA ring component of a viral DNA packaging motor.' 
_citation.journal_abbrev            Proc.Natl.Acad.Sci.USA 
_citation.journal_volume            108 
_citation.page_first                7357 
_citation.page_last                 7362 
_citation.year                      2011 
_citation.journal_id_ASTM           PNASA6 
_citation.country                   US 
_citation.journal_id_ISSN           0027-8424 
_citation.journal_id_CSD            0040 
_citation.book_publisher            ? 
_citation.pdbx_database_id_PubMed   21471452 
_citation.pdbx_database_id_DOI      10.1073/pnas.1016690108 
# 
loop_
_citation_author.citation_id 
_citation_author.name 
_citation_author.ordinal 
_citation_author.identifier_ORCID 
primary 'Ding, F.'          1 ? 
primary 'Lu, C.'            2 ? 
primary 'Zhao, W.'          3 ? 
primary 'Rajashankar, K.R.' 4 ? 
primary 'Anderson, D.L.'    5 ? 
primary 'Jardine, P.J.'     6 ? 
primary 'Grimes, S.'        7 ? 
primary 'Ke, A.'            8 ? 
# 
loop_
_entity.id 
_entity.type 
_entity.src_method 
_entity.pdbx_description 
_entity.formula_weight 
_entity.pdbx_number_of_molecules 
_entity.pdbx_ec 
_entity.pdbx_mutation 
_entity.pdbx_fragment 
_entity.details 
1 polymer     syn pRNA            21189.488 1 ? ? ? ? 
2 non-polymer syn 'MAGNESIUM ION' 24.305    9 ? ? ? ? 
3 water       nat water           18.015    3 ? ? ? ? 
# 
_entity_poly.entity_id                      1 
_entity_poly.type                           polyribonucleotide 
_entity_poly.nstd_linkage                   no 
_entity_poly.nstd_monomer                   no 
_entity_poly.pdbx_seq_one_letter_code       GGCGUGUAUGUGGGGAAACCCUGAUUGAGUUCAGCCCACAUACUUUGUUGAUGGUUGUCAAUCGCC 
_entity_poly.pdbx_seq_one_letter_code_can   GGCGUGUAUGUGGGGAAACCCUGAUUGAGUUCAGCCCACAUACUUUGUUGAUGGUUGUCAAUCGCC 
_entity_poly.pdbx_strand_id                 A 
_entity_poly.pdbx_target_identifier         ? 
# 
loop_
_pdbx_entity_nonpoly.entity_id 
_pdbx_entity_nonpoly.name 
_pdbx_entity_nonpoly.comp_id 
2 'MAGNESIUM ION' MG  
3 water           HOH 
# 
loop_
_entity_poly_seq.entity_id 
_entity_poly_seq.num 
_entity_poly_seq.mon_id 
_entity_poly_seq.hetero 
1 1  G n 
1 2  G n 
1 3  C n 
1 4  G n 
1 5  U n 
1 6  G n 
1 7  U n 
1 8  A n 
1 9  U n 
1 10 G n 
1 11 U n 
1 12 G n 
1 13 G n 
1 14 G n 
1 15 G n 
1 16 A n 
1 17 A n 
1 18 A n 
1 19 C n 
1 20 C n 
1 21 C n 
1 22 U n 
1 23 G n 
1 24 A n 
1 25 U n 
1 26 U n 
1 27 G n 
1 28 A n 
1 29 G n 
1 30 U n 
1 31 U n 
1 32 C n 
1 33 A n 
1 34 G n 
1 35 C n 
1 36 C n 
1 37 C n 
1 38 A n 
1 39 C n 
1 40 A n 
1 41 U n 
1 42 A n 
1 43 C n 
1 44 U n 
1 45 U n 
1 46 U n 
1 47 G n 
1 48 U n 
1 49 U n 
1 50 G n 
1 51 A n 
1 52 U n 
1 53 G n 
1 54 G n 
1 55 U n 
1 56 U n 
1 57 G n 
1 58 U n 
1 59 C n 
1 60 A n 
1 61 A n 
1 62 U n 
1 63 C n 
1 64 G n 
1 65 C n 
1 66 C n 
# 
_pdbx_entity_src_syn.entity_id              1 
_pdbx_entity_src_syn.pdbx_src_id            1 
_pdbx_entity_src_syn.pdbx_alt_source_flag   sample 
_pdbx_entity_src_syn.pdbx_beg_seq_num       ? 
_pdbx_entity_src_syn.pdbx_end_seq_num       ? 
_pdbx_entity_src_syn.organism_scientific    ? 
_pdbx_entity_src_syn.organism_common_name   ? 
_pdbx_entity_src_syn.ncbi_taxonomy_id       ? 
_pdbx_entity_src_syn.details                'RNA WAS PREPARED BY IN VITRO TRANSCRIPTION WITH T7 RNA POLYMERASE' 
# 
loop_
_chem_comp.id 
_chem_comp.type 
_chem_comp.mon_nstd_flag 
_chem_comp.name 
_chem_comp.pdbx_synonyms 
_chem_comp.formula 
_chem_comp.formula_weight 
A   'RNA linking' y "ADENOSINE-5'-MONOPHOSPHATE" ? 'C10 H14 N5 O7 P' 347.221 
C   'RNA linking' y "CYTIDINE-5'-MONOPHOSPHATE"  ? 'C9 H14 N3 O8 P'  323.197 
G   'RNA linking' y "GUANOSINE-5'-MONOPHOSPHATE" ? 'C10 H14 N5 O8 P' 363.221 
HOH non-polymer   . WATER                        ? 'H2 O'            18.015  
MG  non-polymer   . 'MAGNESIUM ION'              ? 'Mg 2'            24.305  
U   'RNA linking' y "URIDINE-5'-MONOPHOSPHATE"   ? 'C9 H13 N2 O9 P'  324.181 
# 
loop_
_pdbx_poly_seq_scheme.asym_id 
_pdbx_poly_seq_scheme.entity_id 
_pdbx_poly_seq_scheme.seq_id 
_pdbx_poly_seq_scheme.mon_id 
_pdbx_poly_seq_scheme.ndb_seq_num 
_pdbx_poly_seq_scheme.pdb_seq_num 
_pdbx_poly_seq_scheme.auth_seq_num 
_pdbx_poly_seq_scheme.pdb_mon_id 
_pdbx_poly_seq_scheme.auth_mon_id 
_pdbx_poly_seq_scheme.pdb_strand_id 
_pdbx_poly_seq_scheme.pdb_ins_code 
_pdbx_poly_seq_scheme.hetero 
A 1 1  G 1  1  1  G GUA A . n 
A 1 2  G 2  2  2  G GUA A . n 
A 1 3  C 3  3  3  C CYT A . n 
A 1 4  G 4  4  4  G GUA A . n 
A 1 5  U 5  5  5  U URI A . n 
A 1 6  G 6  6  6  G GUA A . n 
A 1 7  U 7  7  7  U URI A . n 
A 1 8  A 8  8  8  A ADE A . n 
A 1 9  U 9  9  9  U URI A . n 
A 1 10 G 10 10 10 G GUA A . n 
A 1 11 U 11 11 11 U URI A . n 
A 1 12 G 12 12 12 G GUA A . n 
A 1 13 G 13 13 13 G GUA A . n 
A 1 14 G 14 14 14 G GUA A . n 
A 1 15 G 15 15 15 G GUA A . n 
A 1 16 A 16 16 16 A ADE A . n 
A 1 17 A 17 17 17 A ADE A . n 
A 1 18 A 18 18 18 A ADE A . n 
A 1 19 C 19 19 19 C CYT A . n 
A 1 20 C 20 20 20 C CYT A . n 
A 1 21 C 21 21 21 C CYT A . n 
A 1 22 U 22 22 22 U URI A . n 
A 1 23 G 23 23 23 G GUA A . n 
A 1 24 A 24 24 24 A ADE A . n 
A 1 25 U 25 25 25 U URI A . n 
A 1 26 U 26 26 26 U URI A . n 
A 1 27 G 27 27 27 G GUA A . n 
A 1 28 A 28 28 28 A ADE A . n 
A 1 29 G 29 29 29 G GUA A . n 
A 1 30 U 30 30 30 U URI A . n 
A 1 31 U 31 31 31 U URI A . n 
A 1 32 C 32 32 32 C CYT A . n 
A 1 33 A 33 33 33 A ADE A . n 
A 1 34 G 34 34 34 G GUA A . n 
A 1 35 C 35 35 35 C CYT A . n 
A 1 36 C 36 36 36 C CYT A . n 
A 1 37 C 37 37 37 C CYT A . n 
A 1 38 A 38 38 38 A ADE A . n 
A 1 39 C 39 39 39 C CYT A . n 
A 1 40 A 40 40 40 A ADE A . n 
A 1 41 U 41 41 41 U URI A . n 
A 1 42 A 42 42 42 A ADE A . n 
A 1 43 C 43 43 43 C CYT A . n 
A 1 44 U 44 44 44 U URI A . n 
A 1 45 U 45 45 45 U URI A . n 
A 1 46 U 46 46 46 U URI A . n 
A 1 47 G 47 47 47 G GUA A . n 
A 1 48 U 48 48 48 U URI A . n 
A 1 49 U 49 49 49 U URI A . n 
A 1 50 G 50 50 50 G GUA A . n 
A 1 51 A 51 51 51 A ADE A . n 
A 1 52 U 52 52 52 U URI A . n 
A 1 53 G 53 53 53 G GUA A . n 
A 1 54 G 54 54 54 G GUA A . n 
A 1 55 U 55 55 55 U URI A . n 
A 1 56 U 56 56 56 U URI A . n 
A 1 57 G 57 57 57 G GUA A . n 
A 1 58 U 58 58 58 U URI A . n 
A 1 59 C 59 59 59 C CYT A . n 
A 1 60 A 60 60 60 A ADE A . n 
A 1 61 A 61 61 61 A ADE A . n 
A 1 62 U 62 62 62 U URI A . n 
A 1 63 C 63 63 63 C CYT A . n 
A 1 64 G 64 64 64 G GUA A . n 
A 1 65 C 65 65 65 C CYT A . n 
A 1 66 C 66 66 66 C CYT A . n 
# 
loop_
_pdbx_nonpoly_scheme.asym_id 
_pdbx_nonpoly_scheme.entity_id 
_pdbx_nonpoly_scheme.mon_id 
_pdbx_nonpoly_scheme.ndb_seq_num 
_pdbx_nonpoly_scheme.pdb_seq_num 
_pdbx_nonpoly_scheme.auth_seq_num 
_pdbx_nonpoly_scheme.pdb_mon_id 
_pdbx_nonpoly_scheme.auth_mon_id 
_pdbx_nonpoly_scheme.pdb_strand_id 
_pdbx_nonpoly_scheme.pdb_ins_code 
B 2 MG  1 200 200 MG  MG  A . 
C 2 MG  1 201 201 MG  MG  A . 
D 2 MG  1 202 202 MG  MG  A . 
E 2 MG  1 203 203 MG  MG  A . 
F 2 MG  1 204 204 MG  MG  A . 
G 2 MG  1 205 205 MG  MG  A . 
H 2 MG  1 206 206 MG  MG  A . 
I 2 MG  1 207 207 MG  MG  A . 
J 2 MG  1 208 208 MG  MG  A . 
K 3 HOH 1 67  1   HOH TIP A . 
K 3 HOH 2 68  2   HOH TIP A . 
K 3 HOH 3 69  3   HOH TIP A . 
# 
loop_
_software.name 
_software.classification 
_software.version 
_software.citation_id 
_software.pdbx_ordinal 
HKL-3000 'data collection' .   ? 1 
SHELXS   phasing           .   ? 2 
REFMAC   refinement        5.0 ? 3 
HKL-3000 'data reduction'  .   ? 4 
HKL-3000 'data scaling'    .   ? 5 
# 
_cell.entry_id           3R4F 
_cell.length_a           104.197 
_cell.length_b           104.197 
_cell.length_c           208.793 
_cell.angle_alpha        90.00 
_cell.angle_beta         90.00 
_cell.angle_gamma        90.00 
_cell.Z_PDB              16 
_cell.pdbx_unique_axis   ? 
_cell.length_a_esd       ? 
_cell.length_b_esd       ? 
_cell.length_c_esd       ? 
_cell.angle_alpha_esd    ? 
_cell.angle_beta_esd     ? 
_cell.angle_gamma_esd    ? 
# 
_symmetry.entry_id                         3R4F 
_symmetry.space_group_name_H-M             'I 4 2 2' 
_symmetry.pdbx_full_space_group_name_H-M   ? 
_symmetry.cell_setting                     ? 
_symmetry.Int_Tables_number                97 
_symmetry.space_group_name_Hall            ? 
# 
_exptl.entry_id          3R4F 
_exptl.method            'X-RAY DIFFRACTION' 
_exptl.crystals_number   2 
# 
_exptl_crystal.id                    1 
_exptl_crystal.density_meas          ? 
_exptl_crystal.density_Matthews      6.69 
_exptl_crystal.density_percent_sol   81.60 
_exptl_crystal.description           ? 
_exptl_crystal.F_000                 ? 
_exptl_crystal.preparation           ? 
# 
_exptl_crystal_grow.crystal_id      1 
_exptl_crystal_grow.method          'VAPOR DIFFUSION' 
_exptl_crystal_grow.temp            298 
_exptl_crystal_grow.temp_details    ? 
_exptl_crystal_grow.pH              6.0 
_exptl_crystal_grow.pdbx_details    
'100 mM MES, 10 mM magnesium diacetate, 2.5 M ammonium sulfate, pH 6.0, VAPOR DIFFUSION, temperature 298K' 
_exptl_crystal_grow.pdbx_pH_range   ? 
# 
loop_
_diffrn.id 
_diffrn.ambient_temp 
_diffrn.ambient_temp_details 
_diffrn.crystal_id 
1   ? ? 1 
2   ? ? 1 
1,2 ? ? 1 
# 
loop_
_diffrn_detector.diffrn_id 
_diffrn_detector.detector 
_diffrn_detector.type 
_diffrn_detector.pdbx_collection_date 
_diffrn_detector.details 
1 CCD 'ADSC QUANTUM 270' ? ? 
2 CCD 'ADSC QUANTUM 315' ? ? 
# 
loop_
_diffrn_radiation.diffrn_id 
_diffrn_radiation.wavelength_id 
_diffrn_radiation.pdbx_monochromatic_or_laue_m_l 
_diffrn_radiation.monochromator 
_diffrn_radiation.pdbx_diffrn_protocol 
_diffrn_radiation.pdbx_scattering_type 
1 1 M ? 'SINGLE WAVELENGTH' x-ray 
2 1 M ? 'SINGLE WAVELENGTH' x-ray 
# 
loop_
_diffrn_radiation_wavelength.id 
_diffrn_radiation_wavelength.wavelength 
_diffrn_radiation_wavelength.wt 
1 1.25465 1.0 
2 0.97949 1.0 
# 
loop_
_diffrn_source.diffrn_id 
_diffrn_source.source 
_diffrn_source.type 
_diffrn_source.pdbx_synchrotron_site 
_diffrn_source.pdbx_synchrotron_beamline 
_diffrn_source.pdbx_wavelength 
_diffrn_source.pdbx_wavelength_list 
1 SYNCHROTRON 'APS BEAMLINE 24-ID-C' APS   24-ID-C 1.25465 1.25465 
2 SYNCHROTRON 'CHESS BEAMLINE F1'    CHESS F1      0.97949 0.97949 
# 
_reflns.entry_id                     3R4F 
_reflns.observed_criterion_sigma_I   1 
_reflns.observed_criterion_sigma_F   2.5 
_reflns.d_resolution_low             50 
_reflns.d_resolution_high            3.5 
_reflns.number_obs                   6608 
_reflns.number_all                   6608 
_reflns.percent_possible_obs         100 
_reflns.pdbx_Rmerge_I_obs            ? 
_reflns.pdbx_Rsym_value              ? 
_reflns.pdbx_netI_over_sigmaI        ? 
_reflns.B_iso_Wilson_estimate        ? 
_reflns.pdbx_redundancy              ? 
_reflns.R_free_details               ? 
_reflns.limit_h_max                  ? 
_reflns.limit_h_min                  ? 
_reflns.limit_k_max                  ? 
_reflns.limit_k_min                  ? 
_reflns.limit_l_max                  ? 
_reflns.limit_l_min                  ? 
_reflns.observed_criterion_F_max     ? 
_reflns.observed_criterion_F_min     ? 
_reflns.pdbx_chi_squared             ? 
_reflns.pdbx_scaling_rejects         ? 
_reflns.pdbx_ordinal                 1 
_reflns.pdbx_diffrn_id               1,2 
# 
_refine.entry_id                                 3R4F 
_refine.pdbx_refine_id                           'X-RAY DIFFRACTION' 
_refine.ls_d_res_high                            3.5000 
_refine.ls_d_res_low                             20.0000 
_refine.pdbx_ls_sigma_F                          0.000 
_refine.pdbx_data_cutoff_high_absF               ? 
_refine.pdbx_data_cutoff_low_absF                ? 
_refine.ls_percent_reflns_obs                    87.3000 
_refine.ls_number_reflns_obs                     6608 
_refine.ls_number_reflns_all                     ? 
_refine.pdbx_ls_cross_valid_method               ? 
_refine.ls_matrix_type                           ? 
_refine.pdbx_R_Free_selection_details            ? 
_refine.details                                  ? 
_refine.ls_R_factor_all                          ? 
_refine.ls_R_factor_obs                          ? 
_refine.ls_R_factor_R_work                       0.2392 
_refine.ls_wR_factor_R_work                      ? 
_refine.ls_R_factor_R_free                       0.2709 
_refine.ls_wR_factor_R_free                      ? 
_refine.ls_percent_reflns_R_free                 8.5000 
_refine.ls_number_reflns_R_free                  644 
_refine.ls_number_reflns_R_work                  5964 
_refine.ls_R_factor_R_free_error                 ? 
_refine.B_iso_mean                               198.7476 
_refine.solvent_model_param_bsol                 9.3825 
_refine.solvent_model_param_ksol                 ? 
_refine.pdbx_isotropic_thermal_model             ? 
_refine.aniso_B[1][1]                            9.3330 
_refine.aniso_B[2][2]                            9.3330 
_refine.aniso_B[3][3]                            -18.6660 
_refine.aniso_B[1][2]                            0.0000 
_refine.aniso_B[1][3]                            0.0000 
_refine.aniso_B[2][3]                            0.0000 
_refine.correlation_coeff_Fo_to_Fc               ? 
_refine.correlation_coeff_Fo_to_Fc_free          ? 
_refine.overall_SU_R_Cruickshank_DPI             ? 
_refine.pdbx_overall_SU_R_free_Cruickshank_DPI   ? 
_refine.pdbx_overall_SU_R_Blow_DPI               ? 
_refine.pdbx_overall_SU_R_free_Blow_DPI          ? 
_refine.overall_SU_R_free                        ? 
_refine.pdbx_overall_ESU_R_Free                  ? 
_refine.overall_SU_ML                            ? 
_refine.overall_SU_B                             ? 
_refine.solvent_model_details                    ? 
_refine.pdbx_solvent_vdw_probe_radii             ? 
_refine.pdbx_solvent_ion_probe_radii             ? 
_refine.pdbx_solvent_shrinkage_radii             ? 
_refine.ls_number_parameters                     ? 
_refine.ls_number_restraints                     ? 
_refine.pdbx_starting_model                      ? 
_refine.pdbx_method_to_determine_struct          SAD 
_refine.pdbx_stereochemistry_target_values       'Engh & Huber' 
_refine.pdbx_stereochem_target_val_spec_case     ? 
_refine.overall_FOM_work_R_set                   ? 
_refine.B_iso_max                                261.370 
_refine.B_iso_min                                93.900 
_refine.pdbx_overall_phase_error                 ? 
_refine.occupancy_max                            1.000 
_refine.occupancy_min                            1.000 
_refine.pdbx_ls_sigma_I                          ? 
_refine.ls_redundancy_reflns_obs                 ? 
_refine.ls_R_factor_R_free_error_details         ? 
_refine.pdbx_data_cutoff_high_rms_absF           ? 
_refine.overall_FOM_free_R_set                   ? 
_refine.pdbx_overall_ESU_R                       ? 
_refine.pdbx_diffrn_id                           1 
_refine.pdbx_TLS_residual_ADP_flag               ? 
# 
_refine_hist.pdbx_refine_id                   'X-RAY DIFFRACTION' 
_refine_hist.cycle_id                         LAST 
_refine_hist.pdbx_number_atoms_protein        0 
_refine_hist.pdbx_number_atoms_nucleic_acid   1400 
_refine_hist.pdbx_number_atoms_ligand         9 
_refine_hist.number_atoms_solvent             3 
_refine_hist.number_atoms_total               1412 
_refine_hist.d_res_high                       3.5000 
_refine_hist.d_res_low                        20.0000 
# 
loop_
_refine_ls_restr.pdbx_refine_id 
_refine_ls_restr.type 
_refine_ls_restr.number 
_refine_ls_restr.dev_ideal 
_refine_ls_restr.dev_ideal_target 
_refine_ls_restr.weight 
_refine_ls_restr.pdbx_restraint_function 
'X-RAY DIFFRACTION' c_bond_d  ? 0.009 ? ? ? 
'X-RAY DIFFRACTION' c_angle_d ? 1.353 ? ? ? 
# 
loop_
_pdbx_xplor_file.pdbx_refine_id 
_pdbx_xplor_file.serial_no 
_pdbx_xplor_file.param_file 
_pdbx_xplor_file.topol_file 
'X-RAY DIFFRACTION' 1 CNS_TOPPAR:protein_rep.param ? 
'X-RAY DIFFRACTION' 2 CNS_TOPPAR:dna-rna_rep.param ? 
'X-RAY DIFFRACTION' 3 CNS_TOPPAR:ion.param         ? 
'X-RAY DIFFRACTION' 4 CNS_TOPPAR:water.param       ? 
# 
_struct.entry_id                  3R4F 
_struct.title                     'Prohead RNA' 
_struct.pdbx_model_details        ? 
_struct.pdbx_CASP_flag            ? 
_struct.pdbx_model_type_details   ? 
# 
_struct_keywords.entry_id        3R4F 
_struct_keywords.pdbx_keywords   RNA 
_struct_keywords.text            'prohead RNA, motor, viral packaging, RNA' 
# 
loop_
_struct_asym.id 
_struct_asym.pdbx_blank_PDB_chainid_flag 
_struct_asym.pdbx_modified 
_struct_asym.entity_id 
_struct_asym.details 
A N N 1 ? 
B N N 2 ? 
C N N 2 ? 
D N N 2 ? 
E N N 2 ? 
F N N 2 ? 
G N N 2 ? 
H N N 2 ? 
I N N 2 ? 
J N N 2 ? 
K N N 3 ? 
# 
_struct_ref.id                         1 
_struct_ref.db_name                    PDB 
_struct_ref.db_code                    3R4F 
_struct_ref.pdbx_db_accession          3R4F 
_struct_ref.entity_id                  1 
_struct_ref.pdbx_align_begin           ? 
_struct_ref.pdbx_seq_one_letter_code   GGCGUGUAUGUGGGGAAACCCUGAUUGAGUUCAGCCCACAUACUUUGUUGAUGGUUGUCAAUCGCC 
_struct_ref.pdbx_db_isoform            ? 
# 
_struct_ref_seq.align_id                      1 
_struct_ref_seq.ref_id                        1 
_struct_ref_seq.pdbx_PDB_id_code              3R4F 
_struct_ref_seq.pdbx_strand_id                A 
_struct_ref_seq.seq_align_beg                 1 
_struct_ref_seq.pdbx_seq_align_beg_ins_code   ? 
_struct_ref_seq.seq_align_end                 66 
_struct_ref_seq.pdbx_seq_align_end_ins_code   ? 
_struct_ref_seq.pdbx_db_accession             3R4F 
_struct_ref_seq.db_align_beg                  1 
_struct_ref_seq.pdbx_db_align_beg_ins_code    ? 
_struct_ref_seq.db_align_end                  66 
_struct_ref_seq.pdbx_db_align_end_ins_code    ? 
_struct_ref_seq.pdbx_auth_seq_align_beg       1 
_struct_ref_seq.pdbx_auth_seq_align_end       66 
# 
_pdbx_struct_assembly.id                   1 
_pdbx_struct_assembly.details              software_defined_assembly 
_pdbx_struct_assembly.method_details       PISA 
_pdbx_struct_assembly.oligomeric_details   dimeric 
_pdbx_struct_assembly.oligomeric_count     2 
# 
loop_
_pdbx_struct_assembly_prop.biol_id 
_pdbx_struct_assembly_prop.type 
_pdbx_struct_assembly_prop.value 
_pdbx_struct_assembly_prop.details 
1 'ABSA (A^2)' 1530  ? 
1 MORE         -85   ? 
1 'SSA (A^2)'  24150 ? 
# 
_pdbx_struct_assembly_gen.assembly_id       1 
_pdbx_struct_assembly_gen.oper_expression   1,2 
_pdbx_struct_assembly_gen.asym_id_list      A,B,C,D,E,F,G,H,I,J,K 
# 
loop_
_pdbx_struct_oper_list.id 
_pdbx_struct_oper_list.type 
_pdbx_struct_oper_list.name 
_pdbx_struct_oper_list.symmetry_operation 
_pdbx_struct_oper_list.matrix[1][1] 
_pdbx_struct_oper_list.matrix[1][2] 
_pdbx_struct_oper_list.matrix[1][3] 
_pdbx_struct_oper_list.vector[1] 
_pdbx_struct_oper_list.matrix[2][1] 
_pdbx_struct_oper_list.matrix[2][2] 
_pdbx_struct_oper_list.matrix[2][3] 
_pdbx_struct_oper_list.vector[2] 
_pdbx_struct_oper_list.matrix[3][1] 
_pdbx_struct_oper_list.matrix[3][2] 
_pdbx_struct_oper_list.matrix[3][3] 
_pdbx_struct_oper_list.vector[3] 
1 'identity operation'         1_555  x,y,z              1.0000000000  0.0000000000 0.0000000000  0.0000000000 0.0000000000 1.0000000000  0.0000000000  0.0000000000  0.0000000000  0.0000000000  1.0000000000 0.0000000000  
2 'crystal symmetry operation' 15_545 y+1/2,x-1/2,-z+1/2 -0.9999985396 0.0005147156 -0.0016296583 9.8933463934 0.0005147156 -0.8185843884 -0.5743860498 52.1259361023 -0.0016296583 -0.5743860498 0.8185829280 16.4724593200 
# 
_struct_biol.id        1 
_struct_biol.details   ? 
# 
loop_
_struct_conn.id 
_struct_conn.conn_type_id 
_struct_conn.pdbx_leaving_atom_flag 
_struct_conn.pdbx_PDB_id 
_struct_conn.ptnr1_label_asym_id 
_struct_conn.ptnr1_label_comp_id 
_struct_conn.ptnr1_label_seq_id 
_struct_conn.ptnr1_label_atom_id 
_struct_conn.pdbx_ptnr1_label_alt_id 
_struct_conn.pdbx_ptnr1_PDB_ins_code 
_struct_conn.pdbx_ptnr1_standard_comp_id 
_struct_conn.ptnr1_symmetry 
_struct_conn.ptnr2_label_asym_id 
_struct_conn.ptnr2_label_comp_id 
_struct_conn.ptnr2_label_seq_id 
_struct_conn.ptnr2_label_atom_id 
_struct_conn.pdbx_ptnr2_label_alt_id 
_struct_conn.pdbx_ptnr2_PDB_ins_code 
_struct_conn.ptnr1_auth_asym_id 
_struct_conn.ptnr1_auth_comp_id 
_struct_conn.ptnr1_auth_seq_id 
_struct_conn.ptnr2_auth_asym_id 
_struct_conn.ptnr2_auth_comp_id 
_struct_conn.ptnr2_auth_seq_id 
_struct_conn.ptnr2_symmetry 
_struct_conn.pdbx_ptnr3_label_atom_id 
_struct_conn.pdbx_ptnr3_label_seq_id 
_struct_conn.pdbx_ptnr3_label_comp_id 
_struct_conn.pdbx_ptnr3_label_asym_id 
_struct_conn.pdbx_ptnr3_label_alt_id 
_struct_conn.pdbx_ptnr3_PDB_ins_code 
_struct_conn.details 
_struct_conn.pdbx_dist_value 
_struct_conn.pdbx_value_order 
_struct_conn.pdbx_role 
metalc1  metalc ? ? A G 1  "O5'" ? ? ? 1_555 G MG .  MG ? ? A G 1  A MG 205 1_555 ? ? ? ? ? ? ?             2.250 ? ? 
metalc2  metalc ? ? A A 8  "O3'" ? ? ? 1_555 H MG .  MG ? ? A A 8  A MG 206 1_555 ? ? ? ? ? ? ?             2.558 ? ? 
metalc3  metalc ? ? A U 9  OP1   ? ? ? 1_555 H MG .  MG ? ? A U 9  A MG 206 1_555 ? ? ? ? ? ? ?             2.761 ? ? 
metalc4  metalc ? ? A U 26 O4    ? ? ? 1_555 D MG .  MG ? ? A U 26 A MG 202 1_555 ? ? ? ? ? ? ?             2.926 ? ? 
metalc5  metalc ? ? A G 29 OP2   ? ? ? 1_555 D MG .  MG ? ? A G 29 A MG 202 1_555 ? ? ? ? ? ? ?             2.355 ? ? 
hydrog1  hydrog ? ? A G 1  N1    ? ? ? 1_555 A C  66 N3 ? ? A G 1  A C  66  1_555 ? ? ? ? ? ? WATSON-CRICK  ?     ? ? 
hydrog2  hydrog ? ? A G 1  N2    ? ? ? 1_555 A C  66 O2 ? ? A G 1  A C  66  1_555 ? ? ? ? ? ? WATSON-CRICK  ?     ? ? 
hydrog3  hydrog ? ? A G 1  O6    ? ? ? 1_555 A C  66 N4 ? ? A G 1  A C  66  1_555 ? ? ? ? ? ? WATSON-CRICK  ?     ? ? 
hydrog4  hydrog ? ? A G 2  N1    ? ? ? 1_555 A C  65 N3 ? ? A G 2  A C  65  1_555 ? ? ? ? ? ? WATSON-CRICK  ?     ? ? 
hydrog5  hydrog ? ? A G 2  N2    ? ? ? 1_555 A C  65 O2 ? ? A G 2  A C  65  1_555 ? ? ? ? ? ? WATSON-CRICK  ?     ? ? 
hydrog6  hydrog ? ? A G 2  O6    ? ? ? 1_555 A C  65 N4 ? ? A G 2  A C  65  1_555 ? ? ? ? ? ? WATSON-CRICK  ?     ? ? 
hydrog7  hydrog ? ? A C 3  N3    ? ? ? 1_555 A G  64 N1 ? ? A C 3  A G  64  1_555 ? ? ? ? ? ? WATSON-CRICK  ?     ? ? 
hydrog8  hydrog ? ? A C 3  N4    ? ? ? 1_555 A G  64 O6 ? ? A C 3  A G  64  1_555 ? ? ? ? ? ? WATSON-CRICK  ?     ? ? 
hydrog9  hydrog ? ? A C 3  O2    ? ? ? 1_555 A G  64 N2 ? ? A C 3  A G  64  1_555 ? ? ? ? ? ? WATSON-CRICK  ?     ? ? 
hydrog10 hydrog ? ? A G 4  N1    ? ? ? 1_555 A C  63 N3 ? ? A G 4  A C  63  1_555 ? ? ? ? ? ? WATSON-CRICK  ?     ? ? 
hydrog11 hydrog ? ? A G 4  N2    ? ? ? 1_555 A C  63 O2 ? ? A G 4  A C  63  1_555 ? ? ? ? ? ? WATSON-CRICK  ?     ? ? 
hydrog12 hydrog ? ? A G 4  O6    ? ? ? 1_555 A C  63 N4 ? ? A G 4  A C  63  1_555 ? ? ? ? ? ? WATSON-CRICK  ?     ? ? 
hydrog13 hydrog ? ? A U 5  N3    ? ? ? 1_555 A U  44 O2 ? ? A U 5  A U  44  1_555 ? ? ? ? ? ? TYPE_16_PAIR  ?     ? ? 
hydrog14 hydrog ? ? A U 5  O4    ? ? ? 1_555 A U  44 N3 ? ? A U 5  A U  44  1_555 ? ? ? ? ? ? TYPE_16_PAIR  ?     ? ? 
hydrog15 hydrog ? ? A G 6  N1    ? ? ? 1_555 A C  43 N3 ? ? A G 6  A C  43  1_555 ? ? ? ? ? ? WATSON-CRICK  ?     ? ? 
hydrog16 hydrog ? ? A G 6  N2    ? ? ? 1_555 A C  43 O2 ? ? A G 6  A C  43  1_555 ? ? ? ? ? ? WATSON-CRICK  ?     ? ? 
hydrog17 hydrog ? ? A G 6  O6    ? ? ? 1_555 A C  43 N4 ? ? A G 6  A C  43  1_555 ? ? ? ? ? ? WATSON-CRICK  ?     ? ? 
hydrog18 hydrog ? ? A U 7  N3    ? ? ? 1_555 A A  42 N1 ? ? A U 7  A A  42  1_555 ? ? ? ? ? ? WATSON-CRICK  ?     ? ? 
hydrog19 hydrog ? ? A U 7  O4    ? ? ? 1_555 A A  42 N6 ? ? A U 7  A A  42  1_555 ? ? ? ? ? ? WATSON-CRICK  ?     ? ? 
hydrog20 hydrog ? ? A A 8  N1    ? ? ? 1_555 A U  41 N3 ? ? A A 8  A U  41  1_555 ? ? ? ? ? ? WATSON-CRICK  ?     ? ? 
hydrog21 hydrog ? ? A A 8  N6    ? ? ? 1_555 A U  41 O4 ? ? A A 8  A U  41  1_555 ? ? ? ? ? ? WATSON-CRICK  ?     ? ? 
hydrog22 hydrog ? ? A U 9  N3    ? ? ? 1_555 A A  40 N1 ? ? A U 9  A A  40  1_555 ? ? ? ? ? ? WATSON-CRICK  ?     ? ? 
hydrog23 hydrog ? ? A U 9  O4    ? ? ? 1_555 A A  40 N6 ? ? A U 9  A A  40  1_555 ? ? ? ? ? ? WATSON-CRICK  ?     ? ? 
hydrog24 hydrog ? ? A G 10 N1    ? ? ? 1_555 A C  39 N3 ? ? A G 10 A C  39  1_555 ? ? ? ? ? ? WATSON-CRICK  ?     ? ? 
hydrog25 hydrog ? ? A G 10 N2    ? ? ? 1_555 A C  39 O2 ? ? A G 10 A C  39  1_555 ? ? ? ? ? ? WATSON-CRICK  ?     ? ? 
hydrog26 hydrog ? ? A G 10 O6    ? ? ? 1_555 A C  39 N4 ? ? A G 10 A C  39  1_555 ? ? ? ? ? ? WATSON-CRICK  ?     ? ? 
hydrog27 hydrog ? ? A U 11 N3    ? ? ? 1_555 A A  38 N1 ? ? A U 11 A A  38  1_555 ? ? ? ? ? ? WATSON-CRICK  ?     ? ? 
hydrog28 hydrog ? ? A U 11 O4    ? ? ? 1_555 A A  38 N6 ? ? A U 11 A A  38  1_555 ? ? ? ? ? ? WATSON-CRICK  ?     ? ? 
hydrog29 hydrog ? ? A G 12 N1    ? ? ? 1_555 A C  37 N3 ? ? A G 12 A C  37  1_555 ? ? ? ? ? ? WATSON-CRICK  ?     ? ? 
hydrog30 hydrog ? ? A G 12 N2    ? ? ? 1_555 A C  37 O2 ? ? A G 12 A C  37  1_555 ? ? ? ? ? ? WATSON-CRICK  ?     ? ? 
hydrog31 hydrog ? ? A G 12 O6    ? ? ? 1_555 A C  37 N4 ? ? A G 12 A C  37  1_555 ? ? ? ? ? ? WATSON-CRICK  ?     ? ? 
hydrog32 hydrog ? ? A G 13 N1    ? ? ? 1_555 A C  36 N3 ? ? A G 13 A C  36  1_555 ? ? ? ? ? ? WATSON-CRICK  ?     ? ? 
hydrog33 hydrog ? ? A G 13 N2    ? ? ? 1_555 A C  36 O2 ? ? A G 13 A C  36  1_555 ? ? ? ? ? ? WATSON-CRICK  ?     ? ? 
hydrog34 hydrog ? ? A G 13 O6    ? ? ? 1_555 A C  36 N4 ? ? A G 13 A C  36  1_555 ? ? ? ? ? ? WATSON-CRICK  ?     ? ? 
hydrog35 hydrog ? ? A G 14 N1    ? ? ? 1_555 A C  35 N3 ? ? A G 14 A C  35  1_555 ? ? ? ? ? ? WATSON-CRICK  ?     ? ? 
hydrog36 hydrog ? ? A G 14 N2    ? ? ? 1_555 A C  35 O2 ? ? A G 14 A C  35  1_555 ? ? ? ? ? ? WATSON-CRICK  ?     ? ? 
hydrog37 hydrog ? ? A G 14 O6    ? ? ? 1_555 A C  35 N4 ? ? A G 14 A C  35  1_555 ? ? ? ? ? ? WATSON-CRICK  ?     ? ? 
hydrog38 hydrog ? ? A G 14 N1    ? ? ? 1_555 A C  36 N3 ? ? A G 14 A C  36  1_555 ? ? ? ? ? ? WATSON-CRICK  ?     ? ? 
hydrog39 hydrog ? ? A G 14 N2    ? ? ? 1_555 A C  36 O2 ? ? A G 14 A C  36  1_555 ? ? ? ? ? ? WATSON-CRICK  ?     ? ? 
hydrog40 hydrog ? ? A G 14 O6    ? ? ? 1_555 A C  36 N4 ? ? A G 14 A C  36  1_555 ? ? ? ? ? ? WATSON-CRICK  ?     ? ? 
hydrog41 hydrog ? ? A G 15 N1    ? ? ? 1_555 A C  35 N3 ? ? A G 15 A C  35  1_555 ? ? ? ? ? ? 'G-C PAIR'    ?     ? ? 
hydrog42 hydrog ? ? A C 21 N3    ? ? ? 1_555 A G  34 N1 ? ? A C 21 A G  34  1_555 ? ? ? ? ? ? WATSON-CRICK  ?     ? ? 
hydrog43 hydrog ? ? A C 21 N4    ? ? ? 1_555 A G  34 O6 ? ? A C 21 A G  34  1_555 ? ? ? ? ? ? WATSON-CRICK  ?     ? ? 
hydrog44 hydrog ? ? A C 21 O2    ? ? ? 1_555 A G  34 N2 ? ? A C 21 A G  34  1_555 ? ? ? ? ? ? WATSON-CRICK  ?     ? ? 
hydrog45 hydrog ? ? A U 22 N3    ? ? ? 1_555 A A  33 N1 ? ? A U 22 A A  33  1_555 ? ? ? ? ? ? WATSON-CRICK  ?     ? ? 
hydrog46 hydrog ? ? A U 22 O4    ? ? ? 1_555 A A  33 N6 ? ? A U 22 A A  33  1_555 ? ? ? ? ? ? WATSON-CRICK  ?     ? ? 
hydrog47 hydrog ? ? A G 23 N1    ? ? ? 1_555 A C  32 N3 ? ? A G 23 A C  32  1_555 ? ? ? ? ? ? WATSON-CRICK  ?     ? ? 
hydrog48 hydrog ? ? A G 23 N2    ? ? ? 1_555 A C  32 O2 ? ? A G 23 A C  32  1_555 ? ? ? ? ? ? WATSON-CRICK  ?     ? ? 
hydrog49 hydrog ? ? A G 23 O6    ? ? ? 1_555 A C  32 N4 ? ? A G 23 A C  32  1_555 ? ? ? ? ? ? WATSON-CRICK  ?     ? ? 
hydrog50 hydrog ? ? A A 24 N6    ? ? ? 1_555 A U  30 O4 ? ? A A 24 A U  30  1_555 ? ? ? ? ? ? 'A-U PAIR'    ?     ? ? 
hydrog51 hydrog ? ? A A 24 N1    ? ? ? 1_555 A U  31 N3 ? ? A A 24 A U  31  1_555 ? ? ? ? ? ? WATSON-CRICK  ?     ? ? 
hydrog52 hydrog ? ? A A 24 N6    ? ? ? 1_555 A U  31 O4 ? ? A A 24 A U  31  1_555 ? ? ? ? ? ? WATSON-CRICK  ?     ? ? 
hydrog53 hydrog ? ? A U 25 N3    ? ? ? 1_555 A U  30 O4 ? ? A U 25 A U  30  1_555 ? ? ? ? ? ? TYPE_16_PAIR  ?     ? ? 
hydrog54 hydrog ? ? A U 25 O2    ? ? ? 1_555 A U  30 N3 ? ? A U 25 A U  30  1_555 ? ? ? ? ? ? TYPE_16_PAIR  ?     ? ? 
hydrog55 hydrog ? ? A G 47 N2    ? ? ? 1_555 A U  62 O2 ? ? A G 47 A U  62  1_555 ? ? ? ? ? ? 'G-U MISPAIR' ?     ? ? 
hydrog56 hydrog ? ? A U 48 N3    ? ? ? 1_555 A A  61 N1 ? ? A U 48 A A  61  1_555 ? ? ? ? ? ? WATSON-CRICK  ?     ? ? 
hydrog57 hydrog ? ? A U 48 O4    ? ? ? 1_555 A A  61 N6 ? ? A U 48 A A  61  1_555 ? ? ? ? ? ? WATSON-CRICK  ?     ? ? 
hydrog58 hydrog ? ? A U 49 N3    ? ? ? 1_555 A A  60 N1 ? ? A U 49 A A  60  1_555 ? ? ? ? ? ? WATSON-CRICK  ?     ? ? 
hydrog59 hydrog ? ? A U 49 O4    ? ? ? 1_555 A A  60 N6 ? ? A U 49 A A  60  1_555 ? ? ? ? ? ? WATSON-CRICK  ?     ? ? 
hydrog60 hydrog ? ? A G 50 N1    ? ? ? 1_555 A C  59 N3 ? ? A G 50 A C  59  1_555 ? ? ? ? ? ? WATSON-CRICK  ?     ? ? 
hydrog61 hydrog ? ? A G 50 N2    ? ? ? 1_555 A C  59 O2 ? ? A G 50 A C  59  1_555 ? ? ? ? ? ? WATSON-CRICK  ?     ? ? 
hydrog62 hydrog ? ? A G 50 O6    ? ? ? 1_555 A C  59 N4 ? ? A G 50 A C  59  1_555 ? ? ? ? ? ? WATSON-CRICK  ?     ? ? 
hydrog63 hydrog ? ? A A 51 N1    ? ? ? 1_555 A U  58 N3 ? ? A A 51 A U  58  1_555 ? ? ? ? ? ? WATSON-CRICK  ?     ? ? 
hydrog64 hydrog ? ? A A 51 N6    ? ? ? 1_555 A U  58 O4 ? ? A A 51 A U  58  1_555 ? ? ? ? ? ? WATSON-CRICK  ?     ? ? 
hydrog65 hydrog ? ? A U 52 N3    ? ? ? 1_555 A G  57 O6 ? ? A U 52 A G  57  1_555 ? ? ? ? ? ? 'U-G MISPAIR' ?     ? ? 
# 
loop_
_struct_conn_type.id 
_struct_conn_type.criteria 
_struct_conn_type.reference 
metalc ? ? 
hydrog ? ? 
# 
loop_
_pdbx_struct_conn_angle.id 
_pdbx_struct_conn_angle.ptnr1_label_atom_id 
_pdbx_struct_conn_angle.ptnr1_label_alt_id 
_pdbx_struct_conn_angle.ptnr1_label_asym_id 
_pdbx_struct_conn_angle.ptnr1_label_comp_id 
_pdbx_struct_conn_angle.ptnr1_label_seq_id 
_pdbx_struct_conn_angle.ptnr1_auth_atom_id 
_pdbx_struct_conn_angle.ptnr1_auth_asym_id 
_pdbx_struct_conn_angle.ptnr1_auth_comp_id 
_pdbx_struct_conn_angle.ptnr1_auth_seq_id 
_pdbx_struct_conn_angle.ptnr1_PDB_ins_code 
_pdbx_struct_conn_angle.ptnr1_symmetry 
_pdbx_struct_conn_angle.ptnr2_label_atom_id 
_pdbx_struct_conn_angle.ptnr2_label_alt_id 
_pdbx_struct_conn_angle.ptnr2_label_asym_id 
_pdbx_struct_conn_angle.ptnr2_label_comp_id 
_pdbx_struct_conn_angle.ptnr2_label_seq_id 
_pdbx_struct_conn_angle.ptnr2_auth_atom_id 
_pdbx_struct_conn_angle.ptnr2_auth_asym_id 
_pdbx_struct_conn_angle.ptnr2_auth_comp_id 
_pdbx_struct_conn_angle.ptnr2_auth_seq_id 
_pdbx_struct_conn_angle.ptnr2_PDB_ins_code 
_pdbx_struct_conn_angle.ptnr2_symmetry 
_pdbx_struct_conn_angle.ptnr3_label_atom_id 
_pdbx_struct_conn_angle.ptnr3_label_alt_id 
_pdbx_struct_conn_angle.ptnr3_label_asym_id 
_pdbx_struct_conn_angle.ptnr3_label_comp_id 
_pdbx_struct_conn_angle.ptnr3_label_seq_id 
_pdbx_struct_conn_angle.ptnr3_auth_atom_id 
_pdbx_struct_conn_angle.ptnr3_auth_asym_id 
_pdbx_struct_conn_angle.ptnr3_auth_comp_id 
_pdbx_struct_conn_angle.ptnr3_auth_seq_id 
_pdbx_struct_conn_angle.ptnr3_PDB_ins_code 
_pdbx_struct_conn_angle.ptnr3_symmetry 
_pdbx_struct_conn_angle.value 
_pdbx_struct_conn_angle.value_esd 
1 "O3'" ? A A 8  ? A A 8  ? 1_555 MG ? H MG . ? A MG 206 ? 1_555 OP1 ? A U 9  ? A U 9  ? 1_555 55.5 ? 
2 O4    ? A U 26 ? A U 26 ? 1_555 MG ? D MG . ? A MG 202 ? 1_555 OP2 ? A G 29 ? A G 29 ? 1_555 71.6 ? 
# 
loop_
_struct_site.id 
_struct_site.pdbx_evidence_code 
_struct_site.pdbx_auth_asym_id 
_struct_site.pdbx_auth_comp_id 
_struct_site.pdbx_auth_seq_id 
_struct_site.pdbx_auth_ins_code 
_struct_site.pdbx_num_residues 
_struct_site.details 
AC1 Software A MG 200 ? 2 'BINDING SITE FOR RESIDUE MG A 200' 
AC2 Software A MG 201 ? 2 'BINDING SITE FOR RESIDUE MG A 201' 
AC3 Software A MG 202 ? 3 'BINDING SITE FOR RESIDUE MG A 202' 
AC4 Software A MG 205 ? 2 'BINDING SITE FOR RESIDUE MG A 205' 
AC5 Software A MG 206 ? 2 'BINDING SITE FOR RESIDUE MG A 206' 
AC6 Software A MG 207 ? 1 'BINDING SITE FOR RESIDUE MG A 207' 
AC7 Software A MG 208 ? 2 'BINDING SITE FOR RESIDUE MG A 208' 
# 
loop_
_struct_site_gen.id 
_struct_site_gen.site_id 
_struct_site_gen.pdbx_num_res 
_struct_site_gen.label_comp_id 
_struct_site_gen.label_asym_id 
_struct_site_gen.label_seq_id 
_struct_site_gen.pdbx_auth_ins_code 
_struct_site_gen.auth_comp_id 
_struct_site_gen.auth_asym_id 
_struct_site_gen.auth_seq_id 
_struct_site_gen.label_atom_id 
_struct_site_gen.label_alt_id 
_struct_site_gen.symmetry 
_struct_site_gen.details 
1  AC1 2 G  A 1  ? G  A 1   . ? 1_555 ? 
2  AC1 2 MG G .  ? MG A 205 . ? 1_555 ? 
3  AC2 2 G  A 29 ? G  A 29  . ? 1_555 ? 
4  AC2 2 C  A 32 ? C  A 32  . ? 1_555 ? 
5  AC3 3 U  A 26 ? U  A 26  . ? 1_555 ? 
6  AC3 3 A  A 28 ? A  A 28  . ? 1_555 ? 
7  AC3 3 G  A 29 ? G  A 29  . ? 1_555 ? 
8  AC4 2 G  A 1  ? G  A 1   . ? 1_555 ? 
9  AC4 2 MG B .  ? MG A 200 . ? 1_555 ? 
10 AC5 2 A  A 8  ? A  A 8   . ? 1_555 ? 
11 AC5 2 U  A 9  ? U  A 9   . ? 1_555 ? 
12 AC6 1 A  A 28 ? A  A 28  . ? 1_555 ? 
13 AC7 2 G  A 27 ? G  A 27  . ? 6_555 ? 
14 AC7 2 G  A 27 ? G  A 27  . ? 1_555 ? 
# 
_pdbx_validate_close_contact.id               1 
_pdbx_validate_close_contact.PDB_model_num    1 
_pdbx_validate_close_contact.auth_atom_id_1   O 
_pdbx_validate_close_contact.auth_asym_id_1   A 
_pdbx_validate_close_contact.auth_comp_id_1   HOH 
_pdbx_validate_close_contact.auth_seq_id_1    67 
_pdbx_validate_close_contact.PDB_ins_code_1   ? 
_pdbx_validate_close_contact.label_alt_id_1   ? 
_pdbx_validate_close_contact.auth_atom_id_2   O 
_pdbx_validate_close_contact.auth_asym_id_2   A 
_pdbx_validate_close_contact.auth_comp_id_2   HOH 
_pdbx_validate_close_contact.auth_seq_id_2    68 
_pdbx_validate_close_contact.PDB_ins_code_2   ? 
_pdbx_validate_close_contact.label_alt_id_2   ? 
_pdbx_validate_close_contact.dist             2.04 
# 
_pdbx_validate_symm_contact.id                1 
_pdbx_validate_symm_contact.PDB_model_num     1 
_pdbx_validate_symm_contact.auth_atom_id_1    O 
_pdbx_validate_symm_contact.auth_asym_id_1    A 
_pdbx_validate_symm_contact.auth_comp_id_1    HOH 
_pdbx_validate_symm_contact.auth_seq_id_1     67 
_pdbx_validate_symm_contact.PDB_ins_code_1    ? 
_pdbx_validate_symm_contact.label_alt_id_1    ? 
_pdbx_validate_symm_contact.site_symmetry_1   1_555 
_pdbx_validate_symm_contact.auth_atom_id_2    O 
_pdbx_validate_symm_contact.auth_asym_id_2    A 
_pdbx_validate_symm_contact.auth_comp_id_2    HOH 
_pdbx_validate_symm_contact.auth_seq_id_2     67 
_pdbx_validate_symm_contact.PDB_ins_code_2    ? 
_pdbx_validate_symm_contact.label_alt_id_2    ? 
_pdbx_validate_symm_contact.site_symmetry_2   3_555 
_pdbx_validate_symm_contact.dist              1.95 
# 
loop_
_pdbx_validate_planes.id 
_pdbx_validate_planes.PDB_model_num 
_pdbx_validate_planes.auth_comp_id 
_pdbx_validate_planes.auth_asym_id 
_pdbx_validate_planes.auth_seq_id 
_pdbx_validate_planes.PDB_ins_code 
_pdbx_validate_planes.label_alt_id 
_pdbx_validate_planes.rmsd 
_pdbx_validate_planes.type 
1 1 G A 14 ? ? 0.057 'SIDE CHAIN' 
2 1 U A 52 ? ? 0.090 'SIDE CHAIN' 
3 1 C A 59 ? ? 0.079 'SIDE CHAIN' 
# 
loop_
_chem_comp_atom.comp_id 
_chem_comp_atom.atom_id 
_chem_comp_atom.type_symbol 
_chem_comp_atom.pdbx_aromatic_flag 
_chem_comp_atom.pdbx_stereo_config 
_chem_comp_atom.pdbx_ordinal 
A   OP3    O  N N 1   
A   P      P  N N 2   
A   OP1    O  N N 3   
A   OP2    O  N N 4   
A   "O5'"  O  N N 5   
A   "C5'"  C  N N 6   
A   "C4'"  C  N R 7   
A   "O4'"  O  N N 8   
A   "C3'"  C  N S 9   
A   "O3'"  O  N N 10  
A   "C2'"  C  N R 11  
A   "O2'"  O  N N 12  
A   "C1'"  C  N R 13  
A   N9     N  Y N 14  
A   C8     C  Y N 15  
A   N7     N  Y N 16  
A   C5     C  Y N 17  
A   C6     C  Y N 18  
A   N6     N  N N 19  
A   N1     N  Y N 20  
A   C2     C  Y N 21  
A   N3     N  Y N 22  
A   C4     C  Y N 23  
A   HOP3   H  N N 24  
A   HOP2   H  N N 25  
A   "H5'"  H  N N 26  
A   "H5''" H  N N 27  
A   "H4'"  H  N N 28  
A   "H3'"  H  N N 29  
A   "HO3'" H  N N 30  
A   "H2'"  H  N N 31  
A   "HO2'" H  N N 32  
A   "H1'"  H  N N 33  
A   H8     H  N N 34  
A   H61    H  N N 35  
A   H62    H  N N 36  
A   H2     H  N N 37  
C   OP3    O  N N 38  
C   P      P  N N 39  
C   OP1    O  N N 40  
C   OP2    O  N N 41  
C   "O5'"  O  N N 42  
C   "C5'"  C  N N 43  
C   "C4'"  C  N R 44  
C   "O4'"  O  N N 45  
C   "C3'"  C  N S 46  
C   "O3'"  O  N N 47  
C   "C2'"  C  N R 48  
C   "O2'"  O  N N 49  
C   "C1'"  C  N R 50  
C   N1     N  N N 51  
C   C2     C  N N 52  
C   O2     O  N N 53  
C   N3     N  N N 54  
C   C4     C  N N 55  
C   N4     N  N N 56  
C   C5     C  N N 57  
C   C6     C  N N 58  
C   HOP3   H  N N 59  
C   HOP2   H  N N 60  
C   "H5'"  H  N N 61  
C   "H5''" H  N N 62  
C   "H4'"  H  N N 63  
C   "H3'"  H  N N 64  
C   "HO3'" H  N N 65  
C   "H2'"  H  N N 66  
C   "HO2'" H  N N 67  
C   "H1'"  H  N N 68  
C   H41    H  N N 69  
C   H42    H  N N 70  
C   H5     H  N N 71  
C   H6     H  N N 72  
G   OP3    O  N N 73  
G   P      P  N N 74  
G   OP1    O  N N 75  
G   OP2    O  N N 76  
G   "O5'"  O  N N 77  
G   "C5'"  C  N N 78  
G   "C4'"  C  N R 79  
G   "O4'"  O  N N 80  
G   "C3'"  C  N S 81  
G   "O3'"  O  N N 82  
G   "C2'"  C  N R 83  
G   "O2'"  O  N N 84  
G   "C1'"  C  N R 85  
G   N9     N  Y N 86  
G   C8     C  Y N 87  
G   N7     N  Y N 88  
G   C5     C  Y N 89  
G   C6     C  N N 90  
G   O6     O  N N 91  
G   N1     N  N N 92  
G   C2     C  N N 93  
G   N2     N  N N 94  
G   N3     N  N N 95  
G   C4     C  Y N 96  
G   HOP3   H  N N 97  
G   HOP2   H  N N 98  
G   "H5'"  H  N N 99  
G   "H5''" H  N N 100 
G   "H4'"  H  N N 101 
G   "H3'"  H  N N 102 
G   "HO3'" H  N N 103 
G   "H2'"  H  N N 104 
G   "HO2'" H  N N 105 
G   "H1'"  H  N N 106 
G   H8     H  N N 107 
G   H1     H  N N 108 
G   H21    H  N N 109 
G   H22    H  N N 110 
HOH O      O  N N 111 
HOH H1     H  N N 112 
HOH H2     H  N N 113 
MG  MG     MG N N 114 
U   OP3    O  N N 115 
U   P      P  N N 116 
U   OP1    O  N N 117 
U   OP2    O  N N 118 
U   "O5'"  O  N N 119 
U   "C5'"  C  N N 120 
U   "C4'"  C  N R 121 
U   "O4'"  O  N N 122 
U   "C3'"  C  N S 123 
U   "O3'"  O  N N 124 
U   "C2'"  C  N R 125 
U   "O2'"  O  N N 126 
U   "C1'"  C  N R 127 
U   N1     N  N N 128 
U   C2     C  N N 129 
U   O2     O  N N 130 
U   N3     N  N N 131 
U   C4     C  N N 132 
U   O4     O  N N 133 
U   C5     C  N N 134 
U   C6     C  N N 135 
U   HOP3   H  N N 136 
U   HOP2   H  N N 137 
U   "H5'"  H  N N 138 
U   "H5''" H  N N 139 
U   "H4'"  H  N N 140 
U   "H3'"  H  N N 141 
U   "HO3'" H  N N 142 
U   "H2'"  H  N N 143 
U   "HO2'" H  N N 144 
U   "H1'"  H  N N 145 
U   H3     H  N N 146 
U   H5     H  N N 147 
U   H6     H  N N 148 
# 
loop_
_chem_comp_bond.comp_id 
_chem_comp_bond.atom_id_1 
_chem_comp_bond.atom_id_2 
_chem_comp_bond.value_order 
_chem_comp_bond.pdbx_aromatic_flag 
_chem_comp_bond.pdbx_stereo_config 
_chem_comp_bond.pdbx_ordinal 
A   OP3   P      sing N N 1   
A   OP3   HOP3   sing N N 2   
A   P     OP1    doub N N 3   
A   P     OP2    sing N N 4   
A   P     "O5'"  sing N N 5   
A   OP2   HOP2   sing N N 6   
A   "O5'" "C5'"  sing N N 7   
A   "C5'" "C4'"  sing N N 8   
A   "C5'" "H5'"  sing N N 9   
A   "C5'" "H5''" sing N N 10  
A   "C4'" "O4'"  sing N N 11  
A   "C4'" "C3'"  sing N N 12  
A   "C4'" "H4'"  sing N N 13  
A   "O4'" "C1'"  sing N N 14  
A   "C3'" "O3'"  sing N N 15  
A   "C3'" "C2'"  sing N N 16  
A   "C3'" "H3'"  sing N N 17  
A   "O3'" "HO3'" sing N N 18  
A   "C2'" "O2'"  sing N N 19  
A   "C2'" "C1'"  sing N N 20  
A   "C2'" "H2'"  sing N N 21  
A   "O2'" "HO2'" sing N N 22  
A   "C1'" N9     sing N N 23  
A   "C1'" "H1'"  sing N N 24  
A   N9    C8     sing Y N 25  
A   N9    C4     sing Y N 26  
A   C8    N7     doub Y N 27  
A   C8    H8     sing N N 28  
A   N7    C5     sing Y N 29  
A   C5    C6     sing Y N 30  
A   C5    C4     doub Y N 31  
A   C6    N6     sing N N 32  
A   C6    N1     doub Y N 33  
A   N6    H61    sing N N 34  
A   N6    H62    sing N N 35  
A   N1    C2     sing Y N 36  
A   C2    N3     doub Y N 37  
A   C2    H2     sing N N 38  
A   N3    C4     sing Y N 39  
C   OP3   P      sing N N 40  
C   OP3   HOP3   sing N N 41  
C   P     OP1    doub N N 42  
C   P     OP2    sing N N 43  
C   P     "O5'"  sing N N 44  
C   OP2   HOP2   sing N N 45  
C   "O5'" "C5'"  sing N N 46  
C   "C5'" "C4'"  sing N N 47  
C   "C5'" "H5'"  sing N N 48  
C   "C5'" "H5''" sing N N 49  
C   "C4'" "O4'"  sing N N 50  
C   "C4'" "C3'"  sing N N 51  
C   "C4'" "H4'"  sing N N 52  
C   "O4'" "C1'"  sing N N 53  
C   "C3'" "O3'"  sing N N 54  
C   "C3'" "C2'"  sing N N 55  
C   "C3'" "H3'"  sing N N 56  
C   "O3'" "HO3'" sing N N 57  
C   "C2'" "O2'"  sing N N 58  
C   "C2'" "C1'"  sing N N 59  
C   "C2'" "H2'"  sing N N 60  
C   "O2'" "HO2'" sing N N 61  
C   "C1'" N1     sing N N 62  
C   "C1'" "H1'"  sing N N 63  
C   N1    C2     sing N N 64  
C   N1    C6     sing N N 65  
C   C2    O2     doub N N 66  
C   C2    N3     sing N N 67  
C   N3    C4     doub N N 68  
C   C4    N4     sing N N 69  
C   C4    C5     sing N N 70  
C   N4    H41    sing N N 71  
C   N4    H42    sing N N 72  
C   C5    C6     doub N N 73  
C   C5    H5     sing N N 74  
C   C6    H6     sing N N 75  
G   OP3   P      sing N N 76  
G   OP3   HOP3   sing N N 77  
G   P     OP1    doub N N 78  
G   P     OP2    sing N N 79  
G   P     "O5'"  sing N N 80  
G   OP2   HOP2   sing N N 81  
G   "O5'" "C5'"  sing N N 82  
G   "C5'" "C4'"  sing N N 83  
G   "C5'" "H5'"  sing N N 84  
G   "C5'" "H5''" sing N N 85  
G   "C4'" "O4'"  sing N N 86  
G   "C4'" "C3'"  sing N N 87  
G   "C4'" "H4'"  sing N N 88  
G   "O4'" "C1'"  sing N N 89  
G   "C3'" "O3'"  sing N N 90  
G   "C3'" "C2'"  sing N N 91  
G   "C3'" "H3'"  sing N N 92  
G   "O3'" "HO3'" sing N N 93  
G   "C2'" "O2'"  sing N N 94  
G   "C2'" "C1'"  sing N N 95  
G   "C2'" "H2'"  sing N N 96  
G   "O2'" "HO2'" sing N N 97  
G   "C1'" N9     sing N N 98  
G   "C1'" "H1'"  sing N N 99  
G   N9    C8     sing Y N 100 
G   N9    C4     sing Y N 101 
G   C8    N7     doub Y N 102 
G   C8    H8     sing N N 103 
G   N7    C5     sing Y N 104 
G   C5    C6     sing N N 105 
G   C5    C4     doub Y N 106 
G   C6    O6     doub N N 107 
G   C6    N1     sing N N 108 
G   N1    C2     sing N N 109 
G   N1    H1     sing N N 110 
G   C2    N2     sing N N 111 
G   C2    N3     doub N N 112 
G   N2    H21    sing N N 113 
G   N2    H22    sing N N 114 
G   N3    C4     sing N N 115 
HOH O     H1     sing N N 116 
HOH O     H2     sing N N 117 
U   OP3   P      sing N N 118 
U   OP3   HOP3   sing N N 119 
U   P     OP1    doub N N 120 
U   P     OP2    sing N N 121 
U   P     "O5'"  sing N N 122 
U   OP2   HOP2   sing N N 123 
U   "O5'" "C5'"  sing N N 124 
U   "C5'" "C4'"  sing N N 125 
U   "C5'" "H5'"  sing N N 126 
U   "C5'" "H5''" sing N N 127 
U   "C4'" "O4'"  sing N N 128 
U   "C4'" "C3'"  sing N N 129 
U   "C4'" "H4'"  sing N N 130 
U   "O4'" "C1'"  sing N N 131 
U   "C3'" "O3'"  sing N N 132 
U   "C3'" "C2'"  sing N N 133 
U   "C3'" "H3'"  sing N N 134 
U   "O3'" "HO3'" sing N N 135 
U   "C2'" "O2'"  sing N N 136 
U   "C2'" "C1'"  sing N N 137 
U   "C2'" "H2'"  sing N N 138 
U   "O2'" "HO2'" sing N N 139 
U   "C1'" N1     sing N N 140 
U   "C1'" "H1'"  sing N N 141 
U   N1    C2     sing N N 142 
U   N1    C6     sing N N 143 
U   C2    O2     doub N N 144 
U   C2    N3     sing N N 145 
U   N3    C4     sing N N 146 
U   N3    H3     sing N N 147 
U   C4    O4     doub N N 148 
U   C4    C5     sing N N 149 
U   C5    C6     doub N N 150 
U   C5    H5     sing N N 151 
U   C6    H6     sing N N 152 
# 
loop_
_ndb_struct_conf_na.entry_id 
_ndb_struct_conf_na.feature 
3R4F 'double helix'         
3R4F 'a-form double helix'  
3R4F 'hairpin loop'         
3R4F 'bulge loop'           
3R4F 'mismatched base pair' 
3R4F 'triple helix'         
3R4F 'three-way junction'   
# 
loop_
_ndb_struct_na_base_pair.model_number 
_ndb_struct_na_base_pair.i_label_asym_id 
_ndb_struct_na_base_pair.i_label_comp_id 
_ndb_struct_na_base_pair.i_label_seq_id 
_ndb_struct_na_base_pair.i_symmetry 
_ndb_struct_na_base_pair.j_label_asym_id 
_ndb_struct_na_base_pair.j_label_comp_id 
_ndb_struct_na_base_pair.j_label_seq_id 
_ndb_struct_na_base_pair.j_symmetry 
_ndb_struct_na_base_pair.shear 
_ndb_struct_na_base_pair.stretch 
_ndb_struct_na_base_pair.stagger 
_ndb_struct_na_base_pair.buckle 
_ndb_struct_na_base_pair.propeller 
_ndb_struct_na_base_pair.opening 
_ndb_struct_na_base_pair.pair_number 
_ndb_struct_na_base_pair.pair_name 
_ndb_struct_na_base_pair.i_auth_asym_id 
_ndb_struct_na_base_pair.i_auth_seq_id 
_ndb_struct_na_base_pair.i_PDB_ins_code 
_ndb_struct_na_base_pair.j_auth_asym_id 
_ndb_struct_na_base_pair.j_auth_seq_id 
_ndb_struct_na_base_pair.j_PDB_ins_code 
_ndb_struct_na_base_pair.hbond_type_28 
_ndb_struct_na_base_pair.hbond_type_12 
1 A G 1  1_555 A C 66 1_555 -0.295 -0.162 -0.523 -6.327  14.677  -8.383  1  A_G1:C66_A  A 1  ? A 66 ? 19 1 
1 A G 2  1_555 A C 65 1_555 0.017  -0.124 -0.371 -2.257  2.597   -1.859  2  A_G2:C65_A  A 2  ? A 65 ? 19 1 
1 A C 3  1_555 A G 64 1_555 0.121  -0.138 0.201  -6.667  -12.487 0.451   3  A_C3:G64_A  A 3  ? A 64 ? 19 1 
1 A G 4  1_555 A C 63 1_555 0.179  0.060  -0.354 -15.253 -4.262  -2.526  4  A_G4:C63_A  A 4  ? A 63 ? 19 1 
1 A G 47 1_555 A U 62 1_555 -1.140 0.051  -0.509 -8.808  -4.867  -4.849  5  A_G47:U62_A A 47 ? A 62 ? ?  1 
1 A U 48 1_555 A A 61 1_555 0.169  -0.033 -0.284 -8.760  -16.136 3.791   6  A_U48:A61_A A 48 ? A 61 ? 20 1 
1 A U 49 1_555 A A 60 1_555 -0.397 0.107  -0.097 -11.486 -13.865 -9.647  7  A_U49:A60_A A 49 ? A 60 ? 20 1 
1 A G 50 1_555 A C 59 1_555 0.269  -0.052 0.070  -5.123  8.126   -0.840  8  A_G50:C59_A A 50 ? A 59 ? 19 1 
1 A A 51 1_555 A U 58 1_555 0.527  -0.154 -0.197 13.122  -7.262  0.381   9  A_A51:U58_A A 51 ? A 58 ? 20 1 
1 A U 52 1_555 A G 57 1_555 2.434  -0.399 -0.162 4.934   -15.054 -26.771 10 A_U52:G57_A A 52 ? A 57 ? ?  ? 
1 A U 5  1_555 A U 44 1_555 -2.208 -2.165 -1.537 22.719  -20.000 13.763  11 A_U5:U44_A  A 5  ? A 44 ? 16 1 
1 A G 6  1_555 A C 43 1_555 -0.379 -0.103 -0.967 -16.805 -14.285 0.942   12 A_G6:C43_A  A 6  ? A 43 ? 19 1 
1 A U 7  1_555 A A 42 1_555 -0.250 0.001  -1.048 4.530   -10.123 -0.456  13 A_U7:A42_A  A 7  ? A 42 ? 20 1 
1 A A 8  1_555 A U 41 1_555 -0.063 -0.172 -0.043 -10.686 -7.794  10.313  14 A_A8:U41_A  A 8  ? A 41 ? 20 1 
1 A U 9  1_555 A A 40 1_555 0.140  -0.284 0.408  4.431   6.186   0.811   15 A_U9:A40_A  A 9  ? A 40 ? 20 1 
1 A G 10 1_555 A C 39 1_555 -0.854 -0.267 0.218  15.351  8.477   -6.032  16 A_G10:C39_A A 10 ? A 39 ? 19 1 
1 A U 11 1_555 A A 38 1_555 0.022  0.104  -0.485 8.665   -5.459  6.744   17 A_U11:A38_A A 11 ? A 38 ? 20 1 
1 A G 12 1_555 A C 37 1_555 -0.172 0.131  -0.786 -11.038 -8.098  6.012   18 A_G12:C37_A A 12 ? A 37 ? 19 1 
1 A G 13 1_555 A C 36 1_555 0.282  -0.012 -0.752 -15.943 -1.153  -9.110  19 A_G13:C36_A A 13 ? A 36 ? 19 1 
1 A G 14 1_555 A C 35 1_555 0.319  -0.391 -1.558 -10.976 3.375   -1.060  20 A_G14:C35_A A 14 ? A 35 ? 19 1 
1 A C 21 1_555 A G 34 1_555 0.003  -0.042 0.222  -3.151  -13.242 -7.958  21 A_C21:G34_A A 21 ? A 34 ? 19 1 
1 A U 22 1_555 A A 33 1_555 -0.169 0.077  -0.161 4.810   -23.986 -1.706  22 A_U22:A33_A A 22 ? A 33 ? 20 1 
1 A G 23 1_555 A C 32 1_555 -0.165 -0.050 -0.411 -15.059 -18.078 -4.812  23 A_G23:C32_A A 23 ? A 32 ? 19 1 
1 A A 24 1_555 A U 31 1_555 0.097  -0.054 0.470  2.637   -3.789  7.063   24 A_A24:U31_A A 24 ? A 31 ? 20 1 
1 A U 25 1_555 A U 30 1_555 1.984  -2.135 0.479  15.584  -15.916 8.018   25 A_U25:U30_A A 25 ? A 30 ? 16 1 
# 
loop_
_ndb_struct_na_base_pair_step.model_number 
_ndb_struct_na_base_pair_step.i_label_asym_id_1 
_ndb_struct_na_base_pair_step.i_label_comp_id_1 
_ndb_struct_na_base_pair_step.i_label_seq_id_1 
_ndb_struct_na_base_pair_step.i_symmetry_1 
_ndb_struct_na_base_pair_step.j_label_asym_id_1 
_ndb_struct_na_base_pair_step.j_label_comp_id_1 
_ndb_struct_na_base_pair_step.j_label_seq_id_1 
_ndb_struct_na_base_pair_step.j_symmetry_1 
_ndb_struct_na_base_pair_step.i_label_asym_id_2 
_ndb_struct_na_base_pair_step.i_label_comp_id_2 
_ndb_struct_na_base_pair_step.i_label_seq_id_2 
_ndb_struct_na_base_pair_step.i_symmetry_2 
_ndb_struct_na_base_pair_step.j_label_asym_id_2 
_ndb_struct_na_base_pair_step.j_label_comp_id_2 
_ndb_struct_na_base_pair_step.j_label_seq_id_2 
_ndb_struct_na_base_pair_step.j_symmetry_2 
_ndb_struct_na_base_pair_step.shift 
_ndb_struct_na_base_pair_step.slide 
_ndb_struct_na_base_pair_step.rise 
_ndb_struct_na_base_pair_step.tilt 
_ndb_struct_na_base_pair_step.roll 
_ndb_struct_na_base_pair_step.twist 
_ndb_struct_na_base_pair_step.x_displacement 
_ndb_struct_na_base_pair_step.y_displacement 
_ndb_struct_na_base_pair_step.helical_rise 
_ndb_struct_na_base_pair_step.inclination 
_ndb_struct_na_base_pair_step.tip 
_ndb_struct_na_base_pair_step.helical_twist 
_ndb_struct_na_base_pair_step.step_number 
_ndb_struct_na_base_pair_step.step_name 
_ndb_struct_na_base_pair_step.i_auth_asym_id_1 
_ndb_struct_na_base_pair_step.i_auth_seq_id_1 
_ndb_struct_na_base_pair_step.i_PDB_ins_code_1 
_ndb_struct_na_base_pair_step.j_auth_asym_id_1 
_ndb_struct_na_base_pair_step.j_auth_seq_id_1 
_ndb_struct_na_base_pair_step.j_PDB_ins_code_1 
_ndb_struct_na_base_pair_step.i_auth_asym_id_2 
_ndb_struct_na_base_pair_step.i_auth_seq_id_2 
_ndb_struct_na_base_pair_step.i_PDB_ins_code_2 
_ndb_struct_na_base_pair_step.j_auth_asym_id_2 
_ndb_struct_na_base_pair_step.j_auth_seq_id_2 
_ndb_struct_na_base_pair_step.j_PDB_ins_code_2 
1 A G 1  1_555 A C 66 1_555 A G 2  1_555 A C 65 1_555 0.406  -1.971 3.090 -2.310  8.761  35.837 -4.144  -0.913 2.524 13.965  3.682 
36.928 1  AA_G1G2:C65C66_AA   A 1  ? A 66 ? A 2  ? A 65 ? 
1 A G 2  1_555 A C 65 1_555 A C 3  1_555 A G 64 1_555 0.249  -1.725 3.315 -1.257  0.106  33.822 -2.981  -0.632 3.299 0.183   2.160 
33.845 2  AA_G2C3:G64C65_AA   A 2  ? A 65 ? A 3  ? A 64 ? 
1 A C 3  1_555 A G 64 1_555 A G 4  1_555 A C 63 1_555 0.252  -2.218 3.343 3.179   17.251 27.853 -6.423  0.014  1.729 32.121  
-5.920  32.824 3  AA_C3G4:C63G64_AA   A 3  ? A 64 ? A 4  ? A 63 ? 
1 A G 4  1_555 A C 63 1_555 A G 47 1_555 A U 62 1_555 1.852  -2.436 3.146 0.934   8.374  15.447 -11.970 -5.611 1.711 28.552  
-3.186  17.583 4  AA_G4G47:U62C63_AA  A 4  ? A 63 ? A 47 ? A 62 ? 
1 A G 47 1_555 A U 62 1_555 A U 48 1_555 A A 61 1_555 -0.050 -1.955 3.423 -3.233  -2.911 34.389 -2.803  -0.449 3.562 -4.899  5.441 
34.655 5  AA_G47U48:A61U62_AA A 47 ? A 62 ? A 48 ? A 61 ? 
1 A U 48 1_555 A A 61 1_555 A U 49 1_555 A A 60 1_555 -0.279 -1.508 3.328 -2.114  5.094  36.166 -3.098  0.157  3.105 8.147   3.382 
36.570 6  AA_U48U49:A60A61_AA A 48 ? A 61 ? A 49 ? A 60 ? 
1 A U 49 1_555 A A 60 1_555 A G 50 1_555 A C 59 1_555 0.334  -2.134 3.057 1.558   -2.821 31.752 -3.387  -0.335 3.242 -5.139  
-2.839  31.911 7  AA_U49G50:C59A60_AA A 49 ? A 60 ? A 50 ? A 59 ? 
1 A G 50 1_555 A C 59 1_555 A A 51 1_555 A U 58 1_555 0.425  -0.964 2.956 10.764  0.050  32.757 -1.636  0.834  2.944 0.087   
-18.474 34.434 8  AA_G50A51:U58C59_AA A 50 ? A 59 ? A 51 ? A 58 ? 
1 A A 51 1_555 A U 58 1_555 A U 52 1_555 A G 57 1_555 -0.664 -1.640 3.663 4.774   5.458  34.741 -3.548  1.839  3.259 9.020   
-7.889  35.466 9  AA_A51U52:G57U58_AA A 51 ? A 58 ? A 52 ? A 57 ? 
1 A U 5  1_555 A U 44 1_555 A G 6  1_555 A C 43 1_555 -0.101 -1.152 5.043 -4.045  10.851 32.079 -4.545  -0.788 4.413 18.885  7.039 
34.053 10 AA_U5G6:C43U44_AA   A 5  ? A 44 ? A 6  ? A 43 ? 
1 A G 6  1_555 A C 43 1_555 A U 7  1_555 A A 42 1_555 -0.543 -1.579 2.913 -0.537  5.203  29.385 -3.988  0.960  2.610 10.156  1.047 
29.837 11 AA_G6U7:A42C43_AA   A 6  ? A 43 ? A 7  ? A 42 ? 
1 A U 7  1_555 A A 42 1_555 A A 8  1_555 A U 41 1_555 0.542  -1.246 3.957 -3.507  4.509  27.284 -3.847  -2.107 3.612 9.428   7.333 
27.865 12 AA_U7A8:U41A42_AA   A 7  ? A 42 ? A 8  ? A 41 ? 
1 A A 8  1_555 A U 41 1_555 A U 9  1_555 A A 40 1_555 0.066  -1.427 2.945 -2.529  3.946  40.815 -2.411  -0.336 2.792 5.636   3.612 
41.072 13 AA_A8U9:A40U41_AA   A 8  ? A 41 ? A 9  ? A 40 ? 
1 A U 9  1_555 A A 40 1_555 A G 10 1_555 A C 39 1_555 0.310  -1.215 2.704 3.727   10.127 23.578 -4.845  0.094  2.041 23.283  
-8.568  25.898 14 AA_U9G10:C39A40_AA  A 9  ? A 40 ? A 10 ? A 39 ? 
1 A G 10 1_555 A C 39 1_555 A U 11 1_555 A A 38 1_555 0.548  -1.935 3.241 3.118   14.037 37.825 -4.225  -0.478 2.437 20.759  
-4.611  40.372 15 AA_G10U11:A38C39_AA A 10 ? A 39 ? A 11 ? A 38 ? 
1 A U 11 1_555 A A 38 1_555 A G 12 1_555 A C 37 1_555 0.058  -1.243 3.622 1.145   21.700 28.916 -5.074  0.068  2.193 37.500  
-1.978  36.032 16 AA_U11G12:C37A38_AA A 11 ? A 38 ? A 12 ? A 37 ? 
1 A G 12 1_555 A C 37 1_555 A G 13 1_555 A C 36 1_555 -0.928 -1.805 3.594 -5.203  0.926  34.067 -3.207  0.667  3.643 1.568   8.815 
34.463 17 AA_G12G13:C36C37_AA A 12 ? A 37 ? A 13 ? A 36 ? 
1 A G 13 1_555 A C 36 1_555 A G 14 1_555 A C 35 1_555 0.272  -1.369 3.533 5.971   -2.382 33.784 -1.906  0.568  3.613 -4.054  
-10.159 34.373 18 AA_G13G14:C35C36_AA A 13 ? A 36 ? A 14 ? A 35 ? 
1 A C 21 1_555 A G 34 1_555 A U 22 1_555 A A 33 1_555 0.528  -1.748 3.193 -2.345  4.976  27.362 -4.720  -1.611 2.784 10.387  4.895 
27.899 19 AA_C21U22:A33G34_AA A 21 ? A 34 ? A 22 ? A 33 ? 
1 A U 22 1_555 A A 33 1_555 A G 23 1_555 A C 32 1_555 -0.232 -1.066 3.523 -2.096  20.832 36.045 -3.731  0.104  2.570 30.691  3.088 
41.510 20 AA_U22G23:C32A33_AA A 22 ? A 33 ? A 23 ? A 32 ? 
1 A G 23 1_555 A C 32 1_555 A A 24 1_555 A U 31 1_555 0.235  -2.129 2.840 -12.063 -6.074 25.798 -3.006  -2.924 2.868 -12.567 
24.958  29.066 21 AA_G23A24:U31C32_AA A 23 ? A 32 ? A 24 ? A 31 ? 
1 A A 24 1_555 A U 31 1_555 A U 25 1_555 A U 30 1_555 0.392  -0.832 2.994 -1.799  -4.894 45.719 -0.674  -0.646 3.046 -6.275  2.307 
45.999 22 AA_A24U25:U30U31_AA A 24 ? A 31 ? A 25 ? A 30 ? 
# 
_atom_sites.entry_id                    3R4F 
_atom_sites.fract_transf_matrix[1][1]   0.00661729 
_atom_sites.fract_transf_matrix[1][2]   0.00350059 
_atom_sites.fract_transf_matrix[1][3]   -0.00600498 
_atom_sites.fract_transf_matrix[2][1]   -0.00660569 
_atom_sites.fract_transf_matrix[2][2]   0.00058705 
_atom_sites.fract_transf_matrix[2][3]   -0.00693704 
_atom_sites.fract_transf_matrix[3][1]   -0.00107937 
_atom_sites.fract_transf_matrix[3][2]   0.00444941 
_atom_sites.fract_transf_matrix[3][3]   0.00140435 
_atom_sites.fract_transf_vector[1]      0.528275 
_atom_sites.fract_transf_vector[2]      0.177307 
_atom_sites.fract_transf_vector[3]      0.127785 
# 
loop_
_atom_type.symbol 
C  
MG 
N  
O  
P  
# 
loop_
_atom_site.group_PDB 
_atom_site.id 
_atom_site.type_symbol 
_atom_site.label_atom_id 
_atom_site.label_alt_id 
_atom_site.label_comp_id 
_atom_site.label_asym_id 
_atom_site.label_entity_id 
_atom_site.label_seq_id 
_atom_site.pdbx_PDB_ins_code 
_atom_site.Cartn_x 
_atom_site.Cartn_y 
_atom_site.Cartn_z 
_atom_site.occupancy 
_atom_site.B_iso_or_equiv 
_atom_site.pdbx_formal_charge 
_atom_site.auth_seq_id 
_atom_site.auth_comp_id 
_atom_site.auth_asym_id 
_atom_site.auth_atom_id 
_atom_site.pdbx_PDB_model_num 
ATOM   1    O  "O5'" . G   A 1 1  ? 9.368   29.591  -9.230  1.00 215.30 ? 1   G   A "O5'" 1 
ATOM   2    C  "C5'" . G   A 1 1  ? 9.289   28.365  -8.503  1.00 218.43 ? 1   G   A "C5'" 1 
ATOM   3    C  "C4'" . G   A 1 1  ? 9.502   28.457  -6.991  1.00 220.79 ? 1   G   A "C4'" 1 
ATOM   4    O  "O4'" . G   A 1 1  ? 8.539   29.379  -6.415  1.00 222.14 ? 1   G   A "O4'" 1 
ATOM   5    C  "C3'" . G   A 1 1  ? 9.301   27.165  -6.197  1.00 222.02 ? 1   G   A "C3'" 1 
ATOM   6    O  "O3'" . G   A 1 1  ? 10.487  26.377  -6.108  1.00 222.31 ? 1   G   A "O3'" 1 
ATOM   7    C  "C2'" . G   A 1 1  ? 8.878   27.641  -4.805  1.00 222.26 ? 1   G   A "C2'" 1 
ATOM   8    O  "O2'" . G   A 1 1  ? 9.940   27.955  -3.933  1.00 221.33 ? 1   G   A "O2'" 1 
ATOM   9    C  "C1'" . G   A 1 1  ? 8.108   28.915  -5.130  1.00 222.91 ? 1   G   A "C1'" 1 
ATOM   10   N  N9    . G   A 1 1  ? 6.650   28.789  -5.167  1.00 224.25 ? 1   G   A N9    1 
ATOM   11   C  C8    . G   A 1 1  ? 5.865   29.212  -6.207  1.00 224.95 ? 1   G   A C8    1 
ATOM   12   N  N7    . G   A 1 1  ? 4.586   29.086  -5.974  1.00 225.53 ? 1   G   A N7    1 
ATOM   13   C  C5    . G   A 1 1  ? 4.511   28.528  -4.707  1.00 225.07 ? 1   G   A C5    1 
ATOM   14   C  C6    . G   A 1 1  ? 3.368   28.195  -3.923  1.00 224.73 ? 1   G   A C6    1 
ATOM   15   O  O6    . G   A 1 1  ? 2.171   28.381  -4.176  1.00 223.78 ? 1   G   A O6    1 
ATOM   16   N  N1    . G   A 1 1  ? 3.729   27.616  -2.731  1.00 224.73 ? 1   G   A N1    1 
ATOM   17   C  C2    . G   A 1 1  ? 5.016   27.401  -2.320  1.00 225.21 ? 1   G   A C2    1 
ATOM   18   N  N2    . G   A 1 1  ? 5.117   26.797  -1.129  1.00 225.64 ? 1   G   A N2    1 
ATOM   19   N  N3    . G   A 1 1  ? 6.105   27.745  -3.017  1.00 224.89 ? 1   G   A N3    1 
ATOM   20   C  C4    . G   A 1 1  ? 5.777   28.295  -4.197  1.00 224.84 ? 1   G   A C4    1 
ATOM   21   P  P     . G   A 1 2  ? 10.372  24.776  -5.960  1.00 221.82 ? 2   G   A P     1 
ATOM   22   O  OP1   . G   A 1 2  ? 11.750  24.318  -5.643  1.00 221.85 ? 2   G   A OP1   1 
ATOM   23   O  OP2   . G   A 1 2  ? 9.670   24.224  -7.147  1.00 221.72 ? 2   G   A OP2   1 
ATOM   24   O  "O5'" . G   A 1 2  ? 9.432   24.532  -4.693  1.00 220.80 ? 2   G   A "O5'" 1 
ATOM   25   C  "C5'" . G   A 1 2  ? 9.983   24.102  -3.458  1.00 219.49 ? 2   G   A "C5'" 1 
ATOM   26   C  "C4'" . G   A 1 2  ? 8.892   23.623  -2.535  1.00 218.47 ? 2   G   A "C4'" 1 
ATOM   27   O  "O4'" . G   A 1 2  ? 7.850   24.626  -2.521  1.00 218.46 ? 2   G   A "O4'" 1 
ATOM   28   C  "C3'" . G   A 1 2  ? 8.139   22.353  -2.916  1.00 218.05 ? 2   G   A "C3'" 1 
ATOM   29   O  "O3'" . G   A 1 2  ? 8.830   21.181  -2.491  1.00 216.41 ? 2   G   A "O3'" 1 
ATOM   30   C  "C2'" . G   A 1 2  ? 6.843   22.505  -2.128  1.00 218.76 ? 2   G   A "C2'" 1 
ATOM   31   O  "O2'" . G   A 1 2  ? 6.927   22.078  -0.785  1.00 219.16 ? 2   G   A "O2'" 1 
ATOM   32   C  "C1'" . G   A 1 2  ? 6.635   24.015  -2.163  1.00 219.28 ? 2   G   A "C1'" 1 
ATOM   33   N  N9    . G   A 1 2  ? 5.603   24.407  -3.102  1.00 220.44 ? 2   G   A N9    1 
ATOM   34   C  C8    . G   A 1 2  ? 5.735   25.025  -4.313  1.00 220.74 ? 2   G   A C8    1 
ATOM   35   N  N7    . G   A 1 2  ? 4.585   25.276  -4.880  1.00 221.48 ? 2   G   A N7    1 
ATOM   36   C  C5    . G   A 1 2  ? 3.649   24.777  -3.988  1.00 222.17 ? 2   G   A C5    1 
ATOM   37   C  C6    . G   A 1 2  ? 2.224   24.762  -4.044  1.00 222.73 ? 2   G   A C6    1 
ATOM   38   O  O6    . G   A 1 2  ? 1.481   25.206  -4.909  1.00 222.92 ? 2   G   A O6    1 
ATOM   39   N  N1    . G   A 1 2  ? 1.676   24.148  -2.930  1.00 223.71 ? 2   G   A N1    1 
ATOM   40   C  C2    . G   A 1 2  ? 2.394   23.616  -1.890  1.00 224.05 ? 2   G   A C2    1 
ATOM   41   N  N2    . G   A 1 2  ? 1.685   23.045  -0.893  1.00 225.25 ? 2   G   A N2    1 
ATOM   42   N  N3    . G   A 1 2  ? 3.713   23.633  -1.823  1.00 223.19 ? 2   G   A N3    1 
ATOM   43   C  C4    . G   A 1 2  ? 4.266   24.225  -2.898  1.00 221.79 ? 2   G   A C4    1 
ATOM   44   P  P     . C   A 1 3  ? 8.392   19.730  -3.056  1.00 213.93 ? 3   C   A P     1 
ATOM   45   O  OP1   . C   A 1 3  ? 9.319   18.730  -2.460  1.00 213.39 ? 3   C   A OP1   1 
ATOM   46   O  OP2   . C   A 1 3  ? 8.269   19.827  -4.537  1.00 214.01 ? 3   C   A OP2   1 
ATOM   47   O  "O5'" . C   A 1 3  ? 6.942   19.453  -2.442  1.00 212.48 ? 3   C   A "O5'" 1 
ATOM   48   C  "C5'" . C   A 1 3  ? 6.787   18.972  -1.108  1.00 208.95 ? 3   C   A "C5'" 1 
ATOM   49   C  "C4'" . C   A 1 3  ? 5.325   18.900  -0.735  1.00 206.64 ? 3   C   A "C4'" 1 
ATOM   50   O  "O4'" . C   A 1 3  ? 4.706   20.193  -0.981  1.00 207.21 ? 3   C   A "O4'" 1 
ATOM   51   C  "C3'" . C   A 1 3  ? 4.449   17.953  -1.539  1.00 204.40 ? 3   C   A "C3'" 1 
ATOM   52   O  "O3'" . C   A 1 3  ? 4.557   16.605  -1.119  1.00 199.76 ? 3   C   A "O3'" 1 
ATOM   53   C  "C2'" . C   A 1 3  ? 3.067   18.496  -1.226  1.00 206.24 ? 3   C   A "C2'" 1 
ATOM   54   O  "O2'" . C   A 1 3  ? 2.618   18.142  0.068   1.00 205.78 ? 3   C   A "O2'" 1 
ATOM   55   C  "C1'" . C   A 1 3  ? 3.329   20.001  -1.286  1.00 208.61 ? 3   C   A "C1'" 1 
ATOM   56   N  N1    . C   A 1 3  ? 3.021   20.523  -2.635  1.00 211.67 ? 3   C   A N1    1 
ATOM   57   C  C2    . C   A 1 3  ? 1.667   20.598  -3.008  1.00 213.57 ? 3   C   A C2    1 
ATOM   58   O  O2    . C   A 1 3  ? 0.805   20.281  -2.167  1.00 216.16 ? 3   C   A O2    1 
ATOM   59   N  N3    . C   A 1 3  ? 1.335   21.009  -4.262  1.00 212.77 ? 3   C   A N3    1 
ATOM   60   C  C4    . C   A 1 3  ? 2.288   21.351  -5.121  1.00 211.53 ? 3   C   A C4    1 
ATOM   61   N  N4    . C   A 1 3  ? 1.905   21.715  -6.340  1.00 210.33 ? 3   C   A N4    1 
ATOM   62   C  C5    . C   A 1 3  ? 3.678   21.322  -4.765  1.00 211.66 ? 3   C   A C5    1 
ATOM   63   C  C6    . C   A 1 3  ? 3.996   20.906  -3.518  1.00 211.82 ? 3   C   A C6    1 
ATOM   64   P  P     . G   A 1 4  ? 4.646   15.448  -2.217  1.00 195.90 ? 4   G   A P     1 
ATOM   65   O  OP1   . G   A 1 4  ? 5.032   14.197  -1.540  1.00 195.63 ? 4   G   A OP1   1 
ATOM   66   O  OP2   . G   A 1 4  ? 5.461   15.967  -3.323  1.00 195.98 ? 4   G   A OP2   1 
ATOM   67   O  "O5'" . G   A 1 4  ? 3.156   15.242  -2.714  1.00 195.30 ? 4   G   A "O5'" 1 
ATOM   68   C  "C5'" . G   A 1 4  ? 2.215   14.657  -1.851  1.00 195.56 ? 4   G   A "C5'" 1 
ATOM   69   C  "C4'" . G   A 1 4  ? 0.828   15.048  -2.260  1.00 196.64 ? 4   G   A "C4'" 1 
ATOM   70   O  "O4'" . G   A 1 4  ? 0.874   16.415  -2.719  1.00 197.49 ? 4   G   A "O4'" 1 
ATOM   71   C  "C3'" . G   A 1 4  ? 0.227   14.337  -3.460  1.00 197.12 ? 4   G   A "C3'" 1 
ATOM   72   O  "O3'" . G   A 1 4  ? -0.401  13.125  -3.077  1.00 196.75 ? 4   G   A "O3'" 1 
ATOM   73   C  "C2'" . G   A 1 4  ? -0.895  15.289  -3.833  1.00 198.51 ? 4   G   A "C2'" 1 
ATOM   74   O  "O2'" . G   A 1 4  ? -2.017  15.076  -2.989  1.00 197.94 ? 4   G   A "O2'" 1 
ATOM   75   C  "C1'" . G   A 1 4  ? -0.257  16.648  -3.534  1.00 199.76 ? 4   G   A "C1'" 1 
ATOM   76   N  N9    . G   A 1 4  ? 0.119   17.446  -4.704  1.00 202.33 ? 4   G   A N9    1 
ATOM   77   C  C8    . G   A 1 4  ? 1.350   17.973  -5.017  1.00 203.06 ? 4   G   A C8    1 
ATOM   78   N  N7    . G   A 1 4  ? 1.329   18.717  -6.091  1.00 203.17 ? 4   G   A N7    1 
ATOM   79   C  C5    . G   A 1 4  ? 0.012   18.656  -6.523  1.00 203.85 ? 4   G   A C5    1 
ATOM   80   C  C6    . G   A 1 4  ? -0.611  19.264  -7.623  1.00 205.06 ? 4   G   A C6    1 
ATOM   81   O  O6    . G   A 1 4  ? -0.125  20.012  -8.455  1.00 206.80 ? 4   G   A O6    1 
ATOM   82   N  N1    . G   A 1 4  ? -1.953  18.925  -7.709  1.00 205.68 ? 4   G   A N1    1 
ATOM   83   C  C2    . G   A 1 4  ? -2.618  18.110  -6.838  1.00 205.12 ? 4   G   A C2    1 
ATOM   84   N  N2    . G   A 1 4  ? -3.920  17.895  -7.096  1.00 206.18 ? 4   G   A N2    1 
ATOM   85   N  N3    . G   A 1 4  ? -2.051  17.544  -5.792  1.00 204.73 ? 4   G   A N3    1 
ATOM   86   C  C4    . G   A 1 4  ? -0.740  17.858  -5.693  1.00 203.51 ? 4   G   A C4    1 
ATOM   87   P  P     . U   A 1 5  ? 0.465   11.977  -2.388  1.00 197.02 ? 5   U   A P     1 
ATOM   88   O  OP1   . U   A 1 5  ? 0.139   12.100  -0.951  1.00 197.72 ? 5   U   A OP1   1 
ATOM   89   O  OP2   . U   A 1 5  ? 1.879   12.095  -2.843  1.00 196.55 ? 5   U   A OP2   1 
ATOM   90   O  "O5'" . U   A 1 5  ? -0.174  10.609  -2.894  1.00 196.38 ? 5   U   A "O5'" 1 
ATOM   91   C  "C5'" . U   A 1 5  ? -1.078  10.592  -3.981  1.00 196.36 ? 5   U   A "C5'" 1 
ATOM   92   C  "C4'" . U   A 1 5  ? -0.690  9.509   -4.956  1.00 196.26 ? 5   U   A "C4'" 1 
ATOM   93   O  "O4'" . U   A 1 5  ? 0.687   9.673   -5.359  1.00 195.87 ? 5   U   A "O4'" 1 
ATOM   94   C  "C3'" . U   A 1 5  ? -0.697  8.099   -4.422  1.00 196.58 ? 5   U   A "C3'" 1 
ATOM   95   O  "O3'" . U   A 1 5  ? -2.019  7.605   -4.487  1.00 198.31 ? 5   U   A "O3'" 1 
ATOM   96   C  "C2'" . U   A 1 5  ? 0.188   7.357   -5.412  1.00 195.89 ? 5   U   A "C2'" 1 
ATOM   97   O  "O2'" . U   A 1 5  ? -0.563  6.905   -6.517  1.00 195.21 ? 5   U   A "O2'" 1 
ATOM   98   C  "C1'" . U   A 1 5  ? 1.172   8.443   -5.835  1.00 195.01 ? 5   U   A "C1'" 1 
ATOM   99   N  N1    . U   A 1 5  ? 2.545   8.278   -5.353  1.00 194.27 ? 5   U   A N1    1 
ATOM   100  C  C2    . U   A 1 5  ? 3.432   7.658   -6.197  1.00 194.74 ? 5   U   A C2    1 
ATOM   101  O  O2    . U   A 1 5  ? 3.119   7.249   -7.287  1.00 194.99 ? 5   U   A O2    1 
ATOM   102  N  N3    . U   A 1 5  ? 4.706   7.549   -5.721  1.00 195.45 ? 5   U   A N3    1 
ATOM   103  C  C4    . U   A 1 5  ? 5.169   7.990   -4.513  1.00 196.13 ? 5   U   A C4    1 
ATOM   104  O  O4    . U   A 1 5  ? 6.374   7.876   -4.257  1.00 197.28 ? 5   U   A O4    1 
ATOM   105  C  C5    . U   A 1 5  ? 4.179   8.618   -3.687  1.00 195.28 ? 5   U   A C5    1 
ATOM   106  C  C6    . U   A 1 5  ? 2.931   8.727   -4.125  1.00 194.11 ? 5   U   A C6    1 
ATOM   107  P  P     . G   A 1 6  ? -2.768  7.236   -3.130  1.00 199.21 ? 6   G   A P     1 
ATOM   108  O  OP1   . G   A 1 6  ? -3.861  6.286   -3.475  1.00 198.78 ? 6   G   A OP1   1 
ATOM   109  O  OP2   . G   A 1 6  ? -3.092  8.523   -2.464  1.00 198.93 ? 6   G   A OP2   1 
ATOM   110  O  "O5'" . G   A 1 6  ? -1.618  6.500   -2.301  1.00 200.06 ? 6   G   A "O5'" 1 
ATOM   111  C  "C5'" . G   A 1 6  ? -1.609  5.086   -2.115  1.00 201.29 ? 6   G   A "C5'" 1 
ATOM   112  C  "C4'" . G   A 1 6  ? -1.105  4.376   -3.362  1.00 201.80 ? 6   G   A "C4'" 1 
ATOM   113  O  "O4'" . G   A 1 6  ? 0.053   5.036   -3.918  1.00 202.99 ? 6   G   A "O4'" 1 
ATOM   114  C  "C3'" . G   A 1 6  ? -0.696  2.935   -3.113  1.00 201.39 ? 6   G   A "C3'" 1 
ATOM   115  O  "O3'" . G   A 1 6  ? -1.837  2.126   -3.346  1.00 199.53 ? 6   G   A "O3'" 1 
ATOM   116  C  "C2'" . G   A 1 6  ? 0.401   2.689   -4.139  1.00 202.10 ? 6   G   A "C2'" 1 
ATOM   117  O  "O2'" . G   A 1 6  ? -0.125  2.289   -5.380  1.00 200.54 ? 6   G   A "O2'" 1 
ATOM   118  C  "C1'" . G   A 1 6  ? 1.030   4.079   -4.267  1.00 203.94 ? 6   G   A "C1'" 1 
ATOM   119  N  N9    . G   A 1 6  ? 2.170   4.344   -3.404  1.00 206.45 ? 6   G   A N9    1 
ATOM   120  C  C8    . G   A 1 6  ? 2.229   5.338   -2.453  1.00 207.21 ? 6   G   A C8    1 
ATOM   121  N  N7    . G   A 1 6  ? 3.373   5.392   -1.837  1.00 208.33 ? 6   G   A N7    1 
ATOM   122  C  C5    . G   A 1 6  ? 4.117   4.369   -2.409  1.00 209.62 ? 6   G   A C5    1 
ATOM   123  C  C6    . G   A 1 6  ? 5.451   3.945   -2.146  1.00 210.87 ? 6   G   A C6    1 
ATOM   124  O  O6    . G   A 1 6  ? 6.262   4.415   -1.339  1.00 212.19 ? 6   G   A O6    1 
ATOM   125  N  N1    . G   A 1 6  ? 5.813   2.868   -2.944  1.00 211.65 ? 6   G   A N1    1 
ATOM   126  C  C2    . G   A 1 6  ? 5.001   2.270   -3.879  1.00 211.40 ? 6   G   A C2    1 
ATOM   127  N  N2    . G   A 1 6  ? 5.547   1.234   -4.530  1.00 212.70 ? 6   G   A N2    1 
ATOM   128  N  N3    . G   A 1 6  ? 3.754   2.657   -4.146  1.00 210.29 ? 6   G   A N3    1 
ATOM   129  C  C4    . G   A 1 6  ? 3.383   3.704   -3.376  1.00 208.61 ? 6   G   A C4    1 
ATOM   130  P  P     . U   A 1 7  ? -2.250  1.015   -2.273  1.00 197.55 ? 7   U   A P     1 
ATOM   131  O  OP1   . U   A 1 7  ? -3.665  0.630   -2.508  1.00 196.24 ? 7   U   A OP1   1 
ATOM   132  O  OP2   . U   A 1 7  ? -1.832  1.469   -0.916  1.00 196.92 ? 7   U   A OP2   1 
ATOM   133  O  "O5'" . U   A 1 7  ? -1.328  -0.198  -2.706  1.00 197.48 ? 7   U   A "O5'" 1 
ATOM   134  C  "C5'" . U   A 1 7  ? -0.657  -0.975  -1.739  1.00 197.85 ? 7   U   A "C5'" 1 
ATOM   135  C  "C4'" . U   A 1 7  ? 0.383   -1.821  -2.410  1.00 197.86 ? 7   U   A "C4'" 1 
ATOM   136  O  "O4'" . U   A 1 7  ? 1.388   -0.964  -3.013  1.00 197.01 ? 7   U   A "O4'" 1 
ATOM   137  C  "C3'" . U   A 1 7  ? 1.144   -2.714  -1.453  1.00 198.24 ? 7   U   A "C3'" 1 
ATOM   138  O  "O3'" . U   A 1 7  ? 0.402   -3.920  -1.257  1.00 198.59 ? 7   U   A "O3'" 1 
ATOM   139  C  "C2'" . U   A 1 7  ? 2.477   -2.896  -2.172  1.00 197.93 ? 7   U   A "C2'" 1 
ATOM   140  O  "O2'" . U   A 1 7  ? 2.426   -3.863  -3.205  1.00 197.75 ? 7   U   A "O2'" 1 
ATOM   141  C  "C1'" . U   A 1 7  ? 2.676   -1.499  -2.770  1.00 197.04 ? 7   U   A "C1'" 1 
ATOM   142  N  N1    . U   A 1 7  ? 3.368   -0.556  -1.880  1.00 196.49 ? 7   U   A N1    1 
ATOM   143  C  C2    . U   A 1 7  ? 4.744   -0.660  -1.747  1.00 196.48 ? 7   U   A C2    1 
ATOM   144  O  O2    . U   A 1 7  ? 5.407   -1.512  -2.299  1.00 195.87 ? 7   U   A O2    1 
ATOM   145  N  N3    . U   A 1 7  ? 5.316   0.279   -0.931  1.00 196.50 ? 7   U   A N3    1 
ATOM   146  C  C4    . U   A 1 7  ? 4.665   1.288   -0.247  1.00 196.33 ? 7   U   A C4    1 
ATOM   147  O  O4    . U   A 1 7  ? 5.330   2.105   0.384   1.00 196.38 ? 7   U   A O4    1 
ATOM   148  C  C5    . U   A 1 7  ? 3.242   1.316   -0.422  1.00 196.25 ? 7   U   A C5    1 
ATOM   149  C  C6    . U   A 1 7  ? 2.660   0.417   -1.213  1.00 196.36 ? 7   U   A C6    1 
ATOM   150  P  P     . A   A 1 8  ? 0.204   -4.502  0.230   1.00 197.71 ? 8   A   A P     1 
ATOM   151  O  OP1   . A   A 1 8  ? -0.830  -5.573  0.158   1.00 197.76 ? 8   A   A OP1   1 
ATOM   152  O  OP2   . A   A 1 8  ? 0.025   -3.369  1.184   1.00 196.84 ? 8   A   A OP2   1 
ATOM   153  O  "O5'" . A   A 1 8  ? 1.613   -5.193  0.524   1.00 198.61 ? 8   A   A "O5'" 1 
ATOM   154  C  "C5'" . A   A 1 8  ? 2.247   -6.035  -0.457  1.00 197.64 ? 8   A   A "C5'" 1 
ATOM   155  C  "C4'" . A   A 1 8  ? 3.728   -6.195  -0.145  1.00 196.63 ? 8   A   A "C4'" 1 
ATOM   156  O  "O4'" . A   A 1 8  ? 4.447   -4.972  -0.451  1.00 195.12 ? 8   A   A "O4'" 1 
ATOM   157  C  "C3'" . A   A 1 8  ? 4.057   -6.455  1.318   1.00 196.22 ? 8   A   A "C3'" 1 
ATOM   158  O  "O3'" . A   A 1 8  ? 3.902   -7.826  1.664   1.00 195.58 ? 8   A   A "O3'" 1 
ATOM   159  C  "C2'" . A   A 1 8  ? 5.504   -5.985  1.436   1.00 195.53 ? 8   A   A "C2'" 1 
ATOM   160  O  "O2'" . A   A 1 8  ? 6.485   -6.937  1.086   1.00 196.24 ? 8   A   A "O2'" 1 
ATOM   161  C  "C1'" . A   A 1 8  ? 5.517   -4.813  0.463   1.00 194.56 ? 8   A   A "C1'" 1 
ATOM   162  N  N9    . A   A 1 8  ? 5.303   -3.599  1.223   1.00 193.74 ? 8   A   A N9    1 
ATOM   163  C  C8    . A   A 1 8  ? 4.188   -2.817  1.378   1.00 193.42 ? 8   A   A C8    1 
ATOM   164  N  N7    . A   A 1 8  ? 4.367   -1.807  2.193   1.00 193.79 ? 8   A   A N7    1 
ATOM   165  C  C5    . A   A 1 8  ? 5.697   -1.935  2.592   1.00 194.27 ? 8   A   A C5    1 
ATOM   166  C  C6    . A   A 1 8  ? 6.528   -1.181  3.467   1.00 194.02 ? 8   A   A C6    1 
ATOM   167  N  N6    . A   A 1 8  ? 6.139   -0.096  4.135   1.00 194.18 ? 8   A   A N6    1 
ATOM   168  N  N1    . A   A 1 8  ? 7.796   -1.597  3.629   1.00 193.97 ? 8   A   A N1    1 
ATOM   169  C  C2    . A   A 1 8  ? 8.205   -2.684  2.967   1.00 194.72 ? 8   A   A C2    1 
ATOM   170  N  N3    . A   A 1 8  ? 7.536   -3.467  2.128   1.00 194.22 ? 8   A   A N3    1 
ATOM   171  C  C4    . A   A 1 8  ? 6.276   -3.034  1.987   1.00 194.14 ? 8   A   A C4    1 
ATOM   172  P  P     . U   A 1 9  ? 3.780   -8.234  3.210   1.00 193.23 ? 9   U   A P     1 
ATOM   173  O  OP1   . U   A 1 9  ? 3.475   -9.689  3.252   1.00 193.14 ? 9   U   A OP1   1 
ATOM   174  O  OP2   . U   A 1 9  ? 2.872   -7.264  3.885   1.00 192.91 ? 9   U   A OP2   1 
ATOM   175  O  "O5'" . U   A 1 9  ? 5.256   -8.004  3.752   1.00 190.87 ? 9   U   A "O5'" 1 
ATOM   176  C  "C5'" . U   A 1 9  ? 6.296   -8.920  3.439   1.00 185.99 ? 9   U   A "C5'" 1 
ATOM   177  C  "C4'" . U   A 1 9  ? 7.449   -8.698  4.375   1.00 183.04 ? 9   U   A "C4'" 1 
ATOM   178  O  "O4'" . U   A 1 9  ? 8.002   -7.384  4.103   1.00 181.75 ? 9   U   A "O4'" 1 
ATOM   179  C  "C3'" . U   A 1 9  ? 7.027   -8.631  5.836   1.00 181.08 ? 9   U   A "C3'" 1 
ATOM   180  O  "O3'" . U   A 1 9  ? 6.922   -9.912  6.444   1.00 178.42 ? 9   U   A "O3'" 1 
ATOM   181  C  "C2'" . U   A 1 9  ? 8.113   -7.760  6.446   1.00 180.84 ? 9   U   A "C2'" 1 
ATOM   182  O  "O2'" . U   A 1 9  ? 9.291   -8.464  6.785   1.00 178.98 ? 9   U   A "O2'" 1 
ATOM   183  C  "C1'" . U   A 1 9  ? 8.328   -6.738  5.324   1.00 181.77 ? 9   U   A "C1'" 1 
ATOM   184  N  N1    . U   A 1 9  ? 7.457   -5.555  5.479   1.00 182.09 ? 9   U   A N1    1 
ATOM   185  C  C2    . U   A 1 9  ? 7.965   -4.492  6.223   1.00 182.45 ? 9   U   A C2    1 
ATOM   186  O  O2    . U   A 1 9  ? 9.083   -4.491  6.691   1.00 184.15 ? 9   U   A O2    1 
ATOM   187  N  N3    . U   A 1 9  ? 7.123   -3.428  6.389   1.00 181.54 ? 9   U   A N3    1 
ATOM   188  C  C4    . U   A 1 9  ? 5.857   -3.306  5.909   1.00 181.36 ? 9   U   A C4    1 
ATOM   189  O  O4    . U   A 1 9  ? 5.237   -2.288  6.171   1.00 182.03 ? 9   U   A O4    1 
ATOM   190  C  C5    . U   A 1 9  ? 5.386   -4.423  5.126   1.00 180.91 ? 9   U   A C5    1 
ATOM   191  C  C6    . U   A 1 9  ? 6.183   -5.485  4.943   1.00 181.16 ? 9   U   A C6    1 
ATOM   192  P  P     . G   A 1 10 ? 5.720   -10.210 7.476   1.00 175.95 ? 10  G   A P     1 
ATOM   193  O  OP1   . G   A 1 10 ? 5.462   -11.662 7.419   1.00 175.91 ? 10  G   A OP1   1 
ATOM   194  O  OP2   . G   A 1 10 ? 4.591   -9.270  7.244   1.00 176.59 ? 10  G   A OP2   1 
ATOM   195  O  "O5'" . G   A 1 10 ? 6.367   -9.849  8.882   1.00 171.71 ? 10  G   A "O5'" 1 
ATOM   196  C  "C5'" . G   A 1 10 ? 7.658   -10.308 9.203   1.00 164.97 ? 10  G   A "C5'" 1 
ATOM   197  C  "C4'" . G   A 1 10 ? 8.386   -9.275  9.991   1.00 161.50 ? 10  G   A "C4'" 1 
ATOM   198  O  "O4'" . G   A 1 10 ? 8.498   -8.073  9.189   1.00 159.56 ? 10  G   A "O4'" 1 
ATOM   199  C  "C3'" . G   A 1 10 ? 7.649   -8.778  11.216  1.00 159.94 ? 10  G   A "C3'" 1 
ATOM   200  O  "O3'" . G   A 1 10 ? 7.731   -9.618  12.354  1.00 157.81 ? 10  G   A "O3'" 1 
ATOM   201  C  "C2'" . G   A 1 10 ? 8.331   -7.439  11.479  1.00 161.55 ? 10  G   A "C2'" 1 
ATOM   202  O  "O2'" . G   A 1 10 ? 9.519   -7.479  12.246  1.00 161.32 ? 10  G   A "O2'" 1 
ATOM   203  C  "C1'" . G   A 1 10 ? 8.585   -6.946  10.057  1.00 162.41 ? 10  G   A "C1'" 1 
ATOM   204  N  N9    . G   A 1 10 ? 7.576   -5.950  9.698   1.00 164.07 ? 10  G   A N9    1 
ATOM   205  C  C8    . G   A 1 10 ? 6.460   -6.112  8.911   1.00 165.11 ? 10  G   A C8    1 
ATOM   206  N  N7    . G   A 1 10 ? 5.771   -5.008  8.772   1.00 164.68 ? 10  G   A N7    1 
ATOM   207  C  C5    . G   A 1 10 ? 6.475   -4.066  9.511   1.00 164.90 ? 10  G   A C5    1 
ATOM   208  C  C6    . G   A 1 10 ? 6.222   -2.715  9.714   1.00 164.67 ? 10  G   A C6    1 
ATOM   209  O  O6    . G   A 1 10 ? 5.318   -2.040  9.258   1.00 166.13 ? 10  G   A O6    1 
ATOM   210  N  N1    . G   A 1 10 ? 7.162   -2.134  10.547  1.00 164.32 ? 10  G   A N1    1 
ATOM   211  C  C2    . G   A 1 10 ? 8.222   -2.783  11.112  1.00 164.10 ? 10  G   A C2    1 
ATOM   212  N  N2    . G   A 1 10 ? 9.005   -2.053  11.900  1.00 164.18 ? 10  G   A N2    1 
ATOM   213  N  N3    . G   A 1 10 ? 8.487   -4.055  10.917  1.00 163.96 ? 10  G   A N3    1 
ATOM   214  C  C4    . G   A 1 10 ? 7.577   -4.636  10.106  1.00 164.58 ? 10  G   A C4    1 
ATOM   215  P  P     . U   A 1 11 ? 7.015   -9.150  13.718  1.00 156.67 ? 11  U   A P     1 
ATOM   216  O  OP1   . U   A 1 11 ? 7.471   -9.947  14.869  1.00 158.07 ? 11  U   A OP1   1 
ATOM   217  O  OP2   . U   A 1 11 ? 5.579   -9.041  13.448  1.00 157.95 ? 11  U   A OP2   1 
ATOM   218  O  "O5'" . U   A 1 11 ? 7.605   -7.706  14.000  1.00 155.27 ? 11  U   A "O5'" 1 
ATOM   219  C  "C5'" . U   A 1 11 ? 8.611   -7.526  14.969  1.00 154.09 ? 11  U   A "C5'" 1 
ATOM   220  C  "C4'" . U   A 1 11 ? 8.375   -6.245  15.689  1.00 154.14 ? 11  U   A "C4'" 1 
ATOM   221  O  "O4'" . U   A 1 11 ? 8.384   -5.192  14.689  1.00 154.02 ? 11  U   A "O4'" 1 
ATOM   222  C  "C3'" . U   A 1 11 ? 6.989   -6.125  16.291  1.00 154.00 ? 11  U   A "C3'" 1 
ATOM   223  O  "O3'" . U   A 1 11 ? 6.869   -6.749  17.558  1.00 154.94 ? 11  U   A "O3'" 1 
ATOM   224  C  "C2'" . U   A 1 11 ? 6.830   -4.618  16.382  1.00 154.98 ? 11  U   A "C2'" 1 
ATOM   225  O  "O2'" . U   A 1 11 ? 7.553   -4.064  17.464  1.00 154.55 ? 11  U   A "O2'" 1 
ATOM   226  C  "C1'" . U   A 1 11 ? 7.445   -4.186  15.048  1.00 154.48 ? 11  U   A "C1'" 1 
ATOM   227  N  N1    . U   A 1 11 ? 6.436   -4.053  13.978  1.00 154.81 ? 11  U   A N1    1 
ATOM   228  C  C2    . U   A 1 11 ? 5.837   -2.822  13.831  1.00 154.82 ? 11  U   A C2    1 
ATOM   229  O  O2    . U   A 1 11 ? 6.156   -1.870  14.513  1.00 156.17 ? 11  U   A O2    1 
ATOM   230  N  N3    . U   A 1 11 ? 4.859   -2.749  12.858  1.00 153.44 ? 11  U   A N3    1 
ATOM   231  C  C4    . U   A 1 11 ? 4.443   -3.757  12.024  1.00 152.05 ? 11  U   A C4    1 
ATOM   232  O  O4    . U   A 1 11 ? 3.562   -3.537  11.198  1.00 149.33 ? 11  U   A O4    1 
ATOM   233  C  C5    . U   A 1 11 ? 5.125   -4.995  12.211  1.00 152.91 ? 11  U   A C5    1 
ATOM   234  C  C6    . U   A 1 11 ? 6.080   -5.103  13.159  1.00 154.41 ? 11  U   A C6    1 
ATOM   235  P  P     . G   A 1 12 ? 5.471   -7.421  17.968  1.00 154.24 ? 12  G   A P     1 
ATOM   236  O  OP1   . G   A 1 12 ? 5.708   -8.373  19.059  1.00 156.09 ? 12  G   A OP1   1 
ATOM   237  O  OP2   . G   A 1 12 ? 4.907   -7.911  16.698  1.00 155.53 ? 12  G   A OP2   1 
ATOM   238  O  "O5'" . G   A 1 12 ? 4.591   -6.239  18.576  1.00 153.29 ? 12  G   A "O5'" 1 
ATOM   239  C  "C5'" . G   A 1 12 ? 4.967   -5.639  19.794  1.00 152.90 ? 12  G   A "C5'" 1 
ATOM   240  C  "C4'" . G   A 1 12 ? 4.456   -4.237  19.860  1.00 154.52 ? 12  G   A "C4'" 1 
ATOM   241  O  "O4'" . G   A 1 12 ? 4.787   -3.549  18.635  1.00 153.24 ? 12  G   A "O4'" 1 
ATOM   242  C  "C3'" . G   A 1 12 ? 2.957   -4.122  19.902  1.00 156.22 ? 12  G   A "C3'" 1 
ATOM   243  O  "O3'" . G   A 1 12 ? 2.474   -4.348  21.203  1.00 160.97 ? 12  G   A "O3'" 1 
ATOM   244  C  "C2'" . G   A 1 12 ? 2.735   -2.693  19.442  1.00 154.93 ? 12  G   A "C2'" 1 
ATOM   245  O  "O2'" . G   A 1 12 ? 2.970   -1.730  20.455  1.00 152.91 ? 12  G   A "O2'" 1 
ATOM   246  C  "C1'" . G   A 1 12 ? 3.770   -2.604  18.324  1.00 154.26 ? 12  G   A "C1'" 1 
ATOM   247  N  N9    . G   A 1 12 ? 3.242   -2.940  17.001  1.00 155.26 ? 12  G   A N9    1 
ATOM   248  C  C8    . G   A 1 12 ? 3.610   -4.008  16.222  1.00 155.64 ? 12  G   A C8    1 
ATOM   249  N  N7    . G   A 1 12 ? 2.972   -4.056  15.077  1.00 155.78 ? 12  G   A N7    1 
ATOM   250  C  C5    . G   A 1 12 ? 2.128   -2.960  15.103  1.00 156.58 ? 12  G   A C5    1 
ATOM   251  C  C6    . G   A 1 12 ? 1.190   -2.507  14.142  1.00 157.56 ? 12  G   A C6    1 
ATOM   252  O  O6    . G   A 1 12 ? 0.894   -3.010  13.046  1.00 158.19 ? 12  G   A O6    1 
ATOM   253  N  N1    . G   A 1 12 ? 0.562   -1.338  14.561  1.00 157.84 ? 12  G   A N1    1 
ATOM   254  C  C2    . G   A 1 12 ? 0.794   -0.693  15.754  1.00 157.74 ? 12  G   A C2    1 
ATOM   255  N  N2    . G   A 1 12 ? 0.106   0.437   15.961  1.00 158.95 ? 12  G   A N2    1 
ATOM   256  N  N3    . G   A 1 12 ? 1.647   -1.118  16.671  1.00 157.39 ? 12  G   A N3    1 
ATOM   257  C  C4    . G   A 1 12 ? 2.280   -2.248  16.282  1.00 156.37 ? 12  G   A C4    1 
ATOM   258  P  P     . G   A 1 13 ? 1.078   -5.096  21.386  1.00 163.66 ? 13  G   A P     1 
ATOM   259  O  OP1   . G   A 1 13 ? 0.974   -5.507  22.809  1.00 163.73 ? 13  G   A OP1   1 
ATOM   260  O  OP2   . G   A 1 13 ? 1.037   -6.131  20.306  1.00 162.47 ? 13  G   A OP2   1 
ATOM   261  O  "O5'" . G   A 1 13 ? 0.013   -3.929  21.161  1.00 162.60 ? 13  G   A "O5'" 1 
ATOM   262  C  "C5'" . G   A 1 13 ? 0.000   -2.799  22.022  1.00 163.43 ? 13  G   A "C5'" 1 
ATOM   263  C  "C4'" . G   A 1 13 ? -0.826  -1.698  21.430  1.00 165.67 ? 13  G   A "C4'" 1 
ATOM   264  O  "O4'" . G   A 1 13 ? -0.273  -1.331  20.138  1.00 164.73 ? 13  G   A "O4'" 1 
ATOM   265  C  "C3'" . G   A 1 13 ? -2.269  -2.038  21.097  1.00 167.55 ? 13  G   A "C3'" 1 
ATOM   266  O  "O3'" . G   A 1 13 ? -3.134  -2.006  22.244  1.00 171.82 ? 13  G   A "O3'" 1 
ATOM   267  C  "C2'" . G   A 1 13 ? -2.616  -0.938  20.092  1.00 167.05 ? 13  G   A "C2'" 1 
ATOM   268  O  "O2'" . G   A 1 13 ? -2.928  0.319   20.669  1.00 166.64 ? 13  G   A "O2'" 1 
ATOM   269  C  "C1'" . G   A 1 13 ? -1.317  -0.848  19.291  1.00 165.86 ? 13  G   A "C1'" 1 
ATOM   270  N  N9    . G   A 1 13 ? -1.382  -1.675  18.085  1.00 164.23 ? 13  G   A N9    1 
ATOM   271  C  C8    . G   A 1 13 ? -0.591  -2.753  17.782  1.00 163.37 ? 13  G   A C8    1 
ATOM   272  N  N7    . G   A 1 13 ? -0.916  -3.325  16.657  1.00 162.26 ? 13  G   A N7    1 
ATOM   273  C  C5    . G   A 1 13 ? -1.980  -2.575  16.184  1.00 162.54 ? 13  G   A C5    1 
ATOM   274  C  C6    . G   A 1 13 ? -2.747  -2.741  15.030  1.00 162.56 ? 13  G   A C6    1 
ATOM   275  O  O6    . G   A 1 13 ? -2.642  -3.604  14.173  1.00 163.43 ? 13  G   A O6    1 
ATOM   276  N  N1    . G   A 1 13 ? -3.733  -1.770  14.918  1.00 162.86 ? 13  G   A N1    1 
ATOM   277  C  C2    . G   A 1 13 ? -3.941  -0.755  15.808  1.00 162.84 ? 13  G   A C2    1 
ATOM   278  N  N2    . G   A 1 13 ? -4.930  0.098   15.494  1.00 163.31 ? 13  G   A N2    1 
ATOM   279  N  N3    . G   A 1 13 ? -3.227  -0.591  16.912  1.00 163.10 ? 13  G   A N3    1 
ATOM   280  C  C4    . G   A 1 13 ? -2.270  -1.542  17.039  1.00 163.33 ? 13  G   A C4    1 
ATOM   281  P  P     . G   A 1 14 ? -4.419  -2.997  22.321  1.00 174.16 ? 14  G   A P     1 
ATOM   282  O  OP1   . G   A 1 14 ? -4.969  -2.926  23.699  1.00 175.01 ? 14  G   A OP1   1 
ATOM   283  O  OP2   . G   A 1 14 ? -4.049  -4.311  21.732  1.00 173.99 ? 14  G   A OP2   1 
ATOM   284  O  "O5'" . G   A 1 14 ? -5.518  -2.331  21.383  1.00 175.73 ? 14  G   A "O5'" 1 
ATOM   285  C  "C5'" . G   A 1 14 ? -6.260  -1.195  21.816  1.00 176.86 ? 14  G   A "C5'" 1 
ATOM   286  C  "C4'" . G   A 1 14 ? -7.199  -0.750  20.724  1.00 178.06 ? 14  G   A "C4'" 1 
ATOM   287  O  "O4'" . G   A 1 14 ? -6.419  -0.427  19.535  1.00 175.75 ? 14  G   A "O4'" 1 
ATOM   288  C  "C3'" . G   A 1 14 ? -8.172  -1.819  20.249  1.00 179.35 ? 14  G   A "C3'" 1 
ATOM   289  O  "O3'" . G   A 1 14 ? -9.318  -1.901  21.100  1.00 184.51 ? 14  G   A "O3'" 1 
ATOM   290  C  "C2'" . G   A 1 14 ? -8.490  -1.334  18.836  1.00 177.78 ? 14  G   A "C2'" 1 
ATOM   291  O  "O2'" . G   A 1 14 ? -9.419  -0.269  18.774  1.00 177.95 ? 14  G   A "O2'" 1 
ATOM   292  C  "C1'" . G   A 1 14 ? -7.118  -0.842  18.375  1.00 175.28 ? 14  G   A "C1'" 1 
ATOM   293  N  N9    . G   A 1 14 ? -6.404  -1.955  17.760  1.00 172.78 ? 14  G   A N9    1 
ATOM   294  C  C8    . G   A 1 14 ? -5.449  -2.772  18.317  1.00 172.75 ? 14  G   A C8    1 
ATOM   295  N  N7    . G   A 1 14 ? -5.095  -3.754  17.532  1.00 171.01 ? 14  G   A N7    1 
ATOM   296  C  C5    . G   A 1 14 ? -5.849  -3.555  16.389  1.00 169.80 ? 14  G   A C5    1 
ATOM   297  C  C6    . G   A 1 14 ? -5.940  -4.308  15.219  1.00 167.98 ? 14  G   A C6    1 
ATOM   298  O  O6    . G   A 1 14 ? -5.391  -5.364  14.949  1.00 166.94 ? 14  G   A O6    1 
ATOM   299  N  N1    . G   A 1 14 ? -6.809  -3.733  14.312  1.00 167.86 ? 14  G   A N1    1 
ATOM   300  C  C2    . G   A 1 14 ? -7.523  -2.592  14.528  1.00 168.21 ? 14  G   A C2    1 
ATOM   301  N  N2    . G   A 1 14 ? -8.310  -2.186  13.549  1.00 169.21 ? 14  G   A N2    1 
ATOM   302  N  N3    . G   A 1 14 ? -7.473  -1.893  15.625  1.00 169.04 ? 14  G   A N3    1 
ATOM   303  C  C4    . G   A 1 14 ? -6.628  -2.426  16.509  1.00 170.49 ? 14  G   A C4    1 
ATOM   304  P  P     . G   A 1 15 ? -10.220 -3.234  21.089  1.00 187.35 ? 15  G   A P     1 
ATOM   305  O  OP1   . G   A 1 15 ? -11.343 -3.048  22.047  1.00 187.20 ? 15  G   A OP1   1 
ATOM   306  O  OP2   . G   A 1 15 ? -9.298  -4.399  21.233  1.00 186.42 ? 15  G   A OP2   1 
ATOM   307  O  "O5'" . G   A 1 15 ? -10.850 -3.253  19.624  1.00 190.33 ? 15  G   A "O5'" 1 
ATOM   308  C  "C5'" . G   A 1 15 ? -11.698 -2.189  19.179  1.00 194.78 ? 15  G   A "C5'" 1 
ATOM   309  C  "C4'" . G   A 1 15 ? -12.368 -2.539  17.857  1.00 197.66 ? 15  G   A "C4'" 1 
ATOM   310  O  "O4'" . G   A 1 15 ? -11.438 -2.428  16.737  1.00 197.18 ? 15  G   A "O4'" 1 
ATOM   311  C  "C3'" . G   A 1 15 ? -12.932 -3.949  17.760  1.00 199.45 ? 15  G   A "C3'" 1 
ATOM   312  O  "O3'" . G   A 1 15 ? -14.210 -4.070  18.382  1.00 202.01 ? 15  G   A "O3'" 1 
ATOM   313  C  "C2'" . G   A 1 15 ? -12.944 -4.183  16.251  1.00 198.91 ? 15  G   A "C2'" 1 
ATOM   314  O  "O2'" . G   A 1 15 ? -14.044 -3.593  15.577  1.00 198.66 ? 15  G   A "O2'" 1 
ATOM   315  C  "C1'" . G   A 1 15 ? -11.619 -3.527  15.849  1.00 197.81 ? 15  G   A "C1'" 1 
ATOM   316  N  N9    . G   A 1 15 ? -10.521 -4.459  16.076  1.00 196.99 ? 15  G   A N9    1 
ATOM   317  C  C8    . G   A 1 15 ? -9.676  -4.477  17.162  1.00 197.27 ? 15  G   A C8    1 
ATOM   318  N  N7    . G   A 1 15 ? -8.837  -5.472  17.144  1.00 196.80 ? 15  G   A N7    1 
ATOM   319  C  C5    . G   A 1 15 ? -9.132  -6.142  15.969  1.00 195.53 ? 15  G   A C5    1 
ATOM   320  C  C6    . G   A 1 15 ? -8.567  -7.291  15.438  1.00 194.46 ? 15  G   A C6    1 
ATOM   321  O  O6    . G   A 1 15 ? -7.660  -7.975  15.915  1.00 194.50 ? 15  G   A O6    1 
ATOM   322  N  N1    . G   A 1 15 ? -9.157  -7.641  14.233  1.00 193.67 ? 15  G   A N1    1 
ATOM   323  C  C2    . G   A 1 15 ? -10.173 -6.956  13.626  1.00 193.58 ? 15  G   A C2    1 
ATOM   324  N  N2    . G   A 1 15 ? -10.622 -7.457  12.474  1.00 192.94 ? 15  G   A N2    1 
ATOM   325  N  N3    . G   A 1 15 ? -10.712 -5.865  14.114  1.00 194.43 ? 15  G   A N3    1 
ATOM   326  C  C4    . G   A 1 15 ? -10.152 -5.521  15.285  1.00 195.78 ? 15  G   A C4    1 
ATOM   327  P  P     . A   A 1 16 ? -14.947 -5.494  18.414  1.00 203.05 ? 16  A   A P     1 
ATOM   328  O  OP1   . A   A 1 16 ? -13.922 -6.565  18.462  1.00 202.52 ? 16  A   A OP1   1 
ATOM   329  O  OP2   . A   A 1 16 ? -15.907 -5.457  17.281  1.00 202.26 ? 16  A   A OP2   1 
ATOM   330  O  "O5'" . A   A 1 16 ? -15.721 -5.488  19.808  1.00 204.96 ? 16  A   A "O5'" 1 
ATOM   331  C  "C5'" . A   A 1 16 ? -15.041 -5.153  21.009  1.00 209.21 ? 16  A   A "C5'" 1 
ATOM   332  C  "C4'" . A   A 1 16 ? -15.214 -6.247  22.042  1.00 213.15 ? 16  A   A "C4'" 1 
ATOM   333  O  "O4'" . A   A 1 16 ? -16.624 -6.398  22.398  1.00 214.83 ? 16  A   A "O4'" 1 
ATOM   334  C  "C3'" . A   A 1 16 ? -14.874 -7.676  21.646  1.00 215.06 ? 16  A   A "C3'" 1 
ATOM   335  O  "O3'" . A   A 1 16 ? -13.492 -7.973  21.541  1.00 216.15 ? 16  A   A "O3'" 1 
ATOM   336  C  "C2'" . A   A 1 16 ? -15.507 -8.461  22.789  1.00 215.75 ? 16  A   A "C2'" 1 
ATOM   337  O  "O2'" . A   A 1 16 ? -14.736 -8.445  23.982  1.00 215.35 ? 16  A   A "O2'" 1 
ATOM   338  C  "C1'" . A   A 1 16 ? -16.818 -7.693  22.978  1.00 215.97 ? 16  A   A "C1'" 1 
ATOM   339  N  N9    . A   A 1 16 ? -17.975 -8.380  22.376  1.00 216.68 ? 16  A   A N9    1 
ATOM   340  C  C8    . A   A 1 16 ? -18.725 -9.349  23.013  1.00 216.45 ? 16  A   A C8    1 
ATOM   341  N  N7    . A   A 1 16 ? -19.652 -9.884  22.258  1.00 217.01 ? 16  A   A N7    1 
ATOM   342  C  C5    . A   A 1 16 ? -19.527 -9.218  21.044  1.00 217.50 ? 16  A   A C5    1 
ATOM   343  C  C6    . A   A 1 16 ? -20.230 -9.330  19.819  1.00 218.00 ? 16  A   A C6    1 
ATOM   344  N  N6    . A   A 1 16 ? -21.226 -10.192 19.604  1.00 218.65 ? 16  A   A N6    1 
ATOM   345  N  N1    . A   A 1 16 ? -19.864 -8.516  18.812  1.00 217.24 ? 16  A   A N1    1 
ATOM   346  C  C2    . A   A 1 16 ? -18.865 -7.654  19.022  1.00 217.08 ? 16  A   A C2    1 
ATOM   347  N  N3    . A   A 1 16 ? -18.132 -7.450  20.115  1.00 217.18 ? 16  A   A N3    1 
ATOM   348  C  C4    . A   A 1 16 ? -18.512 -8.274  21.106  1.00 217.29 ? 16  A   A C4    1 
ATOM   349  P  P     . A   A 1 17 ? -13.033 -9.385  20.907  1.00 216.99 ? 17  A   A P     1 
ATOM   350  O  OP1   . A   A 1 17 ? -11.553 -9.359  20.859  1.00 217.87 ? 17  A   A OP1   1 
ATOM   351  O  OP2   . A   A 1 17 ? -13.799 -9.642  19.653  1.00 216.15 ? 17  A   A OP2   1 
ATOM   352  O  "O5'" . A   A 1 17 ? -13.457 -10.457 22.013  1.00 218.11 ? 17  A   A "O5'" 1 
ATOM   353  C  "C5'" . A   A 1 17 ? -13.567 -11.840 21.686  1.00 219.18 ? 17  A   A "C5'" 1 
ATOM   354  C  "C4'" . A   A 1 17 ? -14.845 -12.422 22.251  1.00 219.72 ? 17  A   A "C4'" 1 
ATOM   355  O  "O4'" . A   A 1 17 ? -15.950 -11.491 22.056  1.00 220.11 ? 17  A   A "O4'" 1 
ATOM   356  C  "C3'" . A   A 1 17 ? -15.302 -13.689 21.542  1.00 219.95 ? 17  A   A "C3'" 1 
ATOM   357  O  "O3'" . A   A 1 17 ? -14.687 -14.867 22.024  1.00 220.29 ? 17  A   A "O3'" 1 
ATOM   358  C  "C2'" . A   A 1 17 ? -16.812 -13.678 21.750  1.00 219.62 ? 17  A   A "C2'" 1 
ATOM   359  O  "O2'" . A   A 1 17 ? -17.222 -14.129 23.028  1.00 219.19 ? 17  A   A "O2'" 1 
ATOM   360  C  "C1'" . A   A 1 17 ? -17.104 -12.188 21.581  1.00 218.97 ? 17  A   A "C1'" 1 
ATOM   361  N  N9    . A   A 1 17 ? -17.309 -11.801 20.183  1.00 217.15 ? 17  A   A N9    1 
ATOM   362  C  C8    . A   A 1 17 ? -16.469 -11.024 19.430  1.00 216.35 ? 17  A   A C8    1 
ATOM   363  N  N7    . A   A 1 17 ? -16.915 -10.777 18.221  1.00 215.24 ? 17  A   A N7    1 
ATOM   364  C  C5    . A   A 1 17 ? -18.130 -11.447 18.172  1.00 214.85 ? 17  A   A C5    1 
ATOM   365  C  C6    . A   A 1 17 ? -19.105 -11.565 17.165  1.00 214.45 ? 17  A   A C6    1 
ATOM   366  N  N6    . A   A 1 17 ? -19.028 -10.969 15.973  1.00 213.04 ? 17  A   A N6    1 
ATOM   367  N  N1    . A   A 1 17 ? -20.183 -12.320 17.431  1.00 214.92 ? 17  A   A N1    1 
ATOM   368  C  C2    . A   A 1 17 ? -20.275 -12.908 18.631  1.00 215.31 ? 17  A   A C2    1 
ATOM   369  N  N3    . A   A 1 17 ? -19.433 -12.864 19.659  1.00 215.21 ? 17  A   A N3    1 
ATOM   370  C  C4    . A   A 1 17 ? -18.373 -12.104 19.362  1.00 215.77 ? 17  A   A C4    1 
ATOM   371  P  P     . A   A 1 18 ? -14.750 -16.192 21.123  1.00 220.28 ? 18  A   A P     1 
ATOM   372  O  OP1   . A   A 1 18 ? -14.463 -17.358 22.005  1.00 220.32 ? 18  A   A OP1   1 
ATOM   373  O  OP2   . A   A 1 18 ? -13.933 -15.972 19.894  1.00 219.97 ? 18  A   A OP2   1 
ATOM   374  O  "O5'" . A   A 1 18 ? -16.283 -16.252 20.684  1.00 219.37 ? 18  A   A "O5'" 1 
ATOM   375  C  "C5'" . A   A 1 18 ? -17.258 -16.903 21.492  1.00 217.00 ? 18  A   A "C5'" 1 
ATOM   376  C  "C4'" . A   A 1 18 ? -18.286 -17.571 20.616  1.00 214.96 ? 18  A   A "C4'" 1 
ATOM   377  O  "O4'" . A   A 1 18 ? -19.000 -16.536 19.893  1.00 213.48 ? 18  A   A "O4'" 1 
ATOM   378  C  "C3'" . A   A 1 18 ? -17.699 -18.469 19.528  1.00 214.21 ? 18  A   A "C3'" 1 
ATOM   379  O  "O3'" . A   A 1 18 ? -17.470 -19.812 19.997  1.00 214.55 ? 18  A   A "O3'" 1 
ATOM   380  C  "C2'" . A   A 1 18 ? -18.803 -18.453 18.489  1.00 213.12 ? 18  A   A "C2'" 1 
ATOM   381  O  "O2'" . A   A 1 18 ? -19.806 -19.402 18.806  1.00 212.03 ? 18  A   A "O2'" 1 
ATOM   382  C  "C1'" . A   A 1 18 ? -19.328 -17.015 18.605  1.00 212.87 ? 18  A   A "C1'" 1 
ATOM   383  N  N9    . A   A 1 18 ? -18.786 -16.074 17.628  1.00 212.05 ? 18  A   A N9    1 
ATOM   384  C  C8    . A   A 1 18 ? -17.723 -15.242 17.797  1.00 211.99 ? 18  A   A C8    1 
ATOM   385  N  N7    . A   A 1 18 ? -17.496 -14.465 16.772  1.00 212.22 ? 18  A   A N7    1 
ATOM   386  C  C5    . A   A 1 18 ? -18.478 -14.818 15.854  1.00 211.60 ? 18  A   A C5    1 
ATOM   387  C  C6    . A   A 1 18 ? -18.793 -14.349 14.547  1.00 210.95 ? 18  A   A C6    1 
ATOM   388  N  N6    . A   A 1 18 ? -18.134 -13.380 13.914  1.00 210.64 ? 18  A   A N6    1 
ATOM   389  N  N1    . A   A 1 18 ? -19.830 -14.924 13.909  1.00 210.46 ? 18  A   A N1    1 
ATOM   390  C  C2    . A   A 1 18 ? -20.491 -15.892 14.524  1.00 211.11 ? 18  A   A C2    1 
ATOM   391  N  N3    . A   A 1 18 ? -20.294 -16.417 15.739  1.00 211.96 ? 18  A   A N3    1 
ATOM   392  C  C4    . A   A 1 18 ? -19.264 -15.822 16.363  1.00 211.89 ? 18  A   A C4    1 
ATOM   393  P  P     . C   A 1 19 ? -16.272 -20.712 19.366  1.00 214.82 ? 19  C   A P     1 
ATOM   394  O  OP1   . C   A 1 19 ? -16.326 -22.024 20.051  1.00 215.86 ? 19  C   A OP1   1 
ATOM   395  O  OP2   . C   A 1 19 ? -15.004 -19.939 19.382  1.00 215.07 ? 19  C   A OP2   1 
ATOM   396  O  "O5'" . C   A 1 19 ? -16.690 -20.966 17.844  1.00 213.02 ? 19  C   A "O5'" 1 
ATOM   397  C  "C5'" . C   A 1 19 ? -16.488 -22.243 17.210  1.00 208.41 ? 19  C   A "C5'" 1 
ATOM   398  C  "C4'" . C   A 1 19 ? -17.626 -22.514 16.262  1.00 205.76 ? 19  C   A "C4'" 1 
ATOM   399  O  "O4'" . C   A 1 19 ? -18.620 -21.468 16.499  1.00 204.00 ? 19  C   A "O4'" 1 
ATOM   400  C  "C3'" . C   A 1 19 ? -17.315 -22.391 14.772  1.00 205.06 ? 19  C   A "C3'" 1 
ATOM   401  O  "O3'" . C   A 1 19 ? -16.853 -23.599 14.157  1.00 205.75 ? 19  C   A "O3'" 1 
ATOM   402  C  "C2'" . C   A 1 19 ? -18.668 -21.982 14.206  1.00 204.09 ? 19  C   A "C2'" 1 
ATOM   403  O  "O2'" . C   A 1 19 ? -19.580 -23.042 14.065  1.00 203.98 ? 19  C   A "O2'" 1 
ATOM   404  C  "C1'" . C   A 1 19 ? -19.137 -20.999 15.264  1.00 202.98 ? 19  C   A "C1'" 1 
ATOM   405  N  N1    . C   A 1 19 ? -18.533 -19.699 14.967  1.00 201.47 ? 19  C   A N1    1 
ATOM   406  C  C2    . C   A 1 19 ? -18.770 -19.134 13.722  1.00 200.85 ? 19  C   A C2    1 
ATOM   407  O  O2    . C   A 1 19 ? -19.504 -19.732 12.924  1.00 200.07 ? 19  C   A O2    1 
ATOM   408  N  N3    . C   A 1 19 ? -18.182 -17.962 13.413  1.00 200.43 ? 19  C   A N3    1 
ATOM   409  C  C4    . C   A 1 19 ? -17.386 -17.362 14.301  1.00 200.16 ? 19  C   A C4    1 
ATOM   410  N  N4    . C   A 1 19 ? -16.802 -16.227 13.946  1.00 199.98 ? 19  C   A N4    1 
ATOM   411  C  C5    . C   A 1 19 ? -17.148 -17.908 15.586  1.00 199.96 ? 19  C   A C5    1 
ATOM   412  C  C6    . C   A 1 19 ? -17.736 -19.068 15.874  1.00 200.72 ? 19  C   A C6    1 
ATOM   413  P  P     . C   A 1 20 ? -16.778 -23.687 12.538  1.00 206.18 ? 20  C   A P     1 
ATOM   414  O  OP1   . C   A 1 20 ? -17.401 -24.946 12.075  1.00 206.72 ? 20  C   A OP1   1 
ATOM   415  O  OP2   . C   A 1 20 ? -15.420 -23.335 12.059  1.00 206.15 ? 20  C   A OP2   1 
ATOM   416  O  "O5'" . C   A 1 20 ? -17.769 -22.542 12.062  1.00 206.19 ? 20  C   A "O5'" 1 
ATOM   417  C  "C5'" . C   A 1 20 ? -18.807 -22.825 11.159  1.00 206.76 ? 20  C   A "C5'" 1 
ATOM   418  C  "C4'" . C   A 1 20 ? -18.549 -22.087 9.902   1.00 207.71 ? 20  C   A "C4'" 1 
ATOM   419  O  "O4'" . C   A 1 20 ? -18.486 -20.677 10.249  1.00 208.80 ? 20  C   A "O4'" 1 
ATOM   420  C  "C3'" . C   A 1 20 ? -17.164 -22.330 9.336   1.00 207.89 ? 20  C   A "C3'" 1 
ATOM   421  O  "O3'" . C   A 1 20 ? -17.082 -23.536 8.590   1.00 207.12 ? 20  C   A "O3'" 1 
ATOM   422  C  "C2'" . C   A 1 20 ? -16.977 -21.092 8.471   1.00 208.73 ? 20  C   A "C2'" 1 
ATOM   423  O  "O2'" . C   A 1 20 ? -17.714 -21.148 7.265   1.00 208.86 ? 20  C   A "O2'" 1 
ATOM   424  C  "C1'" . C   A 1 20 ? -17.593 -20.015 9.363   1.00 209.86 ? 20  C   A "C1'" 1 
ATOM   425  N  N1    . C   A 1 20 ? -16.617 -19.203 10.133  1.00 210.64 ? 20  C   A N1    1 
ATOM   426  C  C2    . C   A 1 20 ? -15.989 -18.129 9.476   1.00 210.99 ? 20  C   A C2    1 
ATOM   427  O  O2    . C   A 1 20 ? -16.247 -17.921 8.282   1.00 210.99 ? 20  C   A O2    1 
ATOM   428  N  N3    . C   A 1 20 ? -15.115 -17.353 10.158  1.00 210.63 ? 20  C   A N3    1 
ATOM   429  C  C4    . C   A 1 20 ? -14.851 -17.610 11.439  1.00 210.24 ? 20  C   A C4    1 
ATOM   430  N  N4    . C   A 1 20 ? -14.001 -16.803 12.069  1.00 209.84 ? 20  C   A N4    1 
ATOM   431  C  C5    . C   A 1 20 ? -15.459 -18.708 12.129  1.00 210.36 ? 20  C   A C5    1 
ATOM   432  C  C6    . C   A 1 20 ? -16.329 -19.476 11.443  1.00 210.64 ? 20  C   A C6    1 
ATOM   433  P  P     . C   A 1 21 ? -15.651 -24.038 8.054   1.00 200.09 ? 21  C   A P     1 
ATOM   434  O  OP1   . C   A 1 21 ? -15.821 -25.379 7.446   1.00 200.92 ? 21  C   A OP1   1 
ATOM   435  O  OP2   . C   A 1 21 ? -14.666 -23.847 9.148   1.00 199.24 ? 21  C   A OP2   1 
ATOM   436  O  "O5'" . C   A 1 21 ? -15.333 -23.050 6.846   1.00 200.20 ? 21  C   A "O5'" 1 
ATOM   437  C  "C5'" . C   A 1 21 ? -16.320 -22.781 5.856   1.00 200.71 ? 21  C   A "C5'" 1 
ATOM   438  C  "C4'" . C   A 1 21 ? -15.925 -21.576 5.051   1.00 201.42 ? 21  C   A "C4'" 1 
ATOM   439  O  "O4'" . C   A 1 21 ? -15.935 -20.360 5.852   1.00 201.69 ? 21  C   A "O4'" 1 
ATOM   440  C  "C3'" . C   A 1 21 ? -14.493 -21.654 4.598   1.00 201.97 ? 21  C   A "C3'" 1 
ATOM   441  O  "O3'" . C   A 1 21 ? -14.382 -22.520 3.501   1.00 201.97 ? 21  C   A "O3'" 1 
ATOM   442  C  "C2'" . C   A 1 21 ? -14.179 -20.206 4.256   1.00 202.53 ? 21  C   A "C2'" 1 
ATOM   443  O  "O2'" . C   A 1 21 ? -14.702 -19.823 2.998   1.00 202.84 ? 21  C   A "O2'" 1 
ATOM   444  C  "C1'" . C   A 1 21 ? -14.920 -19.476 5.381   1.00 202.60 ? 21  C   A "C1'" 1 
ATOM   445  N  N1    . C   A 1 21 ? -14.032 -19.124 6.514   1.00 203.12 ? 21  C   A N1    1 
ATOM   446  C  C2    . C   A 1 21 ? -13.165 -18.023 6.349   1.00 203.32 ? 21  C   A C2    1 
ATOM   447  O  O2    . C   A 1 21 ? -13.127 -17.414 5.269   1.00 203.67 ? 21  C   A O2    1 
ATOM   448  N  N3    . C   A 1 21 ? -12.354 -17.685 7.390   1.00 203.43 ? 21  C   A N3    1 
ATOM   449  C  C4    . C   A 1 21 ? -12.401 -18.366 8.526   1.00 203.47 ? 21  C   A C4    1 
ATOM   450  N  N4    . C   A 1 21 ? -11.610 -17.986 9.533   1.00 204.09 ? 21  C   A N4    1 
ATOM   451  C  C5    . C   A 1 21 ? -13.265 -19.479 8.691   1.00 203.58 ? 21  C   A C5    1 
ATOM   452  C  C6    . C   A 1 21 ? -14.053 -19.826 7.677   1.00 203.59 ? 21  C   A C6    1 
ATOM   453  P  P     . U   A 1 22 ? -13.027 -23.329 3.309   1.00 212.05 ? 22  U   A P     1 
ATOM   454  O  OP1   . U   A 1 22 ? -13.189 -24.252 2.172   1.00 212.24 ? 22  U   A OP1   1 
ATOM   455  O  OP2   . U   A 1 22 ? -12.705 -23.863 4.655   1.00 211.44 ? 22  U   A OP2   1 
ATOM   456  O  "O5'" . U   A 1 22 ? -11.997 -22.195 2.882   1.00 212.69 ? 22  U   A "O5'" 1 
ATOM   457  C  "C5'" . U   A 1 22 ? -12.310 -21.326 1.808   1.00 214.49 ? 22  U   A "C5'" 1 
ATOM   458  C  "C4'" . U   A 1 22 ? -11.416 -20.125 1.833   1.00 216.47 ? 22  U   A "C4'" 1 
ATOM   459  O  "O4'" . U   A 1 22 ? -11.624 -19.368 3.050   1.00 217.08 ? 22  U   A "O4'" 1 
ATOM   460  C  "C3'" . U   A 1 22 ? -9.935  -20.423 1.885   1.00 218.48 ? 22  U   A "C3'" 1 
ATOM   461  O  "O3'" . U   A 1 22 ? -9.438  -20.823 0.605   1.00 220.77 ? 22  U   A "O3'" 1 
ATOM   462  C  "C2'" . U   A 1 22 ? -9.381  -19.075 2.343   1.00 218.81 ? 22  U   A "C2'" 1 
ATOM   463  O  "O2'" . U   A 1 22 ? -9.330  -18.130 1.291   1.00 218.54 ? 22  U   A "O2'" 1 
ATOM   464  C  "C1'" . U   A 1 22 ? -10.444 -18.636 3.354   1.00 218.35 ? 22  U   A "C1'" 1 
ATOM   465  N  N1    . U   A 1 22 ? -10.059 -18.867 4.760   1.00 218.47 ? 22  U   A N1    1 
ATOM   466  C  C2    . U   A 1 22 ? -9.195  -17.946 5.349   1.00 218.45 ? 22  U   A C2    1 
ATOM   467  O  O2    . U   A 1 22 ? -8.769  -16.968 4.756   1.00 219.06 ? 22  U   A O2    1 
ATOM   468  N  N3    . U   A 1 22 ? -8.847  -18.215 6.654   1.00 217.86 ? 22  U   A N3    1 
ATOM   469  C  C4    . U   A 1 22 ? -9.268  -19.274 7.421   1.00 217.31 ? 22  U   A C4    1 
ATOM   470  O  O4    . U   A 1 22 ? -8.867  -19.382 8.586   1.00 216.26 ? 22  U   A O4    1 
ATOM   471  C  C5    . U   A 1 22 ? -10.159 -20.167 6.753   1.00 217.67 ? 22  U   A C5    1 
ATOM   472  C  C6    . U   A 1 22 ? -10.521 -19.936 5.475   1.00 218.19 ? 22  U   A C6    1 
ATOM   473  P  P     . G   A 1 23 ? -8.334  -22.002 0.502   1.00 221.57 ? 23  G   A P     1 
ATOM   474  O  OP1   . G   A 1 23 ? -8.275  -22.446 -0.909  1.00 221.20 ? 23  G   A OP1   1 
ATOM   475  O  OP2   . G   A 1 23 ? -8.607  -22.993 1.574   1.00 220.79 ? 23  G   A OP2   1 
ATOM   476  O  "O5'" . G   A 1 23 ? -6.949  -21.273 0.807   1.00 223.74 ? 23  G   A "O5'" 1 
ATOM   477  C  "C5'" . G   A 1 23 ? -6.415  -20.303 -0.099  1.00 226.48 ? 23  G   A "C5'" 1 
ATOM   478  C  "C4'" . G   A 1 23 ? -5.388  -19.426 0.600   1.00 228.90 ? 23  G   A "C4'" 1 
ATOM   479  O  "O4'" . G   A 1 23 ? -6.011  -18.725 1.715   1.00 228.89 ? 23  G   A "O4'" 1 
ATOM   480  C  "C3'" . G   A 1 23 ? -4.205  -20.132 1.248   1.00 230.94 ? 23  G   A "C3'" 1 
ATOM   481  O  "O3'" . G   A 1 23 ? -3.182  -20.430 0.298   1.00 233.99 ? 23  G   A "O3'" 1 
ATOM   482  C  "C2'" . G   A 1 23 ? -3.715  -19.083 2.244   1.00 230.52 ? 23  G   A "C2'" 1 
ATOM   483  O  "O2'" . G   A 1 23 ? -2.909  -18.088 1.632   1.00 230.33 ? 23  G   A "O2'" 1 
ATOM   484  C  "C1'" . G   A 1 23 ? -5.034  -18.467 2.722   1.00 229.20 ? 23  G   A "C1'" 1 
ATOM   485  N  N9    . G   A 1 23 ? -5.501  -19.013 3.995   1.00 227.91 ? 23  G   A N9    1 
ATOM   486  C  C8    . G   A 1 23 ? -6.599  -19.807 4.190   1.00 227.60 ? 23  G   A C8    1 
ATOM   487  N  N7    . G   A 1 23 ? -6.777  -20.144 5.435   1.00 226.86 ? 23  G   A N7    1 
ATOM   488  C  C5    . G   A 1 23 ? -5.731  -19.537 6.109   1.00 226.81 ? 23  G   A C5    1 
ATOM   489  C  C6    . G   A 1 23 ? -5.412  -19.551 7.478   1.00 226.73 ? 23  G   A C6    1 
ATOM   490  O  O6    . G   A 1 23 ? -6.006  -20.118 8.400   1.00 226.83 ? 23  G   A O6    1 
ATOM   491  N  N1    . G   A 1 23 ? -4.265  -18.808 7.744   1.00 226.49 ? 23  G   A N1    1 
ATOM   492  C  C2    . G   A 1 23 ? -3.524  -18.130 6.810   1.00 226.02 ? 23  G   A C2    1 
ATOM   493  N  N2    . G   A 1 23 ? -2.449  -17.464 7.282   1.00 226.12 ? 23  G   A N2    1 
ATOM   494  N  N3    . G   A 1 23 ? -3.816  -18.110 5.516   1.00 226.27 ? 23  G   A N3    1 
ATOM   495  C  C4    . G   A 1 23 ? -4.931  -18.833 5.238   1.00 226.95 ? 23  G   A C4    1 
ATOM   496  P  P     . A   A 1 24 ? -2.048  -21.529 0.656   1.00 235.80 ? 24  A   A P     1 
ATOM   497  O  OP1   . A   A 1 24 ? -1.014  -21.399 -0.410  1.00 235.73 ? 24  A   A OP1   1 
ATOM   498  O  OP2   . A   A 1 24 ? -2.711  -22.853 0.901   1.00 235.55 ? 24  A   A OP2   1 
ATOM   499  O  "O5'" . A   A 1 24 ? -1.392  -21.022 2.028   1.00 235.52 ? 24  A   A "O5'" 1 
ATOM   500  C  "C5'" . A   A 1 24 ? -0.402  -19.982 2.031   1.00 233.45 ? 24  A   A "C5'" 1 
ATOM   501  C  "C4'" . A   A 1 24 ? 0.128   -19.716 3.435   1.00 231.63 ? 24  A   A "C4'" 1 
ATOM   502  O  "O4'" . A   A 1 24 ? -0.955  -19.327 4.325   1.00 231.11 ? 24  A   A "O4'" 1 
ATOM   503  C  "C3'" . A   A 1 24 ? 0.824   -20.835 4.201   1.00 230.50 ? 24  A   A "C3'" 1 
ATOM   504  O  "O3'" . A   A 1 24 ? 2.186   -20.991 3.795   1.00 228.50 ? 24  A   A "O3'" 1 
ATOM   505  C  "C2'" . A   A 1 24 ? 0.786   -20.288 5.624   1.00 230.61 ? 24  A   A "C2'" 1 
ATOM   506  O  "O2'" . A   A 1 24 ? 1.802   -19.333 5.841   1.00 231.12 ? 24  A   A "O2'" 1 
ATOM   507  C  "C1'" . A   A 1 24 ? -0.580  -19.601 5.663   1.00 230.52 ? 24  A   A "C1'" 1 
ATOM   508  N  N9    . A   A 1 24 ? -1.605  -20.430 6.292   1.00 230.09 ? 24  A   A N9    1 
ATOM   509  C  C8    . A   A 1 24 ? -2.683  -21.074 5.739   1.00 230.15 ? 24  A   A C8    1 
ATOM   510  N  N7    . A   A 1 24 ? -3.400  -21.747 6.610   1.00 230.32 ? 24  A   A N7    1 
ATOM   511  C  C5    . A   A 1 24 ? -2.749  -21.526 7.820   1.00 230.38 ? 24  A   A C5    1 
ATOM   512  C  C6    . A   A 1 24 ? -3.000  -21.965 9.144   1.00 230.43 ? 24  A   A C6    1 
ATOM   513  N  N6    . A   A 1 24 ? -4.019  -22.749 9.501   1.00 230.04 ? 24  A   A N6    1 
ATOM   514  N  N1    . A   A 1 24 ? -2.146  -21.558 10.108  1.00 230.28 ? 24  A   A N1    1 
ATOM   515  C  C2    . A   A 1 24 ? -1.121  -20.772 9.767   1.00 230.36 ? 24  A   A C2    1 
ATOM   516  N  N3    . A   A 1 24 ? -0.782  -20.297 8.573   1.00 230.39 ? 24  A   A N3    1 
ATOM   517  C  C4    . A   A 1 24 ? -1.646  -20.717 7.633   1.00 230.21 ? 24  A   A C4    1 
ATOM   518  P  P     . U   A 1 25 ? 2.977   -22.357 4.126   1.00 226.64 ? 25  U   A P     1 
ATOM   519  O  OP1   . U   A 1 25 ? 4.365   -22.161 3.651   1.00 226.04 ? 25  U   A OP1   1 
ATOM   520  O  OP2   . U   A 1 25 ? 2.187   -23.531 3.654   1.00 225.94 ? 25  U   A OP2   1 
ATOM   521  O  "O5'" . U   A 1 25 ? 3.043   -22.406 5.715   1.00 226.16 ? 25  U   A "O5'" 1 
ATOM   522  C  "C5'" . U   A 1 25 ? 3.992   -21.616 6.431   1.00 224.88 ? 25  U   A "C5'" 1 
ATOM   523  C  "C4'" . U   A 1 25 ? 3.803   -21.776 7.930   1.00 224.04 ? 25  U   A "C4'" 1 
ATOM   524  O  "O4'" . U   A 1 25 ? 2.421   -21.454 8.260   1.00 223.64 ? 25  U   A "O4'" 1 
ATOM   525  C  "C3'" . U   A 1 25 ? 3.996   -23.171 8.513   1.00 223.61 ? 25  U   A "C3'" 1 
ATOM   526  O  "O3'" . U   A 1 25 ? 5.371   -23.461 8.766   1.00 223.28 ? 25  U   A "O3'" 1 
ATOM   527  C  "C2'" . U   A 1 25 ? 3.201   -23.063 9.809   1.00 223.09 ? 25  U   A "C2'" 1 
ATOM   528  O  "O2'" . U   A 1 25 ? 3.873   -22.307 10.796  1.00 222.47 ? 25  U   A "O2'" 1 
ATOM   529  C  "C1'" . U   A 1 25 ? 1.982   -22.270 9.337   1.00 222.27 ? 25  U   A "C1'" 1 
ATOM   530  N  N1    . U   A 1 25 ? 0.892   -23.133 8.854   1.00 220.83 ? 25  U   A N1    1 
ATOM   531  C  C2    . U   A 1 25 ? 0.096   -23.724 9.801   1.00 220.22 ? 25  U   A C2    1 
ATOM   532  O  O2    . U   A 1 25 ? 0.264   -23.559 10.990  1.00 220.13 ? 25  U   A O2    1 
ATOM   533  N  N3    . U   A 1 25 ? -0.906  -24.515 9.304   1.00 220.27 ? 25  U   A N3    1 
ATOM   534  C  C4    . U   A 1 25 ? -1.191  -24.759 7.982   1.00 220.37 ? 25  U   A C4    1 
ATOM   535  O  O4    . U   A 1 25 ? -2.164  -25.461 7.694   1.00 221.02 ? 25  U   A O4    1 
ATOM   536  C  C5    . U   A 1 25 ? -0.316  -24.111 7.056   1.00 220.17 ? 25  U   A C5    1 
ATOM   537  C  C6    . U   A 1 25 ? 0.671   -23.339 7.513   1.00 220.19 ? 25  U   A C6    1 
ATOM   538  P  P     . U   A 1 26 ? 5.863   -24.993 8.879   1.00 222.40 ? 26  U   A P     1 
ATOM   539  O  OP1   . U   A 1 26 ? 7.293   -24.901 9.283   1.00 221.90 ? 26  U   A OP1   1 
ATOM   540  O  OP2   . U   A 1 26 ? 5.488   -25.757 7.665   1.00 221.46 ? 26  U   A OP2   1 
ATOM   541  O  "O5'" . U   A 1 26 ? 5.018   -25.585 10.094  1.00 222.32 ? 26  U   A "O5'" 1 
ATOM   542  C  "C5'" . U   A 1 26 ? 5.291   -25.178 11.433  1.00 221.98 ? 26  U   A "C5'" 1 
ATOM   543  C  "C4'" . U   A 1 26 ? 4.663   -26.142 12.413  1.00 221.66 ? 26  U   A "C4'" 1 
ATOM   544  O  "O4'" . U   A 1 26 ? 3.223   -25.980 12.443  1.00 222.37 ? 26  U   A "O4'" 1 
ATOM   545  C  "C3'" . U   A 1 26 ? 4.820   -27.619 12.101  1.00 221.70 ? 26  U   A "C3'" 1 
ATOM   546  O  "O3'" . U   A 1 26 ? 6.082   -28.112 12.504  1.00 219.18 ? 26  U   A "O3'" 1 
ATOM   547  C  "C2'" . U   A 1 26 ? 3.744   -28.237 12.980  1.00 223.05 ? 26  U   A "C2'" 1 
ATOM   548  O  "O2'" . U   A 1 26 ? 4.177   -28.346 14.323  1.00 224.32 ? 26  U   A "O2'" 1 
ATOM   549  C  "C1'" . U   A 1 26 ? 2.632   -27.193 12.884  1.00 223.21 ? 26  U   A "C1'" 1 
ATOM   550  N  N1    . U   A 1 26 ? 1.575   -27.599 11.948  1.00 223.93 ? 26  U   A N1    1 
ATOM   551  C  C2    . U   A 1 26 ? 0.544   -28.336 12.478  1.00 224.55 ? 26  U   A C2    1 
ATOM   552  O  O2    . U   A 1 26 ? 0.498   -28.654 13.652  1.00 225.00 ? 26  U   A O2    1 
ATOM   553  N  N3    . U   A 1 26 ? -0.437  -28.691 11.592  1.00 225.09 ? 26  U   A N3    1 
ATOM   554  C  C4    . U   A 1 26 ? -0.490  -28.388 10.256  1.00 225.18 ? 26  U   A C4    1 
ATOM   555  O  O4    . U   A 1 26 ? -1.490  -28.710 9.607   1.00 225.72 ? 26  U   A O4    1 
ATOM   556  C  C5    . U   A 1 26 ? 0.630   -27.629 9.772   1.00 224.65 ? 26  U   A C5    1 
ATOM   557  C  C6    . U   A 1 26 ? 1.601   -27.271 10.618  1.00 223.86 ? 26  U   A C6    1 
ATOM   558  P  P     . G   A 1 27 ? 6.644   -29.454 11.847  1.00 216.53 ? 27  G   A P     1 
ATOM   559  O  OP1   . G   A 1 27 ? 8.049   -29.537 12.295  1.00 215.81 ? 27  G   A OP1   1 
ATOM   560  O  OP2   . G   A 1 27 ? 6.320   -29.451 10.403  1.00 216.17 ? 27  G   A OP2   1 
ATOM   561  O  "O5'" . G   A 1 27 ? 5.802   -30.625 12.511  1.00 217.12 ? 27  G   A "O5'" 1 
ATOM   562  C  "C5'" . G   A 1 27 ? 5.799   -31.917 11.929  1.00 219.34 ? 27  G   A "C5'" 1 
ATOM   563  C  "C4'" . G   A 1 27 ? 4.951   -32.848 12.747  1.00 221.98 ? 27  G   A "C4'" 1 
ATOM   564  O  "O4'" . G   A 1 27 ? 5.481   -32.923 14.091  1.00 223.11 ? 27  G   A "O4'" 1 
ATOM   565  C  "C3'" . G   A 1 27 ? 3.522   -32.382 12.934  1.00 223.39 ? 27  G   A "C3'" 1 
ATOM   566  O  "O3'" . G   A 1 27 ? 2.760   -32.807 11.809  1.00 224.10 ? 27  G   A "O3'" 1 
ATOM   567  C  "C2'" . G   A 1 27 ? 3.095   -33.062 14.238  1.00 224.07 ? 27  G   A "C2'" 1 
ATOM   568  O  "O2'" . G   A 1 27 ? 2.502   -34.334 14.058  1.00 223.85 ? 27  G   A "O2'" 1 
ATOM   569  C  "C1'" . G   A 1 27 ? 4.429   -33.195 14.991  1.00 224.68 ? 27  G   A "C1'" 1 
ATOM   570  N  N9    . G   A 1 27 ? 4.613   -32.359 16.169  1.00 226.32 ? 27  G   A N9    1 
ATOM   571  C  C8    . G   A 1 27 ? 5.563   -31.385 16.352  1.00 226.21 ? 27  G   A C8    1 
ATOM   572  N  N7    . G   A 1 27 ? 5.513   -30.833 17.533  1.00 227.29 ? 27  G   A N7    1 
ATOM   573  C  C5    . G   A 1 27 ? 4.457   -31.476 18.171  1.00 228.85 ? 27  G   A C5    1 
ATOM   574  C  C6    . G   A 1 27 ? 3.927   -31.316 19.507  1.00 229.66 ? 27  G   A C6    1 
ATOM   575  O  O6    . G   A 1 27 ? 4.289   -30.530 20.407  1.00 229.49 ? 27  G   A O6    1 
ATOM   576  N  N1    . G   A 1 27 ? 2.867   -32.198 19.745  1.00 230.20 ? 27  G   A N1    1 
ATOM   577  C  C2    . G   A 1 27 ? 2.369   -33.112 18.837  1.00 229.87 ? 27  G   A C2    1 
ATOM   578  N  N2    . G   A 1 27 ? 1.353   -33.888 19.274  1.00 229.82 ? 27  G   A N2    1 
ATOM   579  N  N3    . G   A 1 27 ? 2.842   -33.259 17.596  1.00 229.38 ? 27  G   A N3    1 
ATOM   580  C  C4    . G   A 1 27 ? 3.882   -32.415 17.340  1.00 228.31 ? 27  G   A C4    1 
ATOM   581  P  P     . A   A 1 28 ? 1.743   -31.785 11.100  1.00 224.72 ? 28  A   A P     1 
ATOM   582  O  OP1   . A   A 1 28 ? 1.250   -32.445 9.864   1.00 224.48 ? 28  A   A OP1   1 
ATOM   583  O  OP2   . A   A 1 28 ? 2.392   -30.450 11.003  1.00 224.87 ? 28  A   A OP2   1 
ATOM   584  O  "O5'" . A   A 1 28 ? 0.531   -31.708 12.134  1.00 224.85 ? 28  A   A "O5'" 1 
ATOM   585  C  "C5'" . A   A 1 28 ? -0.211  -32.884 12.457  1.00 225.16 ? 28  A   A "C5'" 1 
ATOM   586  C  "C4'" . A   A 1 28 ? -0.962  -32.703 13.755  1.00 225.64 ? 28  A   A "C4'" 1 
ATOM   587  O  "O4'" . A   A 1 28 ? -0.045  -32.632 14.871  1.00 225.35 ? 28  A   A "O4'" 1 
ATOM   588  C  "C3'" . A   A 1 28 ? -1.806  -31.448 13.883  1.00 226.21 ? 28  A   A "C3'" 1 
ATOM   589  O  "O3'" . A   A 1 28 ? -3.070  -31.653 13.244  1.00 227.96 ? 28  A   A "O3'" 1 
ATOM   590  C  "C2'" . A   A 1 28 ? -1.951  -31.293 15.399  1.00 225.72 ? 28  A   A "C2'" 1 
ATOM   591  O  "O2'" . A   A 1 28 ? -3.049  -31.994 15.941  1.00 225.33 ? 28  A   A "O2'" 1 
ATOM   592  C  "C1'" . A   A 1 28 ? -0.647  -31.904 15.920  1.00 225.83 ? 28  A   A "C1'" 1 
ATOM   593  N  N9    . A   A 1 28 ? 0.302   -30.914 16.396  1.00 226.66 ? 28  A   A N9    1 
ATOM   594  C  C8    . A   A 1 28 ? 1.291   -30.295 15.684  1.00 227.13 ? 28  A   A C8    1 
ATOM   595  N  N7    . A   A 1 28 ? 1.999   -29.444 16.386  1.00 227.97 ? 28  A   A N7    1 
ATOM   596  C  C5    . A   A 1 28 ? 1.438   -29.509 17.652  1.00 228.05 ? 28  A   A C5    1 
ATOM   597  C  C6    . A   A 1 28 ? 1.746   -28.853 18.868  1.00 227.93 ? 28  A   A C6    1 
ATOM   598  N  N6    . A   A 1 28 ? 2.741   -27.963 19.010  1.00 227.00 ? 28  A   A N6    1 
ATOM   599  N  N1    . A   A 1 28 ? 0.988   -29.154 19.947  1.00 228.40 ? 28  A   A N1    1 
ATOM   600  C  C2    . A   A 1 28 ? -0.007  -30.050 19.806  1.00 228.51 ? 28  A   A C2    1 
ATOM   601  N  N3    . A   A 1 28 ? -0.388  -30.730 18.723  1.00 228.03 ? 28  A   A N3    1 
ATOM   602  C  C4    . A   A 1 28 ? 0.386   -30.410 17.670  1.00 227.75 ? 28  A   A C4    1 
ATOM   603  P  P     . G   A 1 29 ? -4.032  -30.401 12.948  1.00 229.35 ? 29  G   A P     1 
ATOM   604  O  OP1   . G   A 1 29 ? -5.392  -30.927 12.657  1.00 229.15 ? 29  G   A OP1   1 
ATOM   605  O  OP2   . G   A 1 29 ? -3.371  -29.506 11.968  1.00 228.91 ? 29  G   A OP2   1 
ATOM   606  O  "O5'" . G   A 1 29 ? -4.092  -29.635 14.342  1.00 231.04 ? 29  G   A "O5'" 1 
ATOM   607  C  "C5'" . G   A 1 29 ? -5.093  -29.923 15.315  1.00 233.94 ? 29  G   A "C5'" 1 
ATOM   608  C  "C4'" . G   A 1 29 ? -5.661  -28.629 15.860  1.00 235.64 ? 29  G   A "C4'" 1 
ATOM   609  O  "O4'" . G   A 1 29 ? -6.221  -27.881 14.760  1.00 237.77 ? 29  G   A "O4'" 1 
ATOM   610  C  "C3'" . G   A 1 29 ? -6.771  -28.741 16.898  1.00 235.22 ? 29  G   A "C3'" 1 
ATOM   611  O  "O3'" . G   A 1 29 ? -6.228  -28.675 18.241  1.00 231.83 ? 29  G   A "O3'" 1 
ATOM   612  C  "C2'" . G   A 1 29 ? -7.664  -27.495 16.639  1.00 236.88 ? 29  G   A "C2'" 1 
ATOM   613  O  "O2'" . G   A 1 29 ? -7.501  -26.428 17.562  1.00 237.00 ? 29  G   A "O2'" 1 
ATOM   614  C  "C1'" . G   A 1 29 ? -7.213  -27.006 15.251  1.00 238.51 ? 29  G   A "C1'" 1 
ATOM   615  N  N9    . G   A 1 29 ? -8.182  -26.746 14.183  1.00 240.00 ? 29  G   A N9    1 
ATOM   616  C  C8    . G   A 1 29 ? -8.854  -27.675 13.417  1.00 240.36 ? 29  G   A C8    1 
ATOM   617  N  N7    . G   A 1 29 ? -9.572  -27.134 12.469  1.00 240.60 ? 29  G   A N7    1 
ATOM   618  C  C5    . G   A 1 29 ? -9.382  -25.763 12.628  1.00 240.90 ? 29  G   A C5    1 
ATOM   619  C  C6    . G   A 1 29 ? -9.894  -24.673 11.877  1.00 241.46 ? 29  G   A C6    1 
ATOM   620  O  O6    . G   A 1 29 ? -10.624 -24.702 10.865  1.00 241.90 ? 29  G   A O6    1 
ATOM   621  N  N1    . G   A 1 29 ? -9.473  -23.447 12.404  1.00 241.37 ? 29  G   A N1    1 
ATOM   622  C  C2    . G   A 1 29 ? -8.653  -23.291 13.501  1.00 240.74 ? 29  G   A C2    1 
ATOM   623  N  N2    . G   A 1 29 ? -8.392  -22.031 13.873  1.00 240.59 ? 29  G   A N2    1 
ATOM   624  N  N3    . G   A 1 29 ? -8.143  -24.299 14.186  1.00 240.40 ? 29  G   A N3    1 
ATOM   625  C  C4    . G   A 1 29 ? -8.551  -25.502 13.700  1.00 240.59 ? 29  G   A C4    1 
ATOM   626  P  P     . U   A 1 30 ? -4.931  -29.562 18.676  1.00 228.23 ? 30  U   A P     1 
ATOM   627  O  OP1   . U   A 1 30 ? -5.076  -30.888 18.018  1.00 227.85 ? 30  U   A OP1   1 
ATOM   628  O  OP2   . U   A 1 30 ? -4.767  -29.489 20.156  1.00 227.67 ? 30  U   A OP2   1 
ATOM   629  O  "O5'" . U   A 1 30 ? -3.666  -28.814 18.045  1.00 224.32 ? 30  U   A "O5'" 1 
ATOM   630  C  "C5'" . U   A 1 30 ? -3.483  -27.400 18.207  1.00 217.15 ? 30  U   A "C5'" 1 
ATOM   631  C  "C4'" . U   A 1 30 ? -2.089  -26.991 17.779  1.00 211.96 ? 30  U   A "C4'" 1 
ATOM   632  O  "O4'" . U   A 1 30 ? -1.799  -27.465 16.446  1.00 211.20 ? 30  U   A "O4'" 1 
ATOM   633  C  "C3'" . U   A 1 30 ? -1.872  -25.500 17.680  1.00 208.87 ? 30  U   A "C3'" 1 
ATOM   634  O  "O3'" . U   A 1 30 ? -1.497  -25.039 18.952  1.00 206.57 ? 30  U   A "O3'" 1 
ATOM   635  C  "C2'" . U   A 1 30 ? -0.693  -25.380 16.732  1.00 208.70 ? 30  U   A "C2'" 1 
ATOM   636  O  "O2'" . U   A 1 30 ? 0.534   -25.564 17.395  1.00 207.45 ? 30  U   A "O2'" 1 
ATOM   637  C  "C1'" . U   A 1 30 ? -0.921  -26.564 15.802  1.00 210.00 ? 30  U   A "C1'" 1 
ATOM   638  N  N1    . U   A 1 30 ? -1.469  -26.243 14.477  1.00 211.05 ? 30  U   A N1    1 
ATOM   639  C  C2    . U   A 1 30 ? -0.811  -25.297 13.721  1.00 211.50 ? 30  U   A C2    1 
ATOM   640  O  O2    . U   A 1 30 ? 0.156   -24.671 14.137  1.00 211.52 ? 30  U   A O2    1 
ATOM   641  N  N3    . U   A 1 30 ? -1.335  -25.103 12.459  1.00 211.81 ? 30  U   A N3    1 
ATOM   642  C  C4    . U   A 1 30 ? -2.435  -25.744 11.899  1.00 211.49 ? 30  U   A C4    1 
ATOM   643  O  O4    . U   A 1 30 ? -2.756  -25.507 10.730  1.00 211.58 ? 30  U   A O4    1 
ATOM   644  C  C5    . U   A 1 30 ? -3.076  -26.678 12.767  1.00 211.12 ? 30  U   A C5    1 
ATOM   645  C  C6    . U   A 1 30 ? -2.586  -26.888 13.993  1.00 211.19 ? 30  U   A C6    1 
ATOM   646  P  P     . U   A 1 31 ? -2.343  -23.877 19.633  1.00 205.28 ? 31  U   A P     1 
ATOM   647  O  OP1   . U   A 1 31 ? -2.060  -23.833 21.090  1.00 205.42 ? 31  U   A OP1   1 
ATOM   648  O  OP2   . U   A 1 31 ? -3.737  -24.069 19.149  1.00 205.23 ? 31  U   A OP2   1 
ATOM   649  O  "O5'" . U   A 1 31 ? -1.721  -22.555 19.009  1.00 202.62 ? 31  U   A "O5'" 1 
ATOM   650  C  "C5'" . U   A 1 31 ? -0.356  -22.238 19.213  1.00 197.22 ? 31  U   A "C5'" 1 
ATOM   651  C  "C4'" . U   A 1 31 ? 0.147   -21.372 18.086  1.00 193.93 ? 31  U   A "C4'" 1 
ATOM   652  O  "O4'" . U   A 1 31 ? 0.107   -22.102 16.835  1.00 194.18 ? 31  U   A "O4'" 1 
ATOM   653  C  "C3'" . U   A 1 31 ? -0.692  -20.149 17.805  1.00 191.03 ? 31  U   A "C3'" 1 
ATOM   654  O  "O3'" . U   A 1 31 ? -0.320  -19.127 18.716  1.00 186.05 ? 31  U   A "O3'" 1 
ATOM   655  C  "C2'" . U   A 1 31 ? -0.284  -19.810 16.376  1.00 192.36 ? 31  U   A "C2'" 1 
ATOM   656  O  "O2'" . U   A 1 31 ? 0.955   -19.138 16.349  1.00 191.95 ? 31  U   A "O2'" 1 
ATOM   657  C  "C1'" . U   A 1 31 ? -0.095  -21.199 15.767  1.00 194.39 ? 31  U   A "C1'" 1 
ATOM   658  N  N1    . U   A 1 31 ? -1.235  -21.677 14.969  1.00 197.09 ? 31  U   A N1    1 
ATOM   659  C  C2    . U   A 1 31 ? -1.254  -21.351 13.630  1.00 198.50 ? 31  U   A C2    1 
ATOM   660  O  O2    . U   A 1 31 ? -0.380  -20.691 13.106  1.00 198.63 ? 31  U   A O2    1 
ATOM   661  N  N3    . U   A 1 31 ? -2.334  -21.835 12.923  1.00 199.86 ? 31  U   A N3    1 
ATOM   662  C  C4    . U   A 1 31 ? -3.382  -22.595 13.415  1.00 200.68 ? 31  U   A C4    1 
ATOM   663  O  O4    . U   A 1 31 ? -4.285  -22.964 12.649  1.00 201.22 ? 31  U   A O4    1 
ATOM   664  C  C5    . U   A 1 31 ? -3.291  -22.886 14.817  1.00 200.44 ? 31  U   A C5    1 
ATOM   665  C  C6    . U   A 1 31 ? -2.247  -22.427 15.528  1.00 199.02 ? 31  U   A C6    1 
ATOM   666  P  P     . C   A 1 32 ? -0.991  -17.688 18.599  1.00 181.90 ? 32  C   A P     1 
ATOM   667  O  OP1   . C   A 1 32 ? -0.282  -16.783 19.544  1.00 181.01 ? 32  C   A OP1   1 
ATOM   668  O  OP2   . C   A 1 32 ? -2.456  -17.853 18.693  1.00 181.97 ? 32  C   A OP2   1 
ATOM   669  O  "O5'" . C   A 1 32 ? -0.638  -17.252 17.113  1.00 179.87 ? 32  C   A "O5'" 1 
ATOM   670  C  "C5'" . C   A 1 32 ? -1.584  -16.559 16.319  1.00 174.83 ? 32  C   A "C5'" 1 
ATOM   671  C  "C4'" . C   A 1 32 ? -0.960  -16.148 15.013  1.00 171.55 ? 32  C   A "C4'" 1 
ATOM   672  O  "O4'" . C   A 1 32 ? -0.786  -17.307 14.159  1.00 171.74 ? 32  C   A "O4'" 1 
ATOM   673  C  "C3'" . C   A 1 32 ? -1.826  -15.230 14.188  1.00 169.76 ? 32  C   A "C3'" 1 
ATOM   674  O  "O3'" . C   A 1 32 ? -1.622  -13.904 14.607  1.00 167.74 ? 32  C   A "O3'" 1 
ATOM   675  C  "C2'" . C   A 1 32 ? -1.277  -15.451 12.796  1.00 170.22 ? 32  C   A "C2'" 1 
ATOM   676  O  "O2'" . C   A 1 32 ? -0.053  -14.787 12.655  1.00 169.27 ? 32  C   A "O2'" 1 
ATOM   677  C  "C1'" . C   A 1 32 ? -1.041  -16.957 12.811  1.00 172.37 ? 32  C   A "C1'" 1 
ATOM   678  N  N1    . C   A 1 32 ? -2.259  -17.653 12.394  1.00 176.01 ? 32  C   A N1    1 
ATOM   679  C  C2    . C   A 1 32 ? -2.401  -18.056 11.058  1.00 177.82 ? 32  C   A C2    1 
ATOM   680  O  O2    . C   A 1 32 ? -1.471  -17.840 10.261  1.00 178.27 ? 32  C   A O2    1 
ATOM   681  N  N3    . C   A 1 32 ? -3.554  -18.667 10.670  1.00 179.44 ? 32  C   A N3    1 
ATOM   682  C  C4    . C   A 1 32 ? -4.539  -18.868 11.562  1.00 179.63 ? 32  C   A C4    1 
ATOM   683  N  N4    . C   A 1 32 ? -5.673  -19.448 11.141  1.00 179.45 ? 32  C   A N4    1 
ATOM   684  C  C5    . C   A 1 32 ? -4.408  -18.475 12.927  1.00 179.55 ? 32  C   A C5    1 
ATOM   685  C  C6    . C   A 1 32 ? -3.261  -17.886 13.296  1.00 178.03 ? 32  C   A C6    1 
ATOM   686  P  P     . A   A 1 33 ? -2.783  -12.836 14.390  1.00 165.61 ? 33  A   A P     1 
ATOM   687  O  OP1   . A   A 1 33 ? -2.356  -11.542 14.963  1.00 164.49 ? 33  A   A OP1   1 
ATOM   688  O  OP2   . A   A 1 33 ? -4.048  -13.471 14.831  1.00 165.01 ? 33  A   A OP2   1 
ATOM   689  O  "O5'" . A   A 1 33 ? -2.801  -12.677 12.821  1.00 163.74 ? 33  A   A "O5'" 1 
ATOM   690  C  "C5'" . A   A 1 33 ? -1.728  -12.034 12.192  1.00 161.83 ? 33  A   A "C5'" 1 
ATOM   691  C  "C4'" . A   A 1 33 ? -1.985  -11.925 10.726  1.00 161.97 ? 33  A   A "C4'" 1 
ATOM   692  O  "O4'" . A   A 1 33 ? -1.805  -13.224 10.097  1.00 162.81 ? 33  A   A "O4'" 1 
ATOM   693  C  "C3'" . A   A 1 33 ? -3.378  -11.502 10.313  1.00 162.55 ? 33  A   A "C3'" 1 
ATOM   694  O  "O3'" . A   A 1 33 ? -3.641  -10.123 10.665  1.00 161.86 ? 33  A   A "O3'" 1 
ATOM   695  C  "C2'" . A   A 1 33 ? -3.394  -12.012 8.874   1.00 163.09 ? 33  A   A "C2'" 1 
ATOM   696  O  "O2'" . A   A 1 33 ? -2.566  -11.253 8.009   1.00 162.42 ? 33  A   A "O2'" 1 
ATOM   697  C  "C1'" . A   A 1 33 ? -2.764  -13.398 9.069   1.00 163.74 ? 33  A   A "C1'" 1 
ATOM   698  N  N9    . A   A 1 33 ? -3.748  -14.344 9.582   1.00 164.91 ? 33  A   A N9    1 
ATOM   699  C  C8    . A   A 1 33 ? -3.995  -14.609 10.909  1.00 165.80 ? 33  A   A C8    1 
ATOM   700  N  N7    . A   A 1 33 ? -5.013  -15.414 11.108  1.00 167.34 ? 33  A   A N7    1 
ATOM   701  C  C5    . A   A 1 33 ? -5.448  -15.724 9.825   1.00 167.74 ? 33  A   A C5    1 
ATOM   702  C  C6    . A   A 1 33 ? -6.506  -16.531 9.352   1.00 168.33 ? 33  A   A C6    1 
ATOM   703  N  N6    . A   A 1 33 ? -7.367  -17.199 10.149  1.00 167.32 ? 33  A   A N6    1 
ATOM   704  N  N1    . A   A 1 33 ? -6.653  -16.629 8.010   1.00 169.08 ? 33  A   A N1    1 
ATOM   705  C  C2    . A   A 1 33 ? -5.791  -15.955 7.210   1.00 168.33 ? 33  A   A C2    1 
ATOM   706  N  N3    . A   A 1 33 ? -4.766  -15.170 7.538   1.00 166.61 ? 33  A   A N3    1 
ATOM   707  C  C4    . A   A 1 33 ? -4.652  -15.091 8.873   1.00 166.39 ? 33  A   A C4    1 
ATOM   708  P  P     . G   A 1 34 ? -3.994  -9.007  9.548   1.00 156.57 ? 34  G   A P     1 
ATOM   709  O  OP1   . G   A 1 34 ? -2.697  -8.598  8.928   1.00 154.35 ? 34  G   A OP1   1 
ATOM   710  O  OP2   . G   A 1 34 ? -4.857  -7.980  10.185  1.00 154.92 ? 34  G   A OP2   1 
ATOM   711  O  "O5'" . G   A 1 34 ? -4.871  -9.720  8.424   1.00 158.62 ? 34  G   A "O5'" 1 
ATOM   712  C  "C5'" . G   A 1 34 ? -4.476  -9.617  7.049   1.00 162.01 ? 34  G   A "C5'" 1 
ATOM   713  C  "C4'" . G   A 1 34 ? -5.629  -9.950  6.134   1.00 163.36 ? 34  G   A "C4'" 1 
ATOM   714  O  "O4'" . G   A 1 34 ? -6.100  -11.256 6.480   1.00 163.46 ? 34  G   A "O4'" 1 
ATOM   715  C  "C3'" . G   A 1 34 ? -6.800  -8.980  6.158   1.00 163.83 ? 34  G   A "C3'" 1 
ATOM   716  O  "O3'" . G   A 1 34 ? -6.747  -8.310  4.883   1.00 164.13 ? 34  G   A "O3'" 1 
ATOM   717  C  "C2'" . G   A 1 34 ? -8.037  -9.875  6.115   1.00 164.17 ? 34  G   A "C2'" 1 
ATOM   718  O  "O2'" . G   A 1 34 ? -8.649  -9.734  4.854   1.00 164.77 ? 34  G   A "O2'" 1 
ATOM   719  C  "C1'" . G   A 1 34 ? -7.490  -11.303 6.307   1.00 164.81 ? 34  G   A "C1'" 1 
ATOM   720  N  N9    . G   A 1 34 ? -8.043  -12.193 7.334   1.00 166.45 ? 34  G   A N9    1 
ATOM   721  C  C8    . G   A 1 34 ? -7.790  -12.137 8.687   1.00 166.44 ? 34  G   A C8    1 
ATOM   722  N  N7    . G   A 1 34 ? -8.404  -13.064 9.359   1.00 167.13 ? 34  G   A N7    1 
ATOM   723  C  C5    . G   A 1 34 ? -9.120  -13.772 8.388   1.00 168.57 ? 34  G   A C5    1 
ATOM   724  C  C6    . G   A 1 34 ? -10.008 -14.885 8.508   1.00 169.76 ? 34  G   A C6    1 
ATOM   725  O  O6    . G   A 1 34 ? -10.343 -15.481 9.532   1.00 169.77 ? 34  G   A O6    1 
ATOM   726  N  N1    . G   A 1 34 ? -10.516 -15.271 7.271   1.00 171.29 ? 34  G   A N1    1 
ATOM   727  C  C2    . G   A 1 34 ? -10.211 -14.661 6.045   1.00 171.28 ? 34  G   A C2    1 
ATOM   728  N  N2    . G   A 1 34 ? -10.831 -15.208 4.965   1.00 172.37 ? 34  G   A N2    1 
ATOM   729  N  N3    . G   A 1 34 ? -9.382  -13.626 5.923   1.00 169.67 ? 34  G   A N3    1 
ATOM   730  C  C4    . G   A 1 34 ? -8.894  -13.237 7.113   1.00 168.24 ? 34  G   A C4    1 
ATOM   731  P  P     . C   A 1 35 ? -6.675  -6.705  4.773   1.00 157.06 ? 35  C   A P     1 
ATOM   732  O  OP1   . C   A 1 35 ? -7.397  -6.440  3.513   1.00 156.36 ? 35  C   A OP1   1 
ATOM   733  O  OP2   . C   A 1 35 ? -5.290  -6.179  4.913   1.00 156.36 ? 35  C   A OP2   1 
ATOM   734  O  "O5'" . C   A 1 35 ? -7.576  -6.218  5.988   1.00 154.98 ? 35  C   A "O5'" 1 
ATOM   735  C  "C5'" . C   A 1 35 ? -8.962  -6.066  5.806   1.00 152.80 ? 35  C   A "C5'" 1 
ATOM   736  C  "C4'" . C   A 1 35 ? -9.490  -4.943  6.664   1.00 151.50 ? 35  C   A "C4'" 1 
ATOM   737  O  "O4'" . C   A 1 35 ? -9.877  -5.478  7.939   1.00 152.35 ? 35  C   A "O4'" 1 
ATOM   738  C  "C3'" . C   A 1 35 ? -8.567  -3.767  6.943   1.00 149.34 ? 35  C   A "C3'" 1 
ATOM   739  O  "O3'" . C   A 1 35 ? -8.701  -2.803  5.897   1.00 146.40 ? 35  C   A "O3'" 1 
ATOM   740  C  "C2'" . C   A 1 35 ? -9.107  -3.231  8.267   1.00 150.48 ? 35  C   A "C2'" 1 
ATOM   741  O  "O2'" . C   A 1 35 ? -10.120 -2.255  8.082   1.00 146.77 ? 35  C   A "O2'" 1 
ATOM   742  C  "C1'" . C   A 1 35 ? -9.660  -4.508  8.934   1.00 152.69 ? 35  C   A "C1'" 1 
ATOM   743  N  N1    . C   A 1 35 ? -8.846  -5.163  9.963   1.00 155.91 ? 35  C   A N1    1 
ATOM   744  C  C2    . C   A 1 35 ? -8.870  -4.658  11.251  1.00 157.22 ? 35  C   A C2    1 
ATOM   745  O  O2    . C   A 1 35 ? -9.501  -3.629  11.467  1.00 157.18 ? 35  C   A O2    1 
ATOM   746  N  N3    . C   A 1 35 ? -8.199  -5.297  12.228  1.00 159.31 ? 35  C   A N3    1 
ATOM   747  C  C4    . C   A 1 35 ? -7.500  -6.397  11.953  1.00 160.12 ? 35  C   A C4    1 
ATOM   748  N  N4    . C   A 1 35 ? -6.862  -6.992  12.968  1.00 160.66 ? 35  C   A N4    1 
ATOM   749  C  C5    . C   A 1 35 ? -7.428  -6.927  10.625  1.00 159.29 ? 35  C   A C5    1 
ATOM   750  C  C6    . C   A 1 35 ? -8.110  -6.283  9.669   1.00 157.69 ? 35  C   A C6    1 
ATOM   751  P  P     . C   A 1 36 ? -7.492  -1.793  5.576   1.00 144.11 ? 36  C   A P     1 
ATOM   752  O  OP1   . C   A 1 36 ? -7.375  -1.625  4.113   1.00 144.54 ? 36  C   A OP1   1 
ATOM   753  O  OP2   . C   A 1 36 ? -6.298  -2.195  6.333   1.00 144.50 ? 36  C   A OP2   1 
ATOM   754  O  "O5'" . C   A 1 36 ? -8.002  -0.436  6.218   1.00 142.17 ? 36  C   A "O5'" 1 
ATOM   755  C  "C5'" . C   A 1 36 ? -7.120  0.386   6.922   1.00 138.70 ? 36  C   A "C5'" 1 
ATOM   756  C  "C4'" . C   A 1 36 ? -7.797  0.929   8.135   1.00 137.86 ? 36  C   A "C4'" 1 
ATOM   757  O  "O4'" . C   A 1 36 ? -8.276  -0.133  8.994   1.00 137.41 ? 36  C   A "O4'" 1 
ATOM   758  C  "C3'" . C   A 1 36 ? -6.809  1.673   8.977   1.00 138.84 ? 36  C   A "C3'" 1 
ATOM   759  O  "O3'" . C   A 1 36 ? -6.731  2.960   8.467   1.00 144.71 ? 36  C   A "O3'" 1 
ATOM   760  C  "C2'" . C   A 1 36 ? -7.373  1.574   10.379  1.00 137.39 ? 36  C   A "C2'" 1 
ATOM   761  O  "O2'" . C   A 1 36 ? -8.392  2.501   10.629  1.00 134.86 ? 36  C   A "O2'" 1 
ATOM   762  C  "C1'" . C   A 1 36 ? -7.937  0.159   10.353  1.00 137.87 ? 36  C   A "C1'" 1 
ATOM   763  N  N1    . C   A 1 36 ? -6.967  -0.855  10.797  1.00 138.59 ? 36  C   A N1    1 
ATOM   764  C  C2    . C   A 1 36 ? -6.497  -0.864  12.132  1.00 138.31 ? 36  C   A C2    1 
ATOM   765  O  O2    . C   A 1 36 ? -6.851  0.031   12.921  1.00 137.28 ? 36  C   A O2    1 
ATOM   766  N  N3    . C   A 1 36 ? -5.655  -1.858  12.513  1.00 138.17 ? 36  C   A N3    1 
ATOM   767  C  C4    . C   A 1 36 ? -5.270  -2.791  11.628  1.00 137.82 ? 36  C   A C4    1 
ATOM   768  N  N4    . C   A 1 36 ? -4.459  -3.753  12.028  1.00 138.52 ? 36  C   A N4    1 
ATOM   769  C  C5    . C   A 1 36 ? -5.704  -2.778  10.285  1.00 137.77 ? 36  C   A C5    1 
ATOM   770  C  C6    . C   A 1 36 ? -6.541  -1.807  9.914   1.00 138.88 ? 36  C   A C6    1 
ATOM   771  P  P     . C   A 1 37 ? -5.319  3.488   7.998   1.00 148.89 ? 37  C   A P     1 
ATOM   772  O  OP1   . C   A 1 37 ? -5.467  4.744   7.221   1.00 149.16 ? 37  C   A OP1   1 
ATOM   773  O  OP2   . C   A 1 37 ? -4.672  2.299   7.370   1.00 148.86 ? 37  C   A OP2   1 
ATOM   774  O  "O5'" . C   A 1 37 ? -4.652  3.854   9.396   1.00 149.43 ? 37  C   A "O5'" 1 
ATOM   775  C  "C5'" . C   A 1 37 ? -5.412  4.571   10.362  1.00 150.38 ? 37  C   A "C5'" 1 
ATOM   776  C  "C4'" . C   A 1 37 ? -4.714  4.579   11.698  1.00 151.97 ? 37  C   A "C4'" 1 
ATOM   777  O  "O4'" . C   A 1 37 ? -4.943  3.342   12.437  1.00 151.02 ? 37  C   A "O4'" 1 
ATOM   778  C  "C3'" . C   A 1 37 ? -3.203  4.699   11.654  1.00 152.70 ? 37  C   A "C3'" 1 
ATOM   779  O  "O3'" . C   A 1 37 ? -2.773  6.028   11.338  1.00 154.00 ? 37  C   A "O3'" 1 
ATOM   780  C  "C2'" . C   A 1 37 ? -2.844  4.222   13.061  1.00 152.94 ? 37  C   A "C2'" 1 
ATOM   781  O  "O2'" . C   A 1 37 ? -3.138  5.182   14.067  1.00 153.67 ? 37  C   A "O2'" 1 
ATOM   782  C  "C1'" . C   A 1 37 ? -3.785  3.027   13.205  1.00 150.47 ? 37  C   A "C1'" 1 
ATOM   783  N  N1    . C   A 1 37 ? -3.178  1.812   12.640  1.00 148.35 ? 37  C   A N1    1 
ATOM   784  C  C2    . C   A 1 37 ? -2.431  0.985   13.473  1.00 147.60 ? 37  C   A C2    1 
ATOM   785  O  O2    . C   A 1 37 ? -2.322  1.287   14.672  1.00 145.85 ? 37  C   A O2    1 
ATOM   786  N  N3    . C   A 1 37 ? -1.863  -0.135  12.953  1.00 148.77 ? 37  C   A N3    1 
ATOM   787  C  C4    . C   A 1 37 ? -2.026  -0.432  11.650  1.00 148.54 ? 37  C   A C4    1 
ATOM   788  N  N4    . C   A 1 37 ? -1.460  -1.560  11.176  1.00 149.58 ? 37  C   A N4    1 
ATOM   789  C  C5    . C   A 1 37 ? -2.777  0.403   10.783  1.00 147.86 ? 37  C   A C5    1 
ATOM   790  C  C6    . C   A 1 37 ? -3.330  1.502   11.313  1.00 148.24 ? 37  C   A C6    1 
ATOM   791  P  P     . A   A 1 38 ? -1.458  6.251   10.424  1.00 153.14 ? 38  A   A P     1 
ATOM   792  O  OP1   . A   A 1 38 ? -1.575  7.593   9.835   1.00 153.73 ? 38  A   A OP1   1 
ATOM   793  O  OP2   . A   A 1 38 ? -1.273  5.073   9.527   1.00 151.82 ? 38  A   A OP2   1 
ATOM   794  O  "O5'" . A   A 1 38 ? -0.272  6.296   11.489  1.00 155.40 ? 38  A   A "O5'" 1 
ATOM   795  C  "C5'" . A   A 1 38 ? -0.404  7.003   12.735  1.00 157.83 ? 38  A   A "C5'" 1 
ATOM   796  C  "C4'" . A   A 1 38 ? 0.662   6.531   13.716  1.00 160.46 ? 38  A   A "C4'" 1 
ATOM   797  O  "O4'" . A   A 1 38 ? 0.296   5.245   14.312  1.00 159.83 ? 38  A   A "O4'" 1 
ATOM   798  C  "C3'" . A   A 1 38 ? 2.017   6.260   13.078  1.00 162.05 ? 38  A   A "C3'" 1 
ATOM   799  O  "O3'" . A   A 1 38 ? 2.788   7.443   12.918  1.00 164.61 ? 38  A   A "O3'" 1 
ATOM   800  C  "C2'" . A   A 1 38 ? 2.656   5.283   14.060  1.00 161.26 ? 38  A   A "C2'" 1 
ATOM   801  O  "O2'" . A   A 1 38 ? 3.160   5.954   15.202  1.00 162.37 ? 38  A   A "O2'" 1 
ATOM   802  C  "C1'" . A   A 1 38 ? 1.454   4.407   14.433  1.00 158.99 ? 38  A   A "C1'" 1 
ATOM   803  N  N9    . A   A 1 38 ? 1.301   3.247   13.539  1.00 155.05 ? 38  A   A N9    1 
ATOM   804  C  C8    . A   A 1 38 ? 0.404   3.116   12.509  1.00 154.80 ? 38  A   A C8    1 
ATOM   805  N  N7    . A   A 1 38 ? 0.521   1.997   11.838  1.00 153.12 ? 38  A   A N7    1 
ATOM   806  C  C5    . A   A 1 38 ? 1.552   1.336   12.474  1.00 151.71 ? 38  A   A C5    1 
ATOM   807  C  C6    . A   A 1 38 ? 2.166   0.105   12.226  1.00 150.07 ? 38  A   A C6    1 
ATOM   808  N  N6    . A   A 1 38 ? 1.845   -0.699  11.223  1.00 148.65 ? 38  A   A N6    1 
ATOM   809  N  N1    . A   A 1 38 ? 3.152   -0.273  13.042  1.00 150.24 ? 38  A   A N1    1 
ATOM   810  C  C2    . A   A 1 38 ? 3.506   0.548   14.030  1.00 151.82 ? 38  A   A C2    1 
ATOM   811  N  N3    . A   A 1 38 ? 3.021   1.741   14.359  1.00 152.22 ? 38  A   A N3    1 
ATOM   812  C  C4    . A   A 1 38 ? 2.034   2.083   13.532  1.00 152.89 ? 38  A   A C4    1 
ATOM   813  P  P     . C   A 1 39 ? 4.031   7.441   11.904  1.00 164.86 ? 39  C   A P     1 
ATOM   814  O  OP1   . C   A 1 39 ? 4.664   8.766   12.097  1.00 165.92 ? 39  C   A OP1   1 
ATOM   815  O  OP2   . C   A 1 39 ? 3.525   7.071   10.554  1.00 163.20 ? 39  C   A OP2   1 
ATOM   816  O  "O5'" . C   A 1 39 ? 5.013   6.300   12.480  1.00 165.46 ? 39  C   A "O5'" 1 
ATOM   817  C  "C5'" . C   A 1 39 ? 5.861   6.530   13.634  1.00 166.04 ? 39  C   A "C5'" 1 
ATOM   818  C  "C4'" . C   A 1 39 ? 6.925   5.441   13.773  1.00 167.03 ? 39  C   A "C4'" 1 
ATOM   819  O  "O4'" . C   A 1 39 ? 6.275   4.157   13.928  1.00 166.19 ? 39  C   A "O4'" 1 
ATOM   820  C  "C3'" . C   A 1 39 ? 7.871   5.250   12.595  1.00 169.11 ? 39  C   A "C3'" 1 
ATOM   821  O  "O3'" . C   A 1 39 ? 9.011   6.095   12.655  1.00 172.37 ? 39  C   A "O3'" 1 
ATOM   822  C  "C2'" . C   A 1 39 ? 8.287   3.781   12.685  1.00 168.78 ? 39  C   A "C2'" 1 
ATOM   823  O  "O2'" . C   A 1 39 ? 9.468   3.494   13.419  1.00 169.36 ? 39  C   A "O2'" 1 
ATOM   824  C  "C1'" . C   A 1 39 ? 7.056   3.140   13.315  1.00 167.35 ? 39  C   A "C1'" 1 
ATOM   825  N  N1    . C   A 1 39 ? 6.217   2.440   12.346  1.00 166.64 ? 39  C   A N1    1 
ATOM   826  C  C2    . C   A 1 39 ? 6.677   1.247   11.783  1.00 166.46 ? 39  C   A C2    1 
ATOM   827  O  O2    . C   A 1 39 ? 7.820   0.849   12.059  1.00 165.40 ? 39  C   A O2    1 
ATOM   828  N  N3    . C   A 1 39 ? 5.867   0.570   10.943  1.00 166.87 ? 39  C   A N3    1 
ATOM   829  C  C4    . C   A 1 39 ? 4.655   1.061   10.643  1.00 167.34 ? 39  C   A C4    1 
ATOM   830  N  N4    . C   A 1 39 ? 3.867   0.353   9.835   1.00 167.85 ? 39  C   A N4    1 
ATOM   831  C  C5    . C   A 1 39 ? 4.190   2.293   11.170  1.00 167.06 ? 39  C   A C5    1 
ATOM   832  C  C6    . C   A 1 39 ? 4.994   2.941   12.011  1.00 166.50 ? 39  C   A C6    1 
ATOM   833  P  P     . A   A 1 40 ? 9.887   6.334   11.325  1.00 174.08 ? 40  A   A P     1 
ATOM   834  O  OP1   . A   A 1 40 ? 10.169  7.789   11.291  1.00 174.54 ? 40  A   A OP1   1 
ATOM   835  O  OP2   . A   A 1 40 ? 9.253   5.676   10.157  1.00 173.78 ? 40  A   A OP2   1 
ATOM   836  O  "O5'" . A   A 1 40 ? 11.254  5.562   11.577  1.00 175.43 ? 40  A   A "O5'" 1 
ATOM   837  C  "C5'" . A   A 1 40 ? 12.086  5.219   10.482  1.00 175.85 ? 40  A   A "C5'" 1 
ATOM   838  C  "C4'" . A   A 1 40 ? 12.416  3.765   10.532  1.00 177.68 ? 40  A   A "C4'" 1 
ATOM   839  O  "O4'" . A   A 1 40 ? 11.318  3.001   11.092  1.00 176.51 ? 40  A   A "O4'" 1 
ATOM   840  C  "C3'" . A   A 1 40 ? 12.634  3.156   9.166   1.00 179.97 ? 40  A   A "C3'" 1 
ATOM   841  O  "O3'" . A   A 1 40 ? 13.934  3.471   8.679   1.00 184.17 ? 40  A   A "O3'" 1 
ATOM   842  C  "C2'" . A   A 1 40 ? 12.378  1.672   9.419   1.00 179.01 ? 40  A   A "C2'" 1 
ATOM   843  O  "O2'" . A   A 1 40 ? 13.473  0.943   9.919   1.00 179.06 ? 40  A   A "O2'" 1 
ATOM   844  C  "C1'" . A   A 1 40 ? 11.285  1.723   10.484  1.00 177.82 ? 40  A   A "C1'" 1 
ATOM   845  N  N9    . A   A 1 40 ? 9.976   1.534   9.885   1.00 178.01 ? 40  A   A N9    1 
ATOM   846  C  C8    . A   A 1 40 ? 8.875   2.327   9.992   1.00 178.30 ? 40  A   A C8    1 
ATOM   847  N  N7    . A   A 1 40 ? 7.831   1.874   9.333   1.00 179.03 ? 40  A   A N7    1 
ATOM   848  C  C5    . A   A 1 40 ? 8.290   0.704   8.743   1.00 178.59 ? 40  A   A C5    1 
ATOM   849  C  C6    . A   A 1 40 ? 7.676   -0.259  7.894   1.00 177.55 ? 40  A   A C6    1 
ATOM   850  N  N6    . A   A 1 40 ? 6.416   -0.198  7.486   1.00 177.12 ? 40  A   A N6    1 
ATOM   851  N  N1    . A   A 1 40 ? 8.417   -1.299  7.484   1.00 176.87 ? 40  A   A N1    1 
ATOM   852  C  C2    . A   A 1 40 ? 9.685   -1.367  7.887   1.00 178.39 ? 40  A   A C2    1 
ATOM   853  N  N3    . A   A 1 40 ? 10.382  -0.534  8.675   1.00 178.68 ? 40  A   A N3    1 
ATOM   854  C  C4    . A   A 1 40 ? 9.613   0.489   9.076   1.00 178.62 ? 40  A   A C4    1 
ATOM   855  P  P     . U   A 1 41 ? 14.424  2.862   7.276   1.00 186.94 ? 41  U   A P     1 
ATOM   856  O  OP1   . U   A 1 41 ? 15.825  3.274   6.996   1.00 186.33 ? 41  U   A OP1   1 
ATOM   857  O  OP2   . U   A 1 41 ? 13.381  3.072   6.253   1.00 186.37 ? 41  U   A OP2   1 
ATOM   858  O  "O5'" . U   A 1 41 ? 14.457  1.312   7.571   1.00 189.53 ? 41  U   A "O5'" 1 
ATOM   859  C  "C5'" . U   A 1 41 ? 15.605  0.556   7.272   1.00 194.19 ? 41  U   A "C5'" 1 
ATOM   860  C  "C4'" . U   A 1 41 ? 15.295  -0.385  6.147   1.00 197.69 ? 41  U   A "C4'" 1 
ATOM   861  O  "O4'" . U   A 1 41 ? 14.037  -1.039  6.458   1.00 197.98 ? 41  U   A "O4'" 1 
ATOM   862  C  "C3'" . U   A 1 41 ? 15.028  0.268   4.806   1.00 198.94 ? 41  U   A "C3'" 1 
ATOM   863  O  "O3'" . U   A 1 41 ? 16.245  0.501   4.123   1.00 200.87 ? 41  U   A "O3'" 1 
ATOM   864  C  "C2'" . U   A 1 41 ? 14.204  -0.803  4.116   1.00 199.27 ? 41  U   A "C2'" 1 
ATOM   865  O  "O2'" . U   A 1 41 ? 14.990  -1.896  3.693   1.00 198.30 ? 41  U   A "O2'" 1 
ATOM   866  C  "C1'" . U   A 1 41 ? 13.314  -1.260  5.268   1.00 199.19 ? 41  U   A "C1'" 1 
ATOM   867  N  N1    . U   A 1 41 ? 12.064  -0.494  5.340   1.00 200.37 ? 41  U   A N1    1 
ATOM   868  C  C2    . U   A 1 41 ? 10.957  -1.104  4.819   1.00 200.94 ? 41  U   A C2    1 
ATOM   869  O  O2    . U   A 1 41 ? 10.998  -2.223  4.352   1.00 202.16 ? 41  U   A O2    1 
ATOM   870  N  N3    . U   A 1 41 ? 9.804   -0.370  4.873   1.00 200.69 ? 41  U   A N3    1 
ATOM   871  C  C4    . U   A 1 41 ? 9.651   0.882   5.390   1.00 200.19 ? 41  U   A C4    1 
ATOM   872  O  O4    . U   A 1 41 ? 8.536   1.388   5.382   1.00 200.28 ? 41  U   A O4    1 
ATOM   873  C  C5    . U   A 1 41 ? 10.849  1.464   5.925   1.00 200.18 ? 41  U   A C5    1 
ATOM   874  C  C6    . U   A 1 41 ? 11.991  0.768   5.888   1.00 200.42 ? 41  U   A C6    1 
ATOM   875  P  P     . A   A 1 42 ? 16.242  1.421   2.825   1.00 201.44 ? 42  A   A P     1 
ATOM   876  O  OP1   . A   A 1 42 ? 17.640  1.621   2.400   1.00 201.52 ? 42  A   A OP1   1 
ATOM   877  O  OP2   . A   A 1 42 ? 15.387  2.588   3.137   1.00 200.80 ? 42  A   A OP2   1 
ATOM   878  O  "O5'" . A   A 1 42 ? 15.552  0.502   1.734   1.00 204.95 ? 42  A   A "O5'" 1 
ATOM   879  C  "C5'" . A   A 1 42 ? 16.156  -0.723  1.372   1.00 211.44 ? 42  A   A "C5'" 1 
ATOM   880  C  "C4'" . A   A 1 42 ? 15.168  -1.587  0.648   1.00 216.87 ? 42  A   A "C4'" 1 
ATOM   881  O  "O4'" . A   A 1 42 ? 14.041  -1.887  1.517   1.00 218.66 ? 42  A   A "O4'" 1 
ATOM   882  C  "C3'" . A   A 1 42 ? 14.500  -0.931  -0.540  1.00 219.43 ? 42  A   A "C3'" 1 
ATOM   883  O  "O3'" . A   A 1 42 ? 15.362  -0.850  -1.662  1.00 222.30 ? 42  A   A "O3'" 1 
ATOM   884  C  "C2'" . A   A 1 42 ? 13.269  -1.813  -0.721  1.00 219.95 ? 42  A   A "C2'" 1 
ATOM   885  O  "O2'" . A   A 1 42 ? 13.513  -3.077  -1.324  1.00 219.28 ? 42  A   A "O2'" 1 
ATOM   886  C  "C1'" . A   A 1 42 ? 12.853  -1.988  0.739   1.00 220.71 ? 42  A   A "C1'" 1 
ATOM   887  N  N9    . A   A 1 42 ? 11.941  -0.916  1.139   1.00 223.01 ? 42  A   A N9    1 
ATOM   888  C  C8    . A   A 1 42 ? 12.190  0.249   1.840   1.00 223.68 ? 42  A   A C8    1 
ATOM   889  N  N7    . A   A 1 42 ? 11.130  1.012   1.993   1.00 224.12 ? 42  A   A N7    1 
ATOM   890  C  C5    . A   A 1 42 ? 10.114  0.299   1.358   1.00 225.17 ? 42  A   A C5    1 
ATOM   891  C  C6    . A   A 1 42 ? 8.745   0.569   1.152   1.00 225.53 ? 42  A   A C6    1 
ATOM   892  N  N6    . A   A 1 42 ? 8.134   1.670   1.582   1.00 225.23 ? 42  A   A N6    1 
ATOM   893  N  N1    . A   A 1 42 ? 8.014   -0.349  0.474   1.00 226.01 ? 42  A   A N1    1 
ATOM   894  C  C2    . A   A 1 42 ? 8.629   -1.461  0.031   1.00 225.66 ? 42  A   A C2    1 
ATOM   895  N  N3    . A   A 1 42 ? 9.906   -1.825  0.155   1.00 225.17 ? 42  A   A N3    1 
ATOM   896  C  C4    . A   A 1 42 ? 10.600  -0.890  0.835   1.00 224.59 ? 42  A   A C4    1 
ATOM   897  P  P     . C   A 1 43 ? 15.463  0.534   -2.462  1.00 223.58 ? 43  C   A P     1 
ATOM   898  O  OP1   . C   A 1 43 ? 16.772  0.521   -3.159  1.00 223.83 ? 43  C   A OP1   1 
ATOM   899  O  OP2   . C   A 1 43 ? 15.152  1.646   -1.518  1.00 223.24 ? 43  C   A OP2   1 
ATOM   900  O  "O5'" . C   A 1 43 ? 14.288  0.407   -3.542  1.00 224.72 ? 43  C   A "O5'" 1 
ATOM   901  C  "C5'" . C   A 1 43 ? 14.210  -0.730  -4.409  1.00 225.73 ? 43  C   A "C5'" 1 
ATOM   902  C  "C4'" . C   A 1 43 ? 12.783  -0.973  -4.885  1.00 227.25 ? 43  C   A "C4'" 1 
ATOM   903  O  "O4'" . C   A 1 43 ? 11.908  -1.202  -3.741  1.00 226.88 ? 43  C   A "O4'" 1 
ATOM   904  C  "C3'" . C   A 1 43 ? 12.057  0.138   -5.634  1.00 228.58 ? 43  C   A "C3'" 1 
ATOM   905  O  "O3'" . C   A 1 43 ? 12.427  0.286   -7.002  1.00 231.25 ? 43  C   A "O3'" 1 
ATOM   906  C  "C2'" . C   A 1 43 ? 10.611  -0.327  -5.516  1.00 227.62 ? 43  C   A "C2'" 1 
ATOM   907  O  "O2'" . C   A 1 43 ? 10.295  -1.391  -6.404  1.00 226.62 ? 43  C   A "O2'" 1 
ATOM   908  C  "C1'" . C   A 1 43 ? 10.577  -0.779  -4.052  1.00 226.62 ? 43  C   A "C1'" 1 
ATOM   909  N  N1    . C   A 1 43 ? 10.206  0.355   -3.168  1.00 225.29 ? 43  C   A N1    1 
ATOM   910  C  C2    . C   A 1 43 ? 8.841   0.621   -2.927  1.00 224.37 ? 43  C   A C2    1 
ATOM   911  O  O2    . C   A 1 43 ? 7.985   -0.137  -3.413  1.00 223.69 ? 43  C   A O2    1 
ATOM   912  N  N3    . C   A 1 43 ? 8.499   1.699   -2.182  1.00 223.83 ? 43  C   A N3    1 
ATOM   913  C  C4    . C   A 1 43 ? 9.452   2.479   -1.658  1.00 223.77 ? 43  C   A C4    1 
ATOM   914  N  N4    . C   A 1 43 ? 9.077   3.535   -0.942  1.00 223.36 ? 43  C   A N4    1 
ATOM   915  C  C5    . C   A 1 43 ? 10.836  2.216   -1.855  1.00 223.97 ? 43  C   A C5    1 
ATOM   916  C  C6    . C   A 1 43 ? 11.168  1.151   -2.603  1.00 224.90 ? 43  C   A C6    1 
ATOM   917  P  P     . U   A 1 44 ? 12.174  1.695   -7.748  1.00 233.15 ? 44  U   A P     1 
ATOM   918  O  OP1   . U   A 1 44 ? 12.632  1.503   -9.143  1.00 233.50 ? 44  U   A OP1   1 
ATOM   919  O  OP2   . U   A 1 44 ? 12.754  2.800   -6.931  1.00 232.58 ? 44  U   A OP2   1 
ATOM   920  O  "O5'" . U   A 1 44 ? 10.583  1.858   -7.781  1.00 234.35 ? 44  U   A "O5'" 1 
ATOM   921  C  "C5'" . U   A 1 44 ? 9.743   0.902   -8.447  1.00 235.50 ? 44  U   A "C5'" 1 
ATOM   922  C  "C4'" . U   A 1 44 ? 8.277   1.276   -8.289  1.00 236.63 ? 44  U   A "C4'" 1 
ATOM   923  O  "O4'" . U   A 1 44 ? 7.958   1.376   -6.871  1.00 236.24 ? 44  U   A "O4'" 1 
ATOM   924  C  "C3'" . U   A 1 44 ? 7.832   2.617   -8.862  1.00 237.28 ? 44  U   A "C3'" 1 
ATOM   925  O  "O3'" . U   A 1 44 ? 7.542   2.526   -10.257 1.00 239.66 ? 44  U   A "O3'" 1 
ATOM   926  C  "C2'" . U   A 1 44 ? 6.581   2.906   -8.037  1.00 236.13 ? 44  U   A "C2'" 1 
ATOM   927  O  "O2'" . U   A 1 44 ? 5.465   2.136   -8.448  1.00 234.04 ? 44  U   A "O2'" 1 
ATOM   928  C  "C1'" . U   A 1 44 ? 7.028   2.432   -6.654  1.00 235.29 ? 44  U   A "C1'" 1 
ATOM   929  N  N1    . U   A 1 44 ? 7.677   3.457   -5.811  1.00 233.78 ? 44  U   A N1    1 
ATOM   930  C  C2    . U   A 1 44 ? 6.890   4.478   -5.310  1.00 232.83 ? 44  U   A C2    1 
ATOM   931  O  O2    . U   A 1 44 ? 5.698   4.566   -5.550  1.00 233.25 ? 44  U   A O2    1 
ATOM   932  N  N3    . U   A 1 44 ? 7.552   5.391   -4.516  1.00 231.50 ? 44  U   A N3    1 
ATOM   933  C  C4    . U   A 1 44 ? 8.889   5.393   -4.179  1.00 230.39 ? 44  U   A C4    1 
ATOM   934  O  O4    . U   A 1 44 ? 9.338   6.289   -3.462  1.00 228.37 ? 44  U   A O4    1 
ATOM   935  C  C5    . U   A 1 44 ? 9.639   4.315   -4.734  1.00 231.09 ? 44  U   A C5    1 
ATOM   936  C  C6    . U   A 1 44 ? 9.027   3.404   -5.511  1.00 233.02 ? 44  U   A C6    1 
ATOM   937  P  P     . U   A 1 45 ? 8.057   3.677   -11.266 1.00 241.24 ? 45  U   A P     1 
ATOM   938  O  OP1   . U   A 1 45 ? 7.974   3.084   -12.626 1.00 240.57 ? 45  U   A OP1   1 
ATOM   939  O  OP2   . U   A 1 45 ? 9.355   4.220   -10.777 1.00 239.98 ? 45  U   A OP2   1 
ATOM   940  O  "O5'" . U   A 1 45 ? 6.943   4.821   -11.164 1.00 243.60 ? 45  U   A "O5'" 1 
ATOM   941  C  "C5'" . U   A 1 45 ? 7.022   6.033   -11.941 1.00 246.40 ? 45  U   A "C5'" 1 
ATOM   942  C  "C4'" . U   A 1 45 ? 5.625   6.532   -12.315 1.00 247.66 ? 45  U   A "C4'" 1 
ATOM   943  O  "O4'" . U   A 1 45 ? 5.002   5.581   -13.214 1.00 249.18 ? 45  U   A "O4'" 1 
ATOM   944  C  "C3'" . U   A 1 45 ? 4.646   6.730   -11.157 1.00 247.49 ? 45  U   A "C3'" 1 
ATOM   945  O  "O3'" . U   A 1 45 ? 4.624   8.084   -10.720 1.00 245.67 ? 45  U   A "O3'" 1 
ATOM   946  C  "C2'" . U   A 1 45 ? 3.281   6.458   -11.790 1.00 248.11 ? 45  U   A "C2'" 1 
ATOM   947  O  "O2'" . U   A 1 45 ? 2.679   7.629   -12.308 1.00 246.77 ? 45  U   A "O2'" 1 
ATOM   948  C  "C1'" . U   A 1 45 ? 3.625   5.468   -12.914 1.00 250.23 ? 45  U   A "C1'" 1 
ATOM   949  N  N1    . U   A 1 45 ? 3.338   4.054   -12.627 1.00 252.94 ? 45  U   A N1    1 
ATOM   950  C  C2    . U   A 1 45 ? 2.007   3.657   -12.596 1.00 254.31 ? 45  U   A C2    1 
ATOM   951  O  O2    . U   A 1 45 ? 1.072   4.441   -12.765 1.00 254.56 ? 45  U   A O2    1 
ATOM   952  N  N3    . U   A 1 45 ? 1.813   2.312   -12.355 1.00 255.21 ? 45  U   A N3    1 
ATOM   953  C  C4    . U   A 1 45 ? 2.796   1.343   -12.142 1.00 254.90 ? 45  U   A C4    1 
ATOM   954  O  O4    . U   A 1 45 ? 2.462   0.170   -11.963 1.00 255.20 ? 45  U   A O4    1 
ATOM   955  C  C5    . U   A 1 45 ? 4.143   1.837   -12.171 1.00 254.09 ? 45  U   A C5    1 
ATOM   956  C  C6    . U   A 1 45 ? 4.361   3.139   -12.405 1.00 253.49 ? 45  U   A C6    1 
ATOM   957  P  P     . U   A 1 46 ? 5.224   9.237   -11.663 1.00 244.44 ? 46  U   A P     1 
ATOM   958  O  OP1   . U   A 1 46 ? 4.716   8.964   -13.030 1.00 244.37 ? 46  U   A OP1   1 
ATOM   959  O  OP2   . U   A 1 46 ? 6.693   9.379   -11.450 1.00 243.75 ? 46  U   A OP2   1 
ATOM   960  O  "O5'" . U   A 1 46 ? 4.486   10.560  -11.154 1.00 243.49 ? 46  U   A "O5'" 1 
ATOM   961  C  "C5'" . U   A 1 46 ? 3.614   10.557  -10.012 1.00 240.59 ? 46  U   A "C5'" 1 
ATOM   962  C  "C4'" . U   A 1 46 ? 4.403   10.887  -8.759  1.00 238.31 ? 46  U   A "C4'" 1 
ATOM   963  O  "O4'" . U   A 1 46 ? 5.096   9.705   -8.296  1.00 239.84 ? 46  U   A "O4'" 1 
ATOM   964  C  "C3'" . U   A 1 46 ? 5.459   11.981  -8.934  1.00 234.99 ? 46  U   A "C3'" 1 
ATOM   965  O  "O3'" . U   A 1 46 ? 4.965   13.251  -8.444  1.00 225.73 ? 46  U   A "O3'" 1 
ATOM   966  C  "C2'" . U   A 1 46 ? 6.668   11.524  -8.077  1.00 237.23 ? 46  U   A "C2'" 1 
ATOM   967  O  "O2'" . U   A 1 46 ? 6.931   12.333  -6.952  1.00 237.05 ? 46  U   A "O2'" 1 
ATOM   968  C  "C1'" . U   A 1 46 ? 6.288   10.093  -7.644  1.00 240.19 ? 46  U   A "C1'" 1 
ATOM   969  N  N1    . U   A 1 46 ? 7.253   8.984   -7.741  1.00 242.56 ? 46  U   A N1    1 
ATOM   970  C  C2    . U   A 1 46 ? 8.342   8.955   -6.861  1.00 243.71 ? 46  U   A C2    1 
ATOM   971  O  O2    . U   A 1 46 ? 8.578   9.845   -6.042  1.00 243.89 ? 46  U   A O2    1 
ATOM   972  N  N3    . U   A 1 46 ? 9.148   7.837   -6.981  1.00 245.09 ? 46  U   A N3    1 
ATOM   973  C  C4    . U   A 1 46 ? 8.992   6.781   -7.875  1.00 245.20 ? 46  U   A C4    1 
ATOM   974  O  O4    . U   A 1 46 ? 9.810   5.853   -7.880  1.00 245.57 ? 46  U   A O4    1 
ATOM   975  C  C5    . U   A 1 46 ? 7.862   6.905   -8.749  1.00 244.72 ? 46  U   A C5    1 
ATOM   976  C  C6    . U   A 1 46 ? 7.059   7.970   -8.659  1.00 243.50 ? 46  U   A C6    1 
ATOM   977  P  P     . G   A 1 47 ? 3.513   13.821  -8.904  1.00 195.23 ? 47  G   A P     1 
ATOM   978  O  OP1   . G   A 1 47 ? 3.392   13.691  -10.377 1.00 191.22 ? 47  G   A OP1   1 
ATOM   979  O  OP2   . G   A 1 47 ? 3.374   15.159  -8.264  1.00 189.17 ? 47  G   A OP2   1 
ATOM   980  O  "O5'" . G   A 1 47 ? 2.413   12.845  -8.296  1.00 191.49 ? 47  G   A "O5'" 1 
ATOM   981  C  "C5'" . G   A 1 47 ? 1.275   12.528  -9.061  1.00 192.61 ? 47  G   A "C5'" 1 
ATOM   982  C  "C4'" . G   A 1 47 ? 0.021   13.058  -8.408  1.00 197.01 ? 47  G   A "C4'" 1 
ATOM   983  O  "O4'" . G   A 1 47 ? 0.175   14.393  -7.880  1.00 198.18 ? 47  G   A "O4'" 1 
ATOM   984  C  "C3'" . G   A 1 47 ? -1.090  13.200  -9.413  1.00 199.00 ? 47  G   A "C3'" 1 
ATOM   985  O  "O3'" . G   A 1 47 ? -1.676  11.949  -9.542  1.00 201.52 ? 47  G   A "O3'" 1 
ATOM   986  C  "C2'" . G   A 1 47 ? -2.012  14.239  -8.812  1.00 200.16 ? 47  G   A "C2'" 1 
ATOM   987  O  "O2'" . G   A 1 47 ? -2.899  13.700  -7.865  1.00 199.64 ? 47  G   A "O2'" 1 
ATOM   988  C  "C1'" . G   A 1 47 ? -1.002  15.166  -8.152  1.00 200.33 ? 47  G   A "C1'" 1 
ATOM   989  N  N9    . G   A 1 47 ? -0.569  16.253  -9.011  1.00 202.54 ? 47  G   A N9    1 
ATOM   990  C  C8    . G   A 1 47 ? 0.704   16.751  -8.968  1.00 202.99 ? 47  G   A C8    1 
ATOM   991  N  N7    . G   A 1 47 ? 0.929   17.672  -9.853  1.00 203.14 ? 47  G   A N7    1 
ATOM   992  C  C5    . G   A 1 47 ? -0.268  17.814  -10.539 1.00 202.29 ? 47  G   A C5    1 
ATOM   993  C  C6    . G   A 1 47 ? -0.567  18.665  -11.616 1.00 202.27 ? 47  G   A C6    1 
ATOM   994  O  O6    . G   A 1 47 ? 0.200   19.449  -12.192 1.00 200.93 ? 47  G   A O6    1 
ATOM   995  N  N1    . G   A 1 47 ? -1.886  18.544  -12.024 1.00 202.04 ? 47  G   A N1    1 
ATOM   996  C  C2    . G   A 1 47 ? -2.803  17.694  -11.467 1.00 202.25 ? 47  G   A C2    1 
ATOM   997  N  N2    . G   A 1 47 ? -4.015  17.791  -12.049 1.00 202.10 ? 47  G   A N2    1 
ATOM   998  N  N3    . G   A 1 47 ? -2.538  16.845  -10.443 1.00 202.83 ? 47  G   A N3    1 
ATOM   999  C  C4    . G   A 1 47 ? -1.236  16.966  -10.028 1.00 202.85 ? 47  G   A C4    1 
ATOM   1000 P  P     . U   A 1 48 ? -1.387  11.120  -10.859 1.00 202.87 ? 48  U   A P     1 
ATOM   1001 O  OP1   . U   A 1 48 ? -1.922  9.754   -10.659 1.00 203.06 ? 48  U   A OP1   1 
ATOM   1002 O  OP2   . U   A 1 48 ? 0.059   11.321  -11.185 1.00 202.27 ? 48  U   A OP2   1 
ATOM   1003 O  "O5'" . U   A 1 48 ? -2.354  11.835  -11.893 1.00 201.63 ? 48  U   A "O5'" 1 
ATOM   1004 C  "C5'" . U   A 1 48 ? -3.732  11.935  -11.567 1.00 199.66 ? 48  U   A "C5'" 1 
ATOM   1005 C  "C4'" . U   A 1 48 ? -4.374  13.048  -12.332 1.00 199.18 ? 48  U   A "C4'" 1 
ATOM   1006 O  "O4'" . U   A 1 48 ? -3.750  14.310  -12.006 1.00 198.75 ? 48  U   A "O4'" 1 
ATOM   1007 C  "C3'" . U   A 1 48 ? -4.199  12.977  -13.831 1.00 198.01 ? 48  U   A "C3'" 1 
ATOM   1008 O  "O3'" . U   A 1 48 ? -5.072  12.015  -14.377 1.00 198.02 ? 48  U   A "O3'" 1 
ATOM   1009 C  "C2'" . U   A 1 48 ? -4.564  14.391  -14.232 1.00 198.23 ? 48  U   A "C2'" 1 
ATOM   1010 O  "O2'" . U   A 1 48 ? -5.958  14.648  -14.210 1.00 197.52 ? 48  U   A "O2'" 1 
ATOM   1011 C  "C1'" . U   A 1 48 ? -3.877  15.173  -13.115 1.00 198.35 ? 48  U   A "C1'" 1 
ATOM   1012 N  N1    . U   A 1 48 ? -2.538  15.603  -13.510 1.00 197.91 ? 48  U   A N1    1 
ATOM   1013 C  C2    . U   A 1 48 ? -2.468  16.482  -14.543 1.00 199.41 ? 48  U   A C2    1 
ATOM   1014 O  O2    . U   A 1 48 ? -3.459  16.865  -15.138 1.00 200.71 ? 48  U   A O2    1 
ATOM   1015 N  N3    . U   A 1 48 ? -1.208  16.908  -14.858 1.00 199.55 ? 48  U   A N3    1 
ATOM   1016 C  C4    . U   A 1 48 ? -0.042  16.541  -14.243 1.00 198.26 ? 48  U   A C4    1 
ATOM   1017 O  O4    . U   A 1 48 ? 1.002   17.115  -14.547 1.00 198.35 ? 48  U   A O4    1 
ATOM   1018 C  C5    . U   A 1 48 ? -0.204  15.592  -13.194 1.00 197.68 ? 48  U   A C5    1 
ATOM   1019 C  C6    . U   A 1 48 ? -1.417  15.165  -12.876 1.00 197.49 ? 48  U   A C6    1 
ATOM   1020 P  P     . U   A 1 49 ? -4.472  10.882  -15.326 1.00 203.98 ? 49  U   A P     1 
ATOM   1021 O  OP1   . U   A 1 49 ? -4.836  9.586   -14.714 1.00 205.03 ? 49  U   A OP1   1 
ATOM   1022 O  OP2   . U   A 1 49 ? -3.033  11.206  -15.568 1.00 203.48 ? 49  U   A OP2   1 
ATOM   1023 O  "O5'" . U   A 1 49 ? -5.304  11.065  -16.671 1.00 203.06 ? 49  U   A "O5'" 1 
ATOM   1024 C  "C5'" . U   A 1 49 ? -4.655  11.466  -17.875 1.00 200.76 ? 49  U   A "C5'" 1 
ATOM   1025 C  "C4'" . U   A 1 49 ? -5.360  12.658  -18.494 1.00 198.10 ? 49  U   A "C4'" 1 
ATOM   1026 O  "O4'" . U   A 1 49 ? -5.152  13.851  -17.693 1.00 197.57 ? 49  U   A "O4'" 1 
ATOM   1027 C  "C3'" . U   A 1 49 ? -4.793  13.025  -19.845 1.00 195.97 ? 49  U   A "C3'" 1 
ATOM   1028 O  "O3'" . U   A 1 49 ? -5.443  12.252  -20.808 1.00 194.73 ? 49  U   A "O3'" 1 
ATOM   1029 C  "C2'" . U   A 1 49 ? -5.079  14.504  -19.936 1.00 195.57 ? 49  U   A "C2'" 1 
ATOM   1030 O  "O2'" . U   A 1 49 ? -6.452  14.767  -20.178 1.00 194.37 ? 49  U   A "O2'" 1 
ATOM   1031 C  "C1'" . U   A 1 49 ? -4.693  14.907  -18.519 1.00 195.85 ? 49  U   A "C1'" 1 
ATOM   1032 N  N1    . U   A 1 49 ? -3.242  14.982  -18.310 1.00 195.51 ? 49  U   A N1    1 
ATOM   1033 C  C2    . U   A 1 49 ? -2.507  15.811  -19.114 1.00 195.54 ? 49  U   A C2    1 
ATOM   1034 O  O2    . U   A 1 49 ? -2.998  16.482  -19.992 1.00 196.42 ? 49  U   A O2    1 
ATOM   1035 N  N3    . U   A 1 49 ? -1.164  15.838  -18.843 1.00 195.35 ? 49  U   A N3    1 
ATOM   1036 C  C4    . U   A 1 49 ? -0.513  15.138  -17.864 1.00 194.78 ? 49  U   A C4    1 
ATOM   1037 O  O4    . U   A 1 49 ? 0.685   15.304  -17.707 1.00 194.66 ? 49  U   A O4    1 
ATOM   1038 C  C5    . U   A 1 49 ? -1.347  14.290  -17.075 1.00 194.81 ? 49  U   A C5    1 
ATOM   1039 C  C6    . U   A 1 49 ? -2.645  14.238  -17.323 1.00 195.18 ? 49  U   A C6    1 
ATOM   1040 P  P     . G   A 1 50 ? -4.579  11.216  -21.648 1.00 192.91 ? 50  G   A P     1 
ATOM   1041 O  OP1   . G   A 1 50 ? -5.551  10.292  -22.285 1.00 193.04 ? 50  G   A OP1   1 
ATOM   1042 O  OP2   . G   A 1 50 ? -3.497  10.679  -20.778 1.00 192.60 ? 50  G   A OP2   1 
ATOM   1043 O  "O5'" . G   A 1 50 ? -3.898  12.178  -22.712 1.00 191.05 ? 50  G   A "O5'" 1 
ATOM   1044 C  "C5'" . G   A 1 50 ? -4.682  13.136  -23.418 1.00 186.07 ? 50  G   A "C5'" 1 
ATOM   1045 C  "C4'" . G   A 1 50 ? -3.787  14.083  -24.175 1.00 182.57 ? 50  G   A "C4'" 1 
ATOM   1046 O  "O4'" . G   A 1 50 ? -3.102  14.948  -23.241 1.00 180.70 ? 50  G   A "O4'" 1 
ATOM   1047 C  "C3'" . G   A 1 50 ? -2.652  13.433  -24.943 1.00 181.27 ? 50  G   A "C3'" 1 
ATOM   1048 O  "O3'" . G   A 1 50 ? -3.106  12.905  -26.181 1.00 179.69 ? 50  G   A "O3'" 1 
ATOM   1049 C  "C2'" . G   A 1 50 ? -1.690  14.599  -25.113 1.00 180.57 ? 50  G   A "C2'" 1 
ATOM   1050 O  "O2'" . G   A 1 50 ? -2.079  15.489  -26.142 1.00 181.53 ? 50  G   A "O2'" 1 
ATOM   1051 C  "C1'" . G   A 1 50 ? -1.839  15.293  -23.764 1.00 179.75 ? 50  G   A "C1'" 1 
ATOM   1052 N  N9    . G   A 1 50 ? -0.825  14.869  -22.820 1.00 178.03 ? 50  G   A N9    1 
ATOM   1053 C  C8    . G   A 1 50 ? -0.943  13.981  -21.779 1.00 177.53 ? 50  G   A C8    1 
ATOM   1054 N  N7    . G   A 1 50 ? 0.162   13.845  -21.102 1.00 177.33 ? 50  G   A N7    1 
ATOM   1055 C  C5    . G   A 1 50 ? 1.051   14.691  -21.751 1.00 178.05 ? 50  G   A C5    1 
ATOM   1056 C  C6    . G   A 1 50 ? 2.416   14.984  -21.485 1.00 178.17 ? 50  G   A C6    1 
ATOM   1057 O  O6    . G   A 1 50 ? 3.136   14.553  -20.592 1.00 178.23 ? 50  G   A O6    1 
ATOM   1058 N  N1    . G   A 1 50 ? 2.934   15.892  -22.398 1.00 178.85 ? 50  G   A N1    1 
ATOM   1059 C  C2    . G   A 1 50 ? 2.239   16.444  -23.428 1.00 179.21 ? 50  G   A C2    1 
ATOM   1060 N  N2    . G   A 1 50 ? 2.915   17.293  -24.205 1.00 181.03 ? 50  G   A N2    1 
ATOM   1061 N  N3    . G   A 1 50 ? 0.970   16.189  -23.682 1.00 178.66 ? 50  G   A N3    1 
ATOM   1062 C  C4    . G   A 1 50 ? 0.455   15.313  -22.811 1.00 177.95 ? 50  G   A C4    1 
ATOM   1063 P  P     . A   A 1 51 ? -2.226  11.795  -26.934 1.00 177.81 ? 51  A   A P     1 
ATOM   1064 O  OP1   . A   A 1 51 ? -3.082  11.377  -28.078 1.00 177.45 ? 51  A   A OP1   1 
ATOM   1065 O  OP2   . A   A 1 51 ? -1.689  10.760  -25.992 1.00 176.20 ? 51  A   A OP2   1 
ATOM   1066 O  "O5'" . A   A 1 51 ? -0.970  12.630  -27.451 1.00 176.44 ? 51  A   A "O5'" 1 
ATOM   1067 C  "C5'" . A   A 1 51 ? -1.129  13.689  -28.394 1.00 173.53 ? 51  A   A "C5'" 1 
ATOM   1068 C  "C4'" . A   A 1 51 ? 0.214   14.283  -28.737 1.00 170.87 ? 51  A   A "C4'" 1 
ATOM   1069 O  "O4'" . A   A 1 51 ? 0.758   14.941  -27.565 1.00 169.94 ? 51  A   A "O4'" 1 
ATOM   1070 C  "C3'" . A   A 1 51 ? 1.291   13.288  -29.145 1.00 170.05 ? 51  A   A "C3'" 1 
ATOM   1071 O  "O3'" . A   A 1 51 ? 1.189   12.946  -30.521 1.00 167.96 ? 51  A   A "O3'" 1 
ATOM   1072 C  "C2'" . A   A 1 51 ? 2.556   14.066  -28.823 1.00 169.58 ? 51  A   A "C2'" 1 
ATOM   1073 O  "O2'" . A   A 1 51 ? 2.830   15.080  -29.761 1.00 170.40 ? 51  A   A "O2'" 1 
ATOM   1074 C  "C1'" . A   A 1 51 ? 2.156   14.735  -27.514 1.00 168.39 ? 51  A   A "C1'" 1 
ATOM   1075 N  N9    . A   A 1 51 ? 2.454   13.885  -26.371 1.00 165.53 ? 51  A   A N9    1 
ATOM   1076 C  C8    . A   A 1 51 ? 1.806   12.767  -25.906 1.00 163.65 ? 51  A   A C8    1 
ATOM   1077 N  N7    . A   A 1 51 ? 2.349   12.256  -24.835 1.00 163.68 ? 51  A   A N7    1 
ATOM   1078 C  C5    . A   A 1 51 ? 3.433   13.094  -24.581 1.00 164.52 ? 51  A   A C5    1 
ATOM   1079 C  C6    . A   A 1 51 ? 4.421   13.118  -23.568 1.00 164.53 ? 51  A   A C6    1 
ATOM   1080 N  N6    . A   A 1 51 ? 4.485   12.243  -22.565 1.00 165.74 ? 51  A   A N6    1 
ATOM   1081 N  N1    . A   A 1 51 ? 5.354   14.094  -23.618 1.00 164.12 ? 51  A   A N1    1 
ATOM   1082 C  C2    . A   A 1 51 ? 5.294   14.981  -24.606 1.00 163.88 ? 51  A   A C2    1 
ATOM   1083 N  N3    . A   A 1 51 ? 4.420   15.071  -25.603 1.00 163.82 ? 51  A   A N3    1 
ATOM   1084 C  C4    . A   A 1 51 ? 3.508   14.090  -25.525 1.00 164.60 ? 51  A   A C4    1 
ATOM   1085 P  P     . U   A 1 52 ? 1.729   11.523  -31.041 1.00 156.84 ? 52  U   A P     1 
ATOM   1086 O  OP1   . U   A 1 52 ? 1.247   11.509  -32.437 1.00 152.22 ? 52  U   A OP1   1 
ATOM   1087 O  OP2   . U   A 1 52 ? 1.384   10.411  -30.143 1.00 154.08 ? 52  U   A OP2   1 
ATOM   1088 O  "O5'" . U   A 1 52 ? 3.314   11.650  -30.969 1.00 158.58 ? 52  U   A "O5'" 1 
ATOM   1089 C  "C5'" . U   A 1 52 ? 3.984   12.682  -31.669 1.00 165.92 ? 52  U   A "C5'" 1 
ATOM   1090 C  "C4'" . U   A 1 52 ? 5.344   12.933  -31.078 1.00 171.26 ? 52  U   A "C4'" 1 
ATOM   1091 O  "O4'" . U   A 1 52 ? 5.211   13.280  -29.686 1.00 174.38 ? 52  U   A "O4'" 1 
ATOM   1092 C  "C3'" . U   A 1 52 ? 6.317   11.774  -31.046 1.00 172.64 ? 52  U   A "C3'" 1 
ATOM   1093 O  "O3'" . U   A 1 52 ? 6.959   11.602  -32.291 1.00 173.13 ? 52  U   A "O3'" 1 
ATOM   1094 C  "C2'" . U   A 1 52 ? 7.323   12.242  -30.003 1.00 176.74 ? 52  U   A "C2'" 1 
ATOM   1095 O  "O2'" . U   A 1 52 ? 8.299   13.134  -30.495 1.00 175.81 ? 52  U   A "O2'" 1 
ATOM   1096 C  "C1'" . U   A 1 52 ? 6.410   12.959  -29.011 1.00 176.22 ? 52  U   A "C1'" 1 
ATOM   1097 N  N1    . U   A 1 52 ? 6.110   12.053  -27.897 1.00 181.23 ? 52  U   A N1    1 
ATOM   1098 C  C2    . U   A 1 52 ? 6.994   12.114  -26.836 1.00 183.97 ? 52  U   A C2    1 
ATOM   1099 O  O2    . U   A 1 52 ? 7.910   12.929  -26.767 1.00 183.25 ? 52  U   A O2    1 
ATOM   1100 N  N3    . U   A 1 52 ? 6.784   11.195  -25.853 1.00 184.32 ? 52  U   A N3    1 
ATOM   1101 C  C4    . U   A 1 52 ? 5.814   10.227  -25.814 1.00 184.73 ? 52  U   A C4    1 
ATOM   1102 O  O4    . U   A 1 52 ? 5.931   9.326   -24.983 1.00 186.07 ? 52  U   A O4    1 
ATOM   1103 C  C5    . U   A 1 52 ? 4.890   10.252  -26.916 1.00 184.28 ? 52  U   A C5    1 
ATOM   1104 C  C6    . U   A 1 52 ? 5.062   11.141  -27.895 1.00 183.52 ? 52  U   A C6    1 
ATOM   1105 P  P     . G   A 1 53 ? 7.410   10.145  -32.751 1.00 177.54 ? 53  G   A P     1 
ATOM   1106 O  OP1   . G   A 1 53 ? 8.812   9.936   -32.326 1.00 175.40 ? 53  G   A OP1   1 
ATOM   1107 O  OP2   . G   A 1 53 ? 7.041   10.031  -34.180 1.00 176.74 ? 53  G   A OP2   1 
ATOM   1108 O  "O5'" . G   A 1 53 ? 6.434   9.174   -31.960 1.00 180.86 ? 53  G   A "O5'" 1 
ATOM   1109 C  "C5'" . G   A 1 53 ? 5.049   9.093   -32.288 1.00 186.72 ? 53  G   A "C5'" 1 
ATOM   1110 C  "C4'" . G   A 1 53 ? 4.641   7.648   -32.539 1.00 191.17 ? 53  G   A "C4'" 1 
ATOM   1111 O  "O4'" . G   A 1 53 ? 5.323   7.145   -33.722 1.00 191.84 ? 53  G   A "O4'" 1 
ATOM   1112 C  "C3'" . G   A 1 53 ? 4.990   6.645   -31.442 1.00 193.83 ? 53  G   A "C3'" 1 
ATOM   1113 O  "O3'" . G   A 1 53 ? 4.014   6.628   -30.399 1.00 196.79 ? 53  G   A "O3'" 1 
ATOM   1114 C  "C2'" . G   A 1 53 ? 5.071   5.339   -32.226 1.00 193.15 ? 53  G   A "C2'" 1 
ATOM   1115 O  "O2'" . G   A 1 53 ? 3.819   4.814   -32.603 1.00 192.44 ? 53  G   A "O2'" 1 
ATOM   1116 C  "C1'" . G   A 1 53 ? 5.800   5.822   -33.478 1.00 192.45 ? 53  G   A "C1'" 1 
ATOM   1117 N  N9    . G   A 1 53 ? 7.240   5.900   -33.254 1.00 192.14 ? 53  G   A N9    1 
ATOM   1118 C  C8    . G   A 1 53 ? 8.080   6.942   -33.577 1.00 192.46 ? 53  G   A C8    1 
ATOM   1119 N  N7    . G   A 1 53 ? 9.327   6.721   -33.249 1.00 191.82 ? 53  G   A N7    1 
ATOM   1120 C  C5    . G   A 1 53 ? 9.310   5.457   -32.682 1.00 191.86 ? 53  G   A C5    1 
ATOM   1121 C  C6    . G   A 1 53 ? 10.365  4.679   -32.142 1.00 191.72 ? 53  G   A C6    1 
ATOM   1122 O  O6    . G   A 1 53 ? 11.576  4.943   -32.082 1.00 190.03 ? 53  G   A O6    1 
ATOM   1123 N  N1    . G   A 1 53 ? 9.894   3.478   -31.640 1.00 192.63 ? 53  G   A N1    1 
ATOM   1124 C  C2    . G   A 1 53 ? 8.577   3.066   -31.668 1.00 193.00 ? 53  G   A C2    1 
ATOM   1125 N  N2    . G   A 1 53 ? 8.303   1.881   -31.108 1.00 194.11 ? 53  G   A N2    1 
ATOM   1126 N  N3    . G   A 1 53 ? 7.596   3.764   -32.193 1.00 192.19 ? 53  G   A N3    1 
ATOM   1127 C  C4    . G   A 1 53 ? 8.030   4.940   -32.668 1.00 191.96 ? 53  G   A C4    1 
ATOM   1128 P  P     . G   A 1 54 ? 4.492   6.696   -28.859 1.00 198.73 ? 54  G   A P     1 
ATOM   1129 O  OP1   . G   A 1 54 ? 3.219   6.766   -28.121 1.00 198.23 ? 54  G   A OP1   1 
ATOM   1130 O  OP2   . G   A 1 54 ? 5.515   7.767   -28.664 1.00 196.82 ? 54  G   A OP2   1 
ATOM   1131 O  "O5'" . G   A 1 54 ? 5.222   5.294   -28.613 1.00 201.71 ? 54  G   A "O5'" 1 
ATOM   1132 C  "C5'" . G   A 1 54 ? 4.488   4.115   -28.234 1.00 206.69 ? 54  G   A "C5'" 1 
ATOM   1133 C  "C4'" . G   A 1 54 ? 5.413   3.116   -27.545 1.00 210.14 ? 54  G   A "C4'" 1 
ATOM   1134 O  "O4'" . G   A 1 54 ? 6.556   2.896   -28.423 1.00 210.84 ? 54  G   A "O4'" 1 
ATOM   1135 C  "C3'" . G   A 1 54 ? 6.045   3.558   -26.214 1.00 212.33 ? 54  G   A "C3'" 1 
ATOM   1136 O  "O3'" . G   A 1 54 ? 5.240   3.264   -25.069 1.00 213.41 ? 54  G   A "O3'" 1 
ATOM   1137 C  "C2'" . G   A 1 54 ? 7.350   2.768   -26.155 1.00 212.26 ? 54  G   A "C2'" 1 
ATOM   1138 O  "O2'" . G   A 1 54 ? 7.294   1.506   -25.517 1.00 212.22 ? 54  G   A "O2'" 1 
ATOM   1139 C  "C1'" . G   A 1 54 ? 7.707   2.632   -27.638 1.00 211.84 ? 54  G   A "C1'" 1 
ATOM   1140 N  N9    . G   A 1 54 ? 8.768   3.547   -28.017 1.00 211.61 ? 54  G   A N9    1 
ATOM   1141 C  C8    . G   A 1 54 ? 8.697   4.682   -28.787 1.00 211.47 ? 54  G   A C8    1 
ATOM   1142 N  N7    . G   A 1 54 ? 9.860   5.240   -28.973 1.00 211.82 ? 54  G   A N7    1 
ATOM   1143 C  C5    . G   A 1 54 ? 10.738  4.429   -28.271 1.00 212.53 ? 54  G   A C5    1 
ATOM   1144 C  C6    . G   A 1 54 ? 12.149  4.515   -28.109 1.00 213.18 ? 54  G   A C6    1 
ATOM   1145 O  O6    . G   A 1 54 ? 12.931  5.338   -28.588 1.00 213.67 ? 54  G   A O6    1 
ATOM   1146 N  N1    . G   A 1 54 ? 12.632  3.497   -27.293 1.00 213.61 ? 54  G   A N1    1 
ATOM   1147 C  C2    . G   A 1 54 ? 11.862  2.517   -26.719 1.00 213.31 ? 54  G   A C2    1 
ATOM   1148 N  N2    . G   A 1 54 ? 12.510  1.621   -25.958 1.00 213.81 ? 54  G   A N2    1 
ATOM   1149 N  N3    . G   A 1 54 ? 10.555  2.420   -26.876 1.00 212.71 ? 54  G   A N3    1 
ATOM   1150 C  C4    . G   A 1 54 ? 10.072  3.398   -27.661 1.00 212.15 ? 54  G   A C4    1 
ATOM   1151 P  P     . U   A 1 55 ? 5.076   4.367   -23.903 1.00 213.93 ? 55  U   A P     1 
ATOM   1152 O  OP1   . U   A 1 55 ? 3.633   4.739   -23.906 1.00 213.14 ? 55  U   A OP1   1 
ATOM   1153 O  OP2   . U   A 1 55 ? 6.128   5.425   -24.055 1.00 213.28 ? 55  U   A OP2   1 
ATOM   1154 O  "O5'" . U   A 1 55 ? 5.393   3.609   -22.539 1.00 214.02 ? 55  U   A "O5'" 1 
ATOM   1155 C  "C5'" . U   A 1 55 ? 5.852   4.341   -21.409 1.00 213.33 ? 55  U   A "C5'" 1 
ATOM   1156 C  "C4'" . U   A 1 55 ? 7.139   3.756   -20.928 1.00 212.94 ? 55  U   A "C4'" 1 
ATOM   1157 O  "O4'" . U   A 1 55 ? 7.804   3.147   -22.067 1.00 213.18 ? 55  U   A "O4'" 1 
ATOM   1158 C  "C3'" . U   A 1 55 ? 8.150   4.764   -20.414 1.00 213.23 ? 55  U   A "C3'" 1 
ATOM   1159 O  "O3'" . U   A 1 55 ? 7.954   5.176   -19.064 1.00 212.72 ? 55  U   A "O3'" 1 
ATOM   1160 C  "C2'" . U   A 1 55 ? 9.458   4.010   -20.602 1.00 213.61 ? 55  U   A "C2'" 1 
ATOM   1161 O  "O2'" . U   A 1 55 ? 9.721   3.086   -19.571 1.00 213.68 ? 55  U   A "O2'" 1 
ATOM   1162 C  "C1'" . U   A 1 55 ? 9.208   3.288   -21.925 1.00 213.93 ? 55  U   A "C1'" 1 
ATOM   1163 N  N1    . U   A 1 55 ? 9.727   4.052   -23.062 1.00 214.44 ? 55  U   A N1    1 
ATOM   1164 C  C2    . U   A 1 55 ? 11.097  4.218   -23.134 1.00 214.65 ? 55  U   A C2    1 
ATOM   1165 O  O2    . U   A 1 55 ? 11.862  3.779   -22.292 1.00 214.08 ? 55  U   A O2    1 
ATOM   1166 N  N3    . U   A 1 55 ? 11.538  4.927   -24.212 1.00 215.06 ? 55  U   A N3    1 
ATOM   1167 C  C4    . U   A 1 55 ? 10.767  5.493   -25.196 1.00 215.54 ? 55  U   A C4    1 
ATOM   1168 O  O4    . U   A 1 55 ? 11.311  6.169   -26.062 1.00 215.95 ? 55  U   A O4    1 
ATOM   1169 C  C5    . U   A 1 55 ? 9.359   5.288   -25.051 1.00 215.16 ? 55  U   A C5    1 
ATOM   1170 C  C6    . U   A 1 55 ? 8.900   4.588   -24.011 1.00 214.60 ? 55  U   A C6    1 
ATOM   1171 P  P     . U   A 1 56 ? 8.941   6.283   -18.435 1.00 212.30 ? 56  U   A P     1 
ATOM   1172 O  OP1   . U   A 1 56 ? 9.107   6.027   -16.991 1.00 212.40 ? 56  U   A OP1   1 
ATOM   1173 O  OP2   . U   A 1 56 ? 8.574   7.643   -18.892 1.00 212.28 ? 56  U   A OP2   1 
ATOM   1174 O  "O5'" . U   A 1 56 ? 10.327  5.904   -19.101 1.00 211.76 ? 56  U   A "O5'" 1 
ATOM   1175 C  "C5'" . U   A 1 56 ? 11.193  4.993   -18.480 1.00 211.33 ? 56  U   A "C5'" 1 
ATOM   1176 C  "C4'" . U   A 1 56 ? 12.560  5.527   -18.553 1.00 212.60 ? 56  U   A "C4'" 1 
ATOM   1177 O  "O4'" . U   A 1 56 ? 13.030  5.406   -19.912 1.00 213.30 ? 56  U   A "O4'" 1 
ATOM   1178 C  "C3'" . U   A 1 56 ? 12.567  7.021   -18.313 1.00 213.44 ? 56  U   A "C3'" 1 
ATOM   1179 O  "O3'" . U   A 1 56 ? 12.425  7.279   -16.919 1.00 213.40 ? 56  U   A "O3'" 1 
ATOM   1180 C  "C2'" . U   A 1 56 ? 13.894  7.404   -18.950 1.00 214.53 ? 56  U   A "C2'" 1 
ATOM   1181 O  "O2'" . U   A 1 56 ? 15.009  7.076   -18.137 1.00 214.62 ? 56  U   A "O2'" 1 
ATOM   1182 C  "C1'" . U   A 1 56 ? 13.881  6.511   -20.204 1.00 215.77 ? 56  U   A "C1'" 1 
ATOM   1183 N  N1    . U   A 1 56 ? 13.427  7.157   -21.457 1.00 217.73 ? 56  U   A N1    1 
ATOM   1184 C  C2    . U   A 1 56 ? 14.311  8.024   -22.107 1.00 218.74 ? 56  U   A C2    1 
ATOM   1185 O  O2    . U   A 1 56 ? 15.413  8.309   -21.664 1.00 220.06 ? 56  U   A O2    1 
ATOM   1186 N  N3    . U   A 1 56 ? 13.853  8.553   -23.289 1.00 218.34 ? 56  U   A N3    1 
ATOM   1187 C  C4    . U   A 1 56 ? 12.631  8.337   -23.872 1.00 217.94 ? 56  U   A C4    1 
ATOM   1188 O  O4    . U   A 1 56 ? 12.392  8.850   -24.957 1.00 217.90 ? 56  U   A O4    1 
ATOM   1189 C  C5    . U   A 1 56 ? 11.761  7.464   -23.142 1.00 218.02 ? 56  U   A C5    1 
ATOM   1190 C  C6    . U   A 1 56 ? 12.178  6.912   -21.991 1.00 218.16 ? 56  U   A C6    1 
ATOM   1191 P  P     . G   A 1 57 ? 12.371  8.794   -16.349 1.00 211.59 ? 57  G   A P     1 
ATOM   1192 O  OP1   . G   A 1 57 ? 13.757  9.341   -16.380 1.00 211.53 ? 57  G   A OP1   1 
ATOM   1193 O  OP2   . G   A 1 57 ? 11.631  8.743   -15.070 1.00 211.98 ? 57  G   A OP2   1 
ATOM   1194 O  "O5'" . G   A 1 57 ? 11.465  9.661   -17.326 1.00 211.93 ? 57  G   A "O5'" 1 
ATOM   1195 C  "C5'" . G   A 1 57 ? 11.614  11.086  -17.349 1.00 212.12 ? 57  G   A "C5'" 1 
ATOM   1196 C  "C4'" . G   A 1 57 ? 12.966  11.443  -17.930 1.00 214.24 ? 57  G   A "C4'" 1 
ATOM   1197 O  "O4'" . G   A 1 57 ? 13.300  10.484  -18.967 1.00 215.22 ? 57  G   A "O4'" 1 
ATOM   1198 C  "C3'" . G   A 1 57 ? 13.064  12.815  -18.575 1.00 216.52 ? 57  G   A "C3'" 1 
ATOM   1199 O  "O3'" . G   A 1 57 ? 13.614  13.764  -17.671 1.00 217.50 ? 57  G   A "O3'" 1 
ATOM   1200 C  "C2'" . G   A 1 57 ? 13.969  12.563  -19.777 1.00 214.09 ? 57  G   A "C2'" 1 
ATOM   1201 O  "O2'" . G   A 1 57 ? 15.335  12.489  -19.421 1.00 212.52 ? 57  G   A "O2'" 1 
ATOM   1202 C  "C1'" . G   A 1 57 ? 13.487  11.166  -20.208 1.00 212.47 ? 57  G   A "C1'" 1 
ATOM   1203 N  N9    . G   A 1 57 ? 12.202  11.044  -20.922 1.00 216.05 ? 57  G   A N9    1 
ATOM   1204 C  C8    . G   A 1 57 ? 11.141  10.282  -20.469 1.00 213.77 ? 57  G   A C8    1 
ATOM   1205 N  N7    . G   A 1 57 ? 10.115  10.303  -21.270 1.00 213.18 ? 57  G   A N7    1 
ATOM   1206 C  C5    . G   A 1 57 ? 10.493  11.129  -22.316 1.00 211.58 ? 57  G   A C5    1 
ATOM   1207 C  C6    . G   A 1 57 ? 9.782   11.546  -23.447 1.00 213.08 ? 57  G   A C6    1 
ATOM   1208 O  O6    . G   A 1 57 ? 8.597   11.254  -23.766 1.00 212.73 ? 57  G   A O6    1 
ATOM   1209 N  N1    . G   A 1 57 ? 10.546  12.394  -24.247 1.00 212.85 ? 57  G   A N1    1 
ATOM   1210 C  C2    . G   A 1 57 ? 11.827  12.795  -23.972 1.00 212.16 ? 57  G   A C2    1 
ATOM   1211 N  N2    . G   A 1 57 ? 12.387  13.616  -24.856 1.00 211.95 ? 57  G   A N2    1 
ATOM   1212 N  N3    . G   A 1 57 ? 12.497  12.418  -22.911 1.00 212.19 ? 57  G   A N3    1 
ATOM   1213 C  C4    . G   A 1 57 ? 11.783  11.599  -22.126 1.00 213.87 ? 57  G   A C4    1 
ATOM   1214 P  P     . U   A 1 58 ? 13.064  15.274  -17.688 1.00 207.74 ? 58  U   A P     1 
ATOM   1215 O  OP1   . U   A 1 58 ? 14.181  16.192  -17.340 1.00 207.34 ? 58  U   A OP1   1 
ATOM   1216 O  OP2   . U   A 1 58 ? 11.781  15.317  -16.918 1.00 207.58 ? 58  U   A OP2   1 
ATOM   1217 O  "O5'" . U   A 1 58 ? 12.735  15.530  -19.224 1.00 206.01 ? 58  U   A "O5'" 1 
ATOM   1218 C  "C5'" . U   A 1 58 ? 13.725  16.025  -20.129 1.00 200.91 ? 58  U   A "C5'" 1 
ATOM   1219 C  "C4'" . U   A 1 58 ? 13.053  16.468  -21.398 1.00 197.22 ? 58  U   A "C4'" 1 
ATOM   1220 O  "O4'" . U   A 1 58 ? 12.367  15.329  -21.975 1.00 195.59 ? 58  U   A "O4'" 1 
ATOM   1221 C  "C3'" . U   A 1 58 ? 11.941  17.464  -21.143 1.00 195.32 ? 58  U   A "C3'" 1 
ATOM   1222 O  "O3'" . U   A 1 58 ? 12.422  18.795  -21.172 1.00 194.32 ? 58  U   A "O3'" 1 
ATOM   1223 C  "C2'" . U   A 1 58 ? 10.989  17.243  -22.301 1.00 194.48 ? 58  U   A "C2'" 1 
ATOM   1224 O  "O2'" . U   A 1 58 ? 11.362  18.000  -23.421 1.00 194.64 ? 58  U   A "O2'" 1 
ATOM   1225 C  "C1'" . U   A 1 58 ? 11.180  15.764  -22.591 1.00 193.85 ? 58  U   A "C1'" 1 
ATOM   1226 N  N1    . U   A 1 58 ? 10.064  14.937  -22.134 1.00 192.83 ? 58  U   A N1    1 
ATOM   1227 C  C2    . U   A 1 58 ? 8.923   15.040  -22.854 1.00 193.16 ? 58  U   A C2    1 
ATOM   1228 O  O2    . U   A 1 58 ? 8.790   15.839  -23.739 1.00 194.03 ? 58  U   A O2    1 
ATOM   1229 N  N3    . U   A 1 58 ? 7.922   14.193  -22.488 1.00 193.18 ? 58  U   A N3    1 
ATOM   1230 C  C4    . U   A 1 58 ? 7.949   13.290  -21.469 1.00 192.69 ? 58  U   A C4    1 
ATOM   1231 O  O4    . U   A 1 58 ? 7.018   12.499  -21.346 1.00 192.64 ? 58  U   A O4    1 
ATOM   1232 C  C5    . U   A 1 58 ? 9.166   13.287  -20.713 1.00 192.51 ? 58  U   A C5    1 
ATOM   1233 C  C6    . U   A 1 58 ? 10.163  14.091  -21.074 1.00 192.28 ? 58  U   A C6    1 
ATOM   1234 P  P     . C   A 1 59 ? 11.479  19.964  -20.612 1.00 193.79 ? 59  C   A P     1 
ATOM   1235 O  OP1   . C   A 1 59 ? 12.156  20.632  -19.477 1.00 194.69 ? 59  C   A OP1   1 
ATOM   1236 O  OP2   . C   A 1 59 ? 10.134  19.355  -20.405 1.00 194.20 ? 59  C   A OP2   1 
ATOM   1237 O  "O5'" . C   A 1 59 ? 11.363  21.022  -21.792 1.00 191.34 ? 59  C   A "O5'" 1 
ATOM   1238 C  "C5'" . C   A 1 59 ? 10.218  21.853  -21.865 1.00 186.70 ? 59  C   A "C5'" 1 
ATOM   1239 C  "C4'" . C   A 1 59 ? 9.314   21.397  -22.980 1.00 183.32 ? 59  C   A "C4'" 1 
ATOM   1240 O  "O4'" . C   A 1 59 ? 9.241   19.953  -23.053 1.00 181.95 ? 59  C   A "O4'" 1 
ATOM   1241 C  "C3'" . C   A 1 59 ? 7.871   21.782  -22.795 1.00 181.94 ? 59  C   A "C3'" 1 
ATOM   1242 O  "O3'" . C   A 1 59 ? 7.719   23.147  -23.070 1.00 183.69 ? 59  C   A "O3'" 1 
ATOM   1243 C  "C2'" . C   A 1 59 ? 7.172   20.855  -23.767 1.00 180.06 ? 59  C   A "C2'" 1 
ATOM   1244 O  "O2'" . C   A 1 59 ? 7.398   21.272  -25.095 1.00 178.58 ? 59  C   A "O2'" 1 
ATOM   1245 C  "C1'" . C   A 1 59 ? 7.972   19.576  -23.551 1.00 179.20 ? 59  C   A "C1'" 1 
ATOM   1246 N  N1    . C   A 1 59 ? 7.402   18.562  -22.655 1.00 177.05 ? 59  C   A N1    1 
ATOM   1247 C  C2    . C   A 1 59 ? 6.093   18.162  -22.829 1.00 176.00 ? 59  C   A C2    1 
ATOM   1248 O  O2    . C   A 1 59 ? 5.384   18.768  -23.611 1.00 176.13 ? 59  C   A O2    1 
ATOM   1249 N  N3    . C   A 1 59 ? 5.621   17.129  -22.126 1.00 175.15 ? 59  C   A N3    1 
ATOM   1250 C  C4    . C   A 1 59 ? 6.402   16.507  -21.262 1.00 174.90 ? 59  C   A C4    1 
ATOM   1251 N  N4    . C   A 1 59 ? 5.914   15.428  -20.667 1.00 174.50 ? 59  C   A N4    1 
ATOM   1252 C  C5    . C   A 1 59 ? 7.720   16.950  -20.989 1.00 174.90 ? 59  C   A C5    1 
ATOM   1253 C  C6    . C   A 1 59 ? 8.176   17.974  -21.705 1.00 175.78 ? 59  C   A C6    1 
ATOM   1254 P  P     . A   A 1 60 ? 7.192   24.093  -21.906 1.00 185.70 ? 60  A   A P     1 
ATOM   1255 O  OP1   . A   A 1 60 ? 7.673   25.473  -22.128 1.00 185.22 ? 60  A   A OP1   1 
ATOM   1256 O  OP2   . A   A 1 60 ? 7.554   23.386  -20.656 1.00 186.30 ? 60  A   A OP2   1 
ATOM   1257 O  "O5'" . A   A 1 60 ? 5.615   24.028  -22.096 1.00 185.80 ? 60  A   A "O5'" 1 
ATOM   1258 C  "C5'" . A   A 1 60 ? 5.056   24.251  -23.374 1.00 186.50 ? 60  A   A "C5'" 1 
ATOM   1259 C  "C4'" . A   A 1 60 ? 3.904   23.321  -23.631 1.00 187.00 ? 60  A   A "C4'" 1 
ATOM   1260 O  "O4'" . A   A 1 60 ? 4.317   21.942  -23.442 1.00 187.10 ? 60  A   A "O4'" 1 
ATOM   1261 C  "C3'" . A   A 1 60 ? 2.736   23.386  -22.675 1.00 188.02 ? 60  A   A "C3'" 1 
ATOM   1262 O  "O3'" . A   A 1 60 ? 1.963   24.550  -22.853 1.00 190.59 ? 60  A   A "O3'" 1 
ATOM   1263 C  "C2'" . A   A 1 60 ? 1.988   22.124  -23.066 1.00 187.72 ? 60  A   A "C2'" 1 
ATOM   1264 O  "O2'" . A   A 1 60 ? 1.333   22.251  -24.313 1.00 186.14 ? 60  A   A "O2'" 1 
ATOM   1265 C  "C1'" . A   A 1 60 ? 3.157   21.147  -23.206 1.00 187.73 ? 60  A   A "C1'" 1 
ATOM   1266 N  N9    . A   A 1 60 ? 3.341   20.321  -22.009 1.00 187.95 ? 60  A   A N9    1 
ATOM   1267 C  C8    . A   A 1 60 ? 4.365   20.250  -21.097 1.00 186.75 ? 60  A   A C8    1 
ATOM   1268 N  N7    . A   A 1 60 ? 4.165   19.366  -20.154 1.00 186.54 ? 60  A   A N7    1 
ATOM   1269 C  C5    . A   A 1 60 ? 2.925   18.818  -20.464 1.00 187.37 ? 60  A   A C5    1 
ATOM   1270 C  C6    . A   A 1 60 ? 2.131   17.817  -19.851 1.00 187.61 ? 60  A   A C6    1 
ATOM   1271 N  N6    . A   A 1 60 ? 2.477   17.152  -18.759 1.00 187.81 ? 60  A   A N6    1 
ATOM   1272 N  N1    . A   A 1 60 ? 0.943   17.515  -20.416 1.00 187.81 ? 60  A   A N1    1 
ATOM   1273 C  C2    . A   A 1 60 ? 0.579   18.170  -21.515 1.00 188.60 ? 60  A   A C2    1 
ATOM   1274 N  N3    . A   A 1 60 ? 1.230   19.120  -22.182 1.00 188.95 ? 60  A   A N3    1 
ATOM   1275 C  C4    . A   A 1 60 ? 2.409   19.399  -21.595 1.00 188.20 ? 60  A   A C4    1 
ATOM   1276 P  P     . A   A 1 61 ? 1.443   25.348  -21.557 1.00 191.44 ? 61  A   A P     1 
ATOM   1277 O  OP1   . A   A 1 61 ? 1.274   26.763  -21.959 1.00 192.36 ? 61  A   A OP1   1 
ATOM   1278 O  OP2   . A   A 1 61 ? 2.335   25.018  -20.422 1.00 191.66 ? 61  A   A OP2   1 
ATOM   1279 O  "O5'" . A   A 1 61 ? 0.001   24.725  -21.282 1.00 191.42 ? 61  A   A "O5'" 1 
ATOM   1280 C  "C5'" . A   A 1 61 ? -1.050  24.907  -22.227 1.00 190.86 ? 61  A   A "C5'" 1 
ATOM   1281 C  "C4'" . A   A 1 61 ? -2.221  24.025  -21.887 1.00 190.71 ? 61  A   A "C4'" 1 
ATOM   1282 O  "O4'" . A   A 1 61 ? -1.844  22.627  -22.040 1.00 189.92 ? 61  A   A "O4'" 1 
ATOM   1283 C  "C3'" . A   A 1 61 ? -2.714  24.112  -20.456 1.00 190.56 ? 61  A   A "C3'" 1 
ATOM   1284 O  "O3'" . A   A 1 61 ? -3.512  25.264  -20.222 1.00 191.12 ? 61  A   A "O3'" 1 
ATOM   1285 C  "C2'" . A   A 1 61 ? -3.440  22.777  -20.308 1.00 189.98 ? 61  A   A "C2'" 1 
ATOM   1286 O  "O2'" . A   A 1 61 ? -4.720  22.712  -20.916 1.00 189.80 ? 61  A   A "O2'" 1 
ATOM   1287 C  "C1'" . A   A 1 61 ? -2.459  21.849  -21.026 1.00 189.09 ? 61  A   A "C1'" 1 
ATOM   1288 N  N9    . A   A 1 61 ? -1.410  21.407  -20.111 1.00 187.51 ? 61  A   A N9    1 
ATOM   1289 C  C8    . A   A 1 61 ? -0.159  21.954  -19.932 1.00 186.72 ? 61  A   A C8    1 
ATOM   1290 N  N7    . A   A 1 61 ? 0.546   21.365  -19.001 1.00 186.06 ? 61  A   A N7    1 
ATOM   1291 C  C5    . A   A 1 61 ? -0.292  20.357  -18.542 1.00 187.33 ? 61  A   A C5    1 
ATOM   1292 C  C6    . A   A 1 61 ? -0.130  19.386  -17.554 1.00 187.57 ? 61  A   A C6    1 
ATOM   1293 N  N6    . A   A 1 61 ? 0.970   19.279  -16.808 1.00 188.94 ? 61  A   A N6    1 
ATOM   1294 N  N1    . A   A 1 61 ? -1.150  18.522  -17.347 1.00 187.30 ? 61  A   A N1    1 
ATOM   1295 C  C2    . A   A 1 61 ? -2.259  18.653  -18.087 1.00 186.61 ? 61  A   A C2    1 
ATOM   1296 N  N3    . A   A 1 61 ? -2.531  19.527  -19.045 1.00 186.60 ? 61  A   A N3    1 
ATOM   1297 C  C4    . A   A 1 61 ? -1.493  20.362  -19.224 1.00 187.17 ? 61  A   A C4    1 
ATOM   1298 P  P     . U   A 1 62 ? -3.366  26.063  -18.832 1.00 188.58 ? 62  U   A P     1 
ATOM   1299 O  OP1   . U   A 1 62 ? -4.056  27.352  -19.015 1.00 188.69 ? 62  U   A OP1   1 
ATOM   1300 O  OP2   . U   A 1 62 ? -1.953  26.053  -18.397 1.00 187.95 ? 62  U   A OP2   1 
ATOM   1301 O  "O5'" . U   A 1 62 ? -4.231  25.189  -17.820 1.00 190.30 ? 62  U   A "O5'" 1 
ATOM   1302 C  "C5'" . U   A 1 62 ? -5.541  24.736  -18.185 1.00 192.01 ? 62  U   A "C5'" 1 
ATOM   1303 C  "C4'" . U   A 1 62 ? -5.957  23.552  -17.329 1.00 193.55 ? 62  U   A "C4'" 1 
ATOM   1304 O  "O4'" . U   A 1 62 ? -5.079  22.420  -17.592 1.00 193.97 ? 62  U   A "O4'" 1 
ATOM   1305 C  "C3'" . U   A 1 62 ? -5.858  23.696  -15.813 1.00 193.40 ? 62  U   A "C3'" 1 
ATOM   1306 O  "O3'" . U   A 1 62 ? -6.900  24.466  -15.203 1.00 193.84 ? 62  U   A "O3'" 1 
ATOM   1307 C  "C2'" . U   A 1 62 ? -5.889  22.234  -15.383 1.00 194.73 ? 62  U   A "C2'" 1 
ATOM   1308 O  "O2'" . U   A 1 62 ? -7.158  21.625  -15.512 1.00 194.62 ? 62  U   A "O2'" 1 
ATOM   1309 C  "C1'" . U   A 1 62 ? -4.931  21.629  -16.410 1.00 194.01 ? 62  U   A "C1'" 1 
ATOM   1310 N  N1    . U   A 1 62 ? -3.535  21.719  -15.943 1.00 192.77 ? 62  U   A N1    1 
ATOM   1311 C  C2    . U   A 1 62 ? -3.112  20.746  -15.050 1.00 193.23 ? 62  U   A C2    1 
ATOM   1312 O  O2    . U   A 1 62 ? -3.868  19.842  -14.649 1.00 193.21 ? 62  U   A O2    1 
ATOM   1313 N  N3    . U   A 1 62 ? -1.803  20.858  -14.641 1.00 192.30 ? 62  U   A N3    1 
ATOM   1314 C  C4    . U   A 1 62 ? -0.880  21.846  -15.072 1.00 191.22 ? 62  U   A C4    1 
ATOM   1315 O  O4    . U   A 1 62 ? 0.310   21.756  -14.770 1.00 190.53 ? 62  U   A O4    1 
ATOM   1316 C  C5    . U   A 1 62 ? -1.418  22.810  -15.974 1.00 191.72 ? 62  U   A C5    1 
ATOM   1317 C  C6    . U   A 1 62 ? -2.682  22.719  -16.362 1.00 193.21 ? 62  U   A C6    1 
ATOM   1318 P  P     . C   A 1 63 ? -6.660  25.129  -13.743 1.00 205.01 ? 63  C   A P     1 
ATOM   1319 O  OP1   . C   A 1 63 ? -7.625  26.240  -13.600 1.00 205.33 ? 63  C   A OP1   1 
ATOM   1320 O  OP2   . C   A 1 63 ? -5.200  25.401  -13.548 1.00 204.30 ? 63  C   A OP2   1 
ATOM   1321 O  "O5'" . C   A 1 63 ? -7.126  23.973  -12.744 1.00 207.18 ? 63  C   A "O5'" 1 
ATOM   1322 C  "C5'" . C   A 1 63 ? -8.450  23.418  -12.807 1.00 209.81 ? 63  C   A "C5'" 1 
ATOM   1323 C  "C4'" . C   A 1 63 ? -8.664  22.412  -11.688 1.00 212.37 ? 63  C   A "C4'" 1 
ATOM   1324 O  "O4'" . C   A 1 63 ? -7.873  21.206  -11.935 1.00 212.06 ? 63  C   A "O4'" 1 
ATOM   1325 C  "C3'" . C   A 1 63 ? -8.210  22.845  -10.303 1.00 214.60 ? 63  C   A "C3'" 1 
ATOM   1326 O  "O3'" . C   A 1 63 ? -9.093  23.742  -9.630  1.00 217.96 ? 63  C   A "O3'" 1 
ATOM   1327 C  "C2'" . C   A 1 63 ? -8.072  21.501  -9.603  1.00 213.68 ? 63  C   A "C2'" 1 
ATOM   1328 O  "O2'" . C   A 1 63 ? -9.335  20.961  -9.244  1.00 213.41 ? 63  C   A "O2'" 1 
ATOM   1329 C  "C1'" . C   A 1 63 ? -7.389  20.675  -10.699 1.00 211.53 ? 63  C   A "C1'" 1 
ATOM   1330 N  N1    . C   A 1 63 ? -5.910  20.827  -10.676 1.00 209.21 ? 63  C   A N1    1 
ATOM   1331 C  C2    . C   A 1 63 ? -5.136  19.994  -9.863  1.00 208.27 ? 63  C   A C2    1 
ATOM   1332 O  O2    . C   A 1 63 ? -5.682  19.106  -9.208  1.00 208.64 ? 63  C   A O2    1 
ATOM   1333 N  N3    . C   A 1 63 ? -3.801  20.174  -9.819  1.00 207.55 ? 63  C   A N3    1 
ATOM   1334 C  C4    . C   A 1 63 ? -3.236  21.126  -10.544 1.00 206.85 ? 63  C   A C4    1 
ATOM   1335 N  N4    . C   A 1 63 ? -1.926  21.266  -10.462 1.00 206.97 ? 63  C   A N4    1 
ATOM   1336 C  C5    . C   A 1 63 ? -3.985  21.972  -11.387 1.00 207.32 ? 63  C   A C5    1 
ATOM   1337 C  C6    . C   A 1 63 ? -5.308  21.791  -11.425 1.00 208.47 ? 63  C   A C6    1 
ATOM   1338 P  P     . G   A 1 64 ? -8.506  24.726  -8.484  1.00 219.94 ? 64  G   A P     1 
ATOM   1339 O  OP1   . G   A 1 64 ? -9.640  25.552  -8.019  1.00 220.61 ? 64  G   A OP1   1 
ATOM   1340 O  OP2   . G   A 1 64 ? -7.252  25.404  -8.940  1.00 219.61 ? 64  G   A OP2   1 
ATOM   1341 O  "O5'" . G   A 1 64 ? -8.134  23.739  -7.284  1.00 221.51 ? 64  G   A "O5'" 1 
ATOM   1342 C  "C5'" . G   A 1 64 ? -9.149  23.034  -6.558  1.00 222.10 ? 64  G   A "C5'" 1 
ATOM   1343 C  "C4'" . G   A 1 64 ? -8.542  22.306  -5.380  1.00 222.54 ? 64  G   A "C4'" 1 
ATOM   1344 O  "O4'" . G   A 1 64 ? -7.618  21.297  -5.884  1.00 222.17 ? 64  G   A "O4'" 1 
ATOM   1345 C  "C3'" . G   A 1 64 ? -7.688  23.152  -4.439  1.00 223.24 ? 64  G   A "C3'" 1 
ATOM   1346 O  "O3'" . G   A 1 64 ? -8.467  23.877  -3.468  1.00 224.10 ? 64  G   A "O3'" 1 
ATOM   1347 C  "C2'" . G   A 1 64 ? -6.802  22.085  -3.807  1.00 222.96 ? 64  G   A "C2'" 1 
ATOM   1348 O  "O2'" . G   A 1 64 ? -7.490  21.333  -2.829  1.00 222.94 ? 64  G   A "O2'" 1 
ATOM   1349 C  "C1'" . G   A 1 64 ? -6.502  21.188  -5.014  1.00 222.37 ? 64  G   A "C1'" 1 
ATOM   1350 N  N9    . G   A 1 64 ? -5.289  21.603  -5.725  1.00 221.54 ? 64  G   A N9    1 
ATOM   1351 C  C8    . G   A 1 64 ? -5.185  22.341  -6.883  1.00 221.23 ? 64  G   A C8    1 
ATOM   1352 N  N7    . G   A 1 64 ? -3.947  22.593  -7.220  1.00 220.41 ? 64  G   A N7    1 
ATOM   1353 C  C5    . G   A 1 64 ? -3.191  21.980  -6.234  1.00 220.38 ? 64  G   A C5    1 
ATOM   1354 C  C6    . G   A 1 64 ? -1.791  21.925  -6.047  1.00 219.63 ? 64  G   A C6    1 
ATOM   1355 O  O6    . G   A 1 64 ? -0.907  22.430  -6.725  1.00 218.71 ? 64  G   A O6    1 
ATOM   1356 N  N1    . G   A 1 64 ? -1.455  21.191  -4.924  1.00 219.86 ? 64  G   A N1    1 
ATOM   1357 C  C2    . G   A 1 64 ? -2.354  20.592  -4.077  1.00 221.01 ? 64  G   A C2    1 
ATOM   1358 N  N2    . G   A 1 64 ? -1.849  19.923  -3.044  1.00 222.03 ? 64  G   A N2    1 
ATOM   1359 N  N3    . G   A 1 64 ? -3.657  20.643  -4.232  1.00 221.21 ? 64  G   A N3    1 
ATOM   1360 C  C4    . G   A 1 64 ? -4.004  21.348  -5.319  1.00 221.07 ? 64  G   A C4    1 
ATOM   1361 P  P     . C   A 1 65 ? -7.875  25.229  -2.796  1.00 224.29 ? 65  C   A P     1 
ATOM   1362 O  OP1   . C   A 1 65 ? -8.973  25.876  -2.042  1.00 223.80 ? 65  C   A OP1   1 
ATOM   1363 O  OP2   . C   A 1 65 ? -7.154  26.009  -3.831  1.00 224.17 ? 65  C   A OP2   1 
ATOM   1364 O  "O5'" . C   A 1 65 ? -6.796  24.693  -1.748  1.00 225.86 ? 65  C   A "O5'" 1 
ATOM   1365 C  "C5'" . C   A 1 65 ? -7.184  23.831  -0.675  1.00 228.71 ? 65  C   A "C5'" 1 
ATOM   1366 C  "C4'" . C   A 1 65 ? -5.968  23.284  0.062   1.00 230.58 ? 65  C   A "C4'" 1 
ATOM   1367 O  "O4'" . C   A 1 65 ? -5.209  22.394  -0.800  1.00 230.83 ? 65  C   A "O4'" 1 
ATOM   1368 C  "C3'" . C   A 1 65 ? -4.943  24.298  0.541   1.00 231.77 ? 65  C   A "C3'" 1 
ATOM   1369 O  "O3'" . C   A 1 65 ? -5.326  24.904  1.760   1.00 234.21 ? 65  C   A "O3'" 1 
ATOM   1370 C  "C2'" . C   A 1 65 ? -3.690  23.449  0.685   1.00 231.21 ? 65  C   A "C2'" 1 
ATOM   1371 O  "O2'" . C   A 1 65 ? -3.627  22.676  1.866   1.00 229.61 ? 65  C   A "O2'" 1 
ATOM   1372 C  "C1'" . C   A 1 65 ? -3.823  22.540  -0.532  1.00 231.04 ? 65  C   A "C1'" 1 
ATOM   1373 N  N1    . C   A 1 65 ? -3.193  23.144  -1.714  1.00 231.27 ? 65  C   A N1    1 
ATOM   1374 C  C2    . C   A 1 65 ? -1.811  23.195  -1.764  1.00 231.06 ? 65  C   A C2    1 
ATOM   1375 O  O2    . C   A 1 65 ? -1.166  22.785  -0.787  1.00 231.46 ? 65  C   A O2    1 
ATOM   1376 N  N3    . C   A 1 65 ? -1.213  23.702  -2.864  1.00 230.37 ? 65  C   A N3    1 
ATOM   1377 C  C4    . C   A 1 65 ? -1.947  24.148  -3.876  1.00 230.01 ? 65  C   A C4    1 
ATOM   1378 N  N4    . C   A 1 65 ? -1.313  24.594  -4.946  1.00 229.66 ? 65  C   A N4    1 
ATOM   1379 C  C5    . C   A 1 65 ? -3.363  24.144  -3.835  1.00 230.40 ? 65  C   A C5    1 
ATOM   1380 C  C6    . C   A 1 65 ? -3.944  23.630  -2.744  1.00 230.99 ? 65  C   A C6    1 
ATOM   1381 P  P     . C   A 1 66 ? -4.982  26.451  2.008   1.00 235.61 ? 66  C   A P     1 
ATOM   1382 O  OP1   . C   A 1 66 ? -5.723  26.879  3.223   1.00 235.91 ? 66  C   A OP1   1 
ATOM   1383 O  OP2   . C   A 1 66 ? -5.203  27.171  0.732   1.00 235.74 ? 66  C   A OP2   1 
ATOM   1384 O  "O5'" . C   A 1 66 ? -3.421  26.442  2.338   1.00 235.74 ? 66  C   A "O5'" 1 
ATOM   1385 C  "C5'" . C   A 1 66 ? -2.941  25.919  3.572   1.00 235.66 ? 66  C   A "C5'" 1 
ATOM   1386 C  "C4'" . C   A 1 66 ? -1.452  26.116  3.685   1.00 235.66 ? 66  C   A "C4'" 1 
ATOM   1387 O  "O4'" . C   A 1 66 ? -0.789  25.293  2.693   1.00 236.12 ? 66  C   A "O4'" 1 
ATOM   1388 C  "C3'" . C   A 1 66 ? -0.944  27.519  3.401   1.00 235.23 ? 66  C   A "C3'" 1 
ATOM   1389 O  "O3'" . C   A 1 66 ? -1.101  28.476  4.448   1.00 234.01 ? 66  C   A "O3'" 1 
ATOM   1390 C  "C2'" . C   A 1 66 ? 0.506   27.252  3.044   1.00 235.68 ? 66  C   A "C2'" 1 
ATOM   1391 O  "O2'" . C   A 1 66 ? 1.298   27.030  4.192   1.00 234.70 ? 66  C   A "O2'" 1 
ATOM   1392 C  "C1'" . C   A 1 66 ? 0.373   25.961  2.230   1.00 237.21 ? 66  C   A "C1'" 1 
ATOM   1393 N  N1    . C   A 1 66 ? 0.226   26.184  0.768   1.00 239.19 ? 66  C   A N1    1 
ATOM   1394 C  C2    . C   A 1 66 ? 1.385   26.452  0.003   1.00 239.93 ? 66  C   A C2    1 
ATOM   1395 O  O2    . C   A 1 66 ? 2.494   26.462  0.575   1.00 240.59 ? 66  C   A O2    1 
ATOM   1396 N  N3    . C   A 1 66 ? 1.261   26.679  -1.337  1.00 239.69 ? 66  C   A N3    1 
ATOM   1397 C  C4    . C   A 1 66 ? 0.050   26.643  -1.909  1.00 239.31 ? 66  C   A C4    1 
ATOM   1398 N  N4    . C   A 1 66 ? -0.028  26.876  -3.217  1.00 238.54 ? 66  C   A N4    1 
ATOM   1399 C  C5    . C   A 1 66 ? -1.137  26.364  -1.160  1.00 239.49 ? 66  C   A C5    1 
ATOM   1400 C  C6    . C   A 1 66 ? -1.004  26.146  0.164   1.00 239.73 ? 66  C   A C6    1 
HETATM 1401 MG MG    . MG  B 2 .  ? 6.862   31.616  -9.855  1.00 161.05 ? 200 MG  A MG    1 
HETATM 1402 MG MG    . MG  C 2 .  ? -8.773  -19.374 13.004  1.00 93.90  ? 201 MG  A MG    1 
HETATM 1403 MG MG    . MG  D 2 .  ? -3.603  -30.704 9.954   1.00 140.81 ? 202 MG  A MG    1 
HETATM 1404 MG MG    . MG  E 2 .  ? 13.270  -18.530 5.966   1.00 261.37 ? 203 MG  A MG    1 
HETATM 1405 MG MG    . MG  F 2 .  ? 9.271   7.808   2.150   1.00 161.27 ? 204 MG  A MG    1 
HETATM 1406 MG MG    . MG  G 2 .  ? 8.919   31.136  -10.803 1.00 169.68 ? 205 MG  A MG    1 
HETATM 1407 MG MG    . MG  H 2 .  ? 1.788   -9.165  1.130   1.00 124.47 ? 206 MG  A MG    1 
HETATM 1408 MG MG    . MG  I 2 .  ? 4.306   -26.004 20.526  1.00 137.66 ? 207 MG  A MG    1 
HETATM 1409 MG MG    . MG  J 2 .  ? 1.780   -32.591 23.102  1.00 102.89 ? 208 MG  A MG    1 
HETATM 1410 O  O     . HOH K 3 .  ? -20.923 -42.996 39.934  1.00 196.60 ? 67  HOH A O     1 
HETATM 1411 O  O     . HOH K 3 .  ? -22.143 -42.424 38.402  1.00 196.60 ? 68  HOH A O     1 
HETATM 1412 O  O     . HOH K 3 .  ? -17.574 -45.444 42.889  1.00 196.60 ? 69  HOH A O     1 
# 
